data_7T2F
#
_entry.id   7T2F
#
_entity_poly.entity_id   1
_entity_poly.type   'polypeptide(L)'
_entity_poly.pdbx_seq_one_letter_code
;SGLVPRGSHMDLEELEEDLKQALREGRKVNILGIEVTTEEQARRLIEFLRRFI
;
_entity_poly.pdbx_strand_id   A,B
#
# COMPACT_ATOMS: atom_id res chain seq x y z
N SER A 1 13.67 -17.02 13.32
CA SER A 1 12.31 -17.46 12.97
C SER A 1 11.39 -16.25 12.69
N GLY A 2 11.22 -15.92 11.39
CA GLY A 2 10.34 -14.83 10.94
C GLY A 2 8.90 -15.31 10.75
N LEU A 3 8.27 -15.69 11.86
CA LEU A 3 6.90 -16.26 11.90
C LEU A 3 5.82 -15.25 11.43
N VAL A 4 6.16 -13.96 11.50
CA VAL A 4 5.26 -12.84 11.16
C VAL A 4 6.05 -11.78 10.34
N PRO A 5 5.44 -11.20 9.23
CA PRO A 5 6.10 -10.19 8.34
C PRO A 5 6.77 -9.03 9.10
N ARG A 6 8.12 -9.13 9.21
CA ARG A 6 9.00 -8.10 9.80
C ARG A 6 8.61 -7.80 11.28
N GLY A 7 8.11 -8.83 11.98
CA GLY A 7 7.68 -8.71 13.38
C GLY A 7 6.37 -7.95 13.50
N SER A 8 6.45 -6.61 13.46
CA SER A 8 5.29 -5.72 13.58
C SER A 8 5.66 -4.29 13.13
N HIS A 9 6.66 -4.17 12.22
CA HIS A 9 7.13 -2.88 11.68
C HIS A 9 7.45 -3.00 10.19
N MET A 10 7.73 -1.85 9.55
CA MET A 10 8.11 -1.78 8.13
C MET A 10 8.85 -0.45 7.89
N ASP A 11 10.19 -0.53 7.83
CA ASP A 11 11.09 0.62 7.56
C ASP A 11 11.18 0.84 6.02
N LEU A 12 11.73 2.00 5.58
CA LEU A 12 11.74 2.40 4.15
C LEU A 12 12.77 1.56 3.34
N GLU A 13 14.04 1.51 3.84
CA GLU A 13 15.10 0.69 3.21
C GLU A 13 14.75 -0.81 3.35
N GLU A 14 14.15 -1.15 4.50
CA GLU A 14 13.66 -2.50 4.80
C GLU A 14 12.54 -2.90 3.83
N LEU A 15 11.69 -1.92 3.48
CA LEU A 15 10.56 -2.13 2.54
C LEU A 15 11.10 -2.52 1.16
N GLU A 16 12.17 -1.84 0.72
CA GLU A 16 12.79 -2.08 -0.60
C GLU A 16 13.35 -3.51 -0.71
N GLU A 17 14.16 -3.92 0.28
CA GLU A 17 14.74 -5.29 0.31
C GLU A 17 13.66 -6.36 0.53
N ASP A 18 12.56 -5.97 1.20
CA ASP A 18 11.41 -6.86 1.51
C ASP A 18 10.55 -7.11 0.27
N LEU A 19 10.33 -6.05 -0.55
CA LEU A 19 9.51 -6.15 -1.78
C LEU A 19 10.30 -6.84 -2.90
N LYS A 20 11.63 -6.62 -2.92
CA LYS A 20 12.55 -7.34 -3.82
C LYS A 20 12.55 -8.83 -3.47
N GLN A 21 12.62 -9.12 -2.14
CA GLN A 21 12.59 -10.49 -1.58
C GLN A 21 11.32 -11.23 -2.05
N ALA A 22 10.18 -10.50 -1.98
CA ALA A 22 8.85 -10.99 -2.39
C ALA A 22 8.86 -11.42 -3.86
N LEU A 23 9.34 -10.52 -4.73
CA LEU A 23 9.39 -10.75 -6.19
C LEU A 23 10.34 -11.90 -6.56
N ARG A 24 11.42 -12.06 -5.77
CA ARG A 24 12.47 -13.08 -6.01
C ARG A 24 12.05 -14.47 -5.48
N GLU A 25 11.04 -14.53 -4.57
CA GLU A 25 10.51 -15.81 -4.04
C GLU A 25 9.15 -16.16 -4.68
N GLY A 26 8.59 -15.24 -5.49
CA GLY A 26 7.33 -15.48 -6.21
C GLY A 26 6.11 -14.92 -5.47
N ARG A 27 6.14 -13.61 -5.21
CA ARG A 27 5.03 -12.85 -4.57
C ARG A 27 4.88 -11.50 -5.28
N LYS A 28 3.85 -10.74 -4.88
CA LYS A 28 3.63 -9.37 -5.36
C LYS A 28 3.49 -8.42 -4.18
N VAL A 29 3.58 -7.12 -4.46
CA VAL A 29 3.46 -6.06 -3.45
C VAL A 29 2.09 -5.40 -3.63
N ASN A 30 1.16 -5.70 -2.72
CA ASN A 30 -0.20 -5.12 -2.74
C ASN A 30 -0.23 -3.85 -1.86
N ILE A 31 -0.03 -2.70 -2.51
CA ILE A 31 -0.04 -1.37 -1.88
C ILE A 31 -1.26 -0.57 -2.35
N LEU A 32 -1.35 0.69 -1.88
CA LEU A 32 -2.43 1.64 -2.23
C LEU A 32 -2.67 1.73 -3.77
N GLY A 33 -3.77 1.09 -4.21
CA GLY A 33 -4.24 1.14 -5.61
C GLY A 33 -3.24 0.64 -6.66
N ILE A 34 -2.20 -0.10 -6.22
CA ILE A 34 -1.10 -0.58 -7.08
C ILE A 34 -0.69 -2.01 -6.65
N GLU A 35 -0.33 -2.85 -7.64
CA GLU A 35 0.23 -4.20 -7.40
C GLU A 35 1.51 -4.37 -8.23
N VAL A 36 2.64 -4.53 -7.53
CA VAL A 36 3.95 -4.73 -8.14
C VAL A 36 4.23 -6.23 -8.31
N THR A 37 4.20 -6.71 -9.57
CA THR A 37 4.51 -8.12 -9.90
C THR A 37 5.88 -8.25 -10.60
N THR A 38 6.51 -7.10 -10.95
CA THR A 38 7.85 -7.07 -11.57
C THR A 38 8.73 -6.05 -10.83
N GLU A 39 10.06 -6.24 -10.91
CA GLU A 39 11.04 -5.34 -10.29
C GLU A 39 11.12 -3.99 -11.06
N GLU A 40 10.58 -3.97 -12.29
CA GLU A 40 10.30 -2.74 -13.05
C GLU A 40 9.32 -1.85 -12.25
N GLN A 41 8.19 -2.48 -11.83
CA GLN A 41 7.16 -1.81 -11.03
C GLN A 41 7.67 -1.50 -9.61
N ALA A 42 8.69 -2.26 -9.14
CA ALA A 42 9.26 -2.10 -7.79
C ALA A 42 10.08 -0.81 -7.65
N ARG A 43 10.94 -0.54 -8.66
CA ARG A 43 11.74 0.71 -8.70
C ARG A 43 10.82 1.92 -8.90
N ARG A 44 9.73 1.72 -9.69
CA ARG A 44 8.64 2.70 -9.85
C ARG A 44 7.94 2.97 -8.50
N LEU A 45 7.71 1.90 -7.73
CA LEU A 45 6.92 1.96 -6.48
C LEU A 45 7.71 2.67 -5.37
N ILE A 46 9.01 2.36 -5.26
CA ILE A 46 9.90 2.97 -4.26
C ILE A 46 10.02 4.48 -4.49
N GLU A 47 10.30 4.88 -5.75
CA GLU A 47 10.45 6.29 -6.09
C GLU A 47 9.11 7.04 -6.00
N PHE A 48 7.99 6.29 -6.18
CA PHE A 48 6.61 6.81 -6.08
C PHE A 48 6.28 7.21 -4.63
N LEU A 49 6.49 6.28 -3.69
CA LEU A 49 6.04 6.46 -2.28
C LEU A 49 6.88 7.52 -1.56
N ARG A 50 8.18 7.62 -1.93
CA ARG A 50 9.11 8.60 -1.34
C ARG A 50 8.90 10.02 -1.95
N ARG A 51 8.09 10.05 -3.01
CA ARG A 51 7.70 11.29 -3.73
C ARG A 51 6.25 11.67 -3.39
N PHE A 52 5.47 10.66 -2.95
CA PHE A 52 4.03 10.78 -2.67
C PHE A 52 3.80 11.75 -1.49
N ILE A 53 3.49 13.01 -1.85
CA ILE A 53 3.21 14.11 -0.89
C ILE A 53 4.37 14.33 0.10
N SER B 1 -26.85 -1.40 -6.38
CA SER B 1 -27.77 -0.66 -7.24
C SER B 1 -27.08 0.55 -7.92
N GLY B 2 -25.85 0.86 -7.48
CA GLY B 2 -25.11 2.00 -8.00
C GLY B 2 -23.61 1.83 -7.80
N LEU B 3 -22.92 1.34 -8.84
CA LEU B 3 -21.46 1.21 -8.84
C LEU B 3 -20.81 2.59 -8.98
N VAL B 4 -19.83 2.90 -8.11
CA VAL B 4 -18.99 4.10 -8.27
C VAL B 4 -18.04 3.88 -9.48
N PRO B 5 -18.12 4.75 -10.54
CA PRO B 5 -17.29 4.61 -11.76
C PRO B 5 -15.89 5.26 -11.62
N ARG B 6 -15.27 5.07 -10.42
CA ARG B 6 -13.91 5.58 -10.07
C ARG B 6 -13.90 7.13 -9.94
N GLY B 7 -13.05 7.64 -9.02
CA GLY B 7 -12.97 9.08 -8.74
C GLY B 7 -12.44 9.90 -9.93
N SER B 8 -11.26 9.49 -10.43
CA SER B 8 -10.59 10.09 -11.60
C SER B 8 -9.72 9.01 -12.28
N HIS B 9 -8.66 8.58 -11.56
CA HIS B 9 -7.72 7.53 -12.00
C HIS B 9 -6.83 7.13 -10.81
N MET B 10 -6.06 8.11 -10.30
CA MET B 10 -5.21 7.98 -9.11
C MET B 10 -5.07 9.36 -8.45
N ASP B 11 -5.40 9.42 -7.16
CA ASP B 11 -5.47 10.68 -6.37
C ASP B 11 -5.54 10.30 -4.87
N LEU B 12 -5.42 11.27 -3.96
CA LEU B 12 -5.52 11.04 -2.50
C LEU B 12 -6.98 10.64 -2.15
N GLU B 13 -7.93 11.43 -2.66
CA GLU B 13 -9.38 11.20 -2.46
C GLU B 13 -9.85 9.95 -3.22
N GLU B 14 -9.11 9.58 -4.30
CA GLU B 14 -9.33 8.32 -5.05
C GLU B 14 -9.18 7.13 -4.10
N LEU B 15 -8.03 7.13 -3.39
CA LEU B 15 -7.69 6.10 -2.39
C LEU B 15 -8.75 6.04 -1.30
N GLU B 16 -9.07 7.23 -0.74
CA GLU B 16 -10.00 7.37 0.39
C GLU B 16 -11.39 6.81 0.03
N GLU B 17 -11.92 7.21 -1.13
CA GLU B 17 -13.24 6.75 -1.61
C GLU B 17 -13.23 5.23 -1.91
N ASP B 18 -12.09 4.73 -2.42
CA ASP B 18 -11.93 3.31 -2.80
C ASP B 18 -11.97 2.40 -1.54
N LEU B 19 -11.15 2.77 -0.53
CA LEU B 19 -11.06 2.01 0.73
C LEU B 19 -12.35 2.12 1.53
N LYS B 20 -13.02 3.29 1.44
CA LYS B 20 -14.34 3.52 2.05
C LYS B 20 -15.37 2.53 1.47
N GLN B 21 -15.42 2.43 0.13
CA GLN B 21 -16.41 1.56 -0.57
C GLN B 21 -16.24 0.08 -0.19
N ALA B 22 -14.99 -0.33 0.05
CA ALA B 22 -14.65 -1.69 0.53
C ALA B 22 -15.25 -1.94 1.93
N LEU B 23 -15.11 -0.94 2.81
CA LEU B 23 -15.62 -0.98 4.20
C LEU B 23 -17.16 -0.82 4.24
N ARG B 24 -17.72 -0.12 3.22
CA ARG B 24 -19.16 0.17 3.10
C ARG B 24 -19.94 -1.09 2.66
N GLU B 25 -19.26 -2.00 1.95
CA GLU B 25 -19.80 -3.33 1.61
C GLU B 25 -19.36 -4.39 2.64
N GLY B 26 -18.67 -3.96 3.73
CA GLY B 26 -18.31 -4.83 4.85
C GLY B 26 -17.16 -5.78 4.53
N ARG B 27 -16.11 -5.23 3.91
CA ARG B 27 -14.90 -5.99 3.48
C ARG B 27 -13.63 -5.14 3.76
N LYS B 28 -12.46 -5.79 3.81
CA LYS B 28 -11.20 -5.14 4.20
C LYS B 28 -10.43 -4.57 2.98
N VAL B 29 -9.32 -3.87 3.27
CA VAL B 29 -8.48 -3.17 2.28
C VAL B 29 -7.02 -3.62 2.48
N ASN B 30 -6.30 -3.90 1.37
CA ASN B 30 -4.88 -4.31 1.39
C ASN B 30 -4.02 -3.21 0.77
N ILE B 31 -3.15 -2.60 1.60
CA ILE B 31 -2.30 -1.43 1.26
C ILE B 31 -0.87 -1.62 1.81
N LEU B 32 -0.02 -0.57 1.70
CA LEU B 32 1.42 -0.60 2.06
C LEU B 32 1.66 -1.08 3.53
N GLY B 33 2.05 -2.37 3.65
CA GLY B 33 2.36 -3.02 4.94
C GLY B 33 1.21 -3.08 5.95
N ILE B 34 -0.01 -2.72 5.50
CA ILE B 34 -1.20 -2.55 6.37
C ILE B 34 -2.43 -3.25 5.75
N GLU B 35 -3.31 -3.79 6.61
CA GLU B 35 -4.65 -4.29 6.21
C GLU B 35 -5.73 -3.59 7.06
N VAL B 36 -6.48 -2.69 6.42
CA VAL B 36 -7.57 -1.92 7.04
C VAL B 36 -8.89 -2.74 7.01
N THR B 37 -9.31 -3.26 8.17
CA THR B 37 -10.59 -3.97 8.31
C THR B 37 -11.71 -3.04 8.84
N THR B 38 -11.32 -1.89 9.44
CA THR B 38 -12.27 -0.91 10.02
C THR B 38 -11.93 0.51 9.53
N GLU B 39 -12.95 1.41 9.53
CA GLU B 39 -12.79 2.81 9.11
C GLU B 39 -11.92 3.60 10.12
N GLU B 40 -11.79 3.05 11.33
CA GLU B 40 -10.86 3.53 12.37
C GLU B 40 -9.43 3.50 11.80
N GLN B 41 -9.06 2.33 11.25
CA GLN B 41 -7.74 2.09 10.64
C GLN B 41 -7.60 2.83 9.30
N ALA B 42 -8.74 3.11 8.64
CA ALA B 42 -8.80 3.78 7.32
C ALA B 42 -8.44 5.27 7.41
N ARG B 43 -9.03 5.94 8.40
CA ARG B 43 -8.79 7.39 8.63
C ARG B 43 -7.37 7.60 9.20
N ARG B 44 -6.90 6.61 10.01
CA ARG B 44 -5.50 6.57 10.48
C ARG B 44 -4.54 6.34 9.32
N LEU B 45 -4.96 5.49 8.37
CA LEU B 45 -4.18 5.16 7.17
C LEU B 45 -4.01 6.40 6.28
N ILE B 46 -5.12 7.13 6.07
CA ILE B 46 -5.17 8.32 5.20
C ILE B 46 -4.22 9.40 5.71
N GLU B 47 -4.32 9.73 7.01
CA GLU B 47 -3.48 10.77 7.62
C GLU B 47 -2.00 10.33 7.66
N PHE B 48 -1.79 9.00 7.70
CA PHE B 48 -0.46 8.38 7.68
C PHE B 48 0.20 8.53 6.29
N LEU B 49 -0.49 8.07 5.23
CA LEU B 49 0.12 7.95 3.86
C LEU B 49 0.34 9.32 3.20
N ARG B 50 -0.50 10.32 3.56
CA ARG B 50 -0.36 11.71 3.06
C ARG B 50 0.76 12.45 3.84
N ARG B 51 1.36 11.77 4.82
CA ARG B 51 2.48 12.25 5.63
C ARG B 51 3.71 11.29 5.50
N PHE B 52 3.48 10.10 4.93
CA PHE B 52 4.51 9.03 4.80
C PHE B 52 5.21 9.09 3.44
N ILE B 53 6.54 9.09 3.49
CA ILE B 53 7.42 8.97 2.32
C ILE B 53 8.59 8.00 2.67
N SER A 1 -5.89 -17.81 9.51
CA SER A 1 -4.77 -17.18 10.24
C SER A 1 -4.49 -15.79 9.66
N GLY A 2 -3.65 -15.01 10.36
CA GLY A 2 -3.29 -13.66 9.92
C GLY A 2 -2.59 -12.89 11.03
N LEU A 3 -1.67 -11.99 10.64
CA LEU A 3 -0.90 -11.14 11.58
C LEU A 3 -1.06 -9.66 11.18
N VAL A 4 -1.32 -8.80 12.17
CA VAL A 4 -1.49 -7.34 11.98
C VAL A 4 -0.10 -6.64 12.00
N PRO A 5 0.02 -5.36 11.46
CA PRO A 5 1.29 -4.58 11.52
C PRO A 5 1.85 -4.44 12.96
N ARG A 6 2.85 -5.27 13.27
CA ARG A 6 3.50 -5.32 14.60
C ARG A 6 4.37 -4.06 14.86
N GLY A 7 5.19 -3.70 13.87
CA GLY A 7 6.12 -2.58 13.98
C GLY A 7 5.49 -1.25 13.58
N SER A 8 5.59 -0.26 14.48
CA SER A 8 5.05 1.08 14.25
C SER A 8 5.96 1.90 13.31
N HIS A 9 7.28 1.59 13.37
CA HIS A 9 8.30 2.23 12.52
C HIS A 9 8.33 1.54 11.14
N MET A 10 7.28 1.81 10.35
CA MET A 10 7.13 1.27 8.98
C MET A 10 7.96 2.14 8.00
N ASP A 11 9.26 1.84 7.92
CA ASP A 11 10.20 2.61 7.08
C ASP A 11 10.30 2.00 5.67
N LEU A 12 10.56 2.87 4.70
CA LEU A 12 10.55 2.56 3.26
C LEU A 12 11.81 1.80 2.81
N GLU A 13 12.89 1.93 3.61
CA GLU A 13 14.22 1.34 3.31
C GLU A 13 14.18 -0.19 3.49
N GLU A 14 13.51 -0.63 4.57
CA GLU A 14 13.29 -2.06 4.84
C GLU A 14 12.12 -2.59 4.00
N LEU A 15 11.16 -1.70 3.67
CA LEU A 15 10.06 -2.00 2.73
C LEU A 15 10.62 -2.28 1.32
N GLU A 16 11.74 -1.61 0.98
CA GLU A 16 12.48 -1.86 -0.27
C GLU A 16 12.95 -3.31 -0.30
N GLU A 17 13.68 -3.70 0.75
CA GLU A 17 14.18 -5.08 0.95
C GLU A 17 13.03 -6.11 1.03
N ASP A 18 11.86 -5.66 1.52
CA ASP A 18 10.68 -6.52 1.69
C ASP A 18 10.07 -6.89 0.33
N LEU A 19 9.87 -5.88 -0.54
CA LEU A 19 9.28 -6.11 -1.87
C LEU A 19 10.29 -6.77 -2.82
N LYS A 20 11.60 -6.47 -2.62
CA LYS A 20 12.71 -7.14 -3.36
C LYS A 20 12.77 -8.62 -2.97
N GLN A 21 12.46 -8.91 -1.69
CA GLN A 21 12.37 -10.29 -1.18
C GLN A 21 11.22 -11.01 -1.89
N ALA A 22 10.07 -10.32 -2.00
CA ALA A 22 8.86 -10.84 -2.68
C ALA A 22 9.16 -11.17 -4.16
N LEU A 23 9.90 -10.28 -4.83
CA LEU A 23 10.29 -10.42 -6.25
C LEU A 23 11.11 -11.70 -6.50
N ARG A 24 12.15 -11.90 -5.65
CA ARG A 24 13.14 -12.99 -5.84
C ARG A 24 12.51 -14.37 -5.59
N GLU A 25 11.47 -14.42 -4.72
CA GLU A 25 10.70 -15.66 -4.44
C GLU A 25 9.42 -15.75 -5.31
N GLY A 26 9.24 -14.78 -6.24
CA GLY A 26 8.16 -14.82 -7.23
C GLY A 26 6.79 -14.50 -6.66
N ARG A 27 6.67 -13.30 -6.07
CA ARG A 27 5.44 -12.82 -5.40
C ARG A 27 5.22 -11.33 -5.71
N LYS A 28 3.96 -10.89 -5.57
CA LYS A 28 3.57 -9.49 -5.83
C LYS A 28 3.71 -8.62 -4.56
N VAL A 29 3.35 -7.33 -4.70
CA VAL A 29 3.48 -6.31 -3.64
C VAL A 29 2.13 -5.63 -3.41
N ASN A 30 1.71 -5.50 -2.14
CA ASN A 30 0.50 -4.74 -1.76
C ASN A 30 0.93 -3.35 -1.28
N ILE A 31 0.52 -2.33 -2.05
CA ILE A 31 0.69 -0.91 -1.71
C ILE A 31 -0.63 -0.15 -1.97
N LEU A 32 -0.65 1.14 -1.57
CA LEU A 32 -1.85 2.01 -1.67
C LEU A 32 -2.37 2.12 -3.13
N GLY A 33 -3.50 1.39 -3.40
CA GLY A 33 -4.21 1.43 -4.68
C GLY A 33 -3.56 0.64 -5.81
N ILE A 34 -2.36 0.09 -5.56
CA ILE A 34 -1.51 -0.53 -6.59
C ILE A 34 -1.06 -1.94 -6.13
N GLU A 35 -0.93 -2.87 -7.10
CA GLU A 35 -0.29 -4.17 -6.90
C GLU A 35 0.81 -4.34 -7.95
N VAL A 36 2.03 -4.63 -7.49
CA VAL A 36 3.23 -4.75 -8.33
C VAL A 36 3.67 -6.21 -8.40
N THR A 37 3.75 -6.76 -9.63
CA THR A 37 4.17 -8.15 -9.86
C THR A 37 5.62 -8.23 -10.40
N THR A 38 6.07 -7.19 -11.15
CA THR A 38 7.41 -7.20 -11.81
C THR A 38 8.39 -6.25 -11.09
N GLU A 39 9.70 -6.49 -11.29
CA GLU A 39 10.78 -5.69 -10.70
C GLU A 39 10.84 -4.28 -11.30
N GLU A 40 10.45 -4.16 -12.59
CA GLU A 40 10.29 -2.87 -13.29
C GLU A 40 9.37 -1.95 -12.48
N GLN A 41 8.15 -2.44 -12.23
CA GLN A 41 7.13 -1.68 -11.51
C GLN A 41 7.55 -1.45 -10.04
N ALA A 42 8.35 -2.37 -9.47
CA ALA A 42 8.75 -2.38 -8.04
C ALA A 42 9.76 -1.29 -7.69
N ARG A 43 10.77 -1.12 -8.56
CA ARG A 43 11.80 -0.08 -8.37
C ARG A 43 11.23 1.32 -8.69
N ARG A 44 10.29 1.36 -9.67
CA ARG A 44 9.50 2.56 -9.98
C ARG A 44 8.50 2.85 -8.85
N LEU A 45 8.05 1.80 -8.15
CA LEU A 45 7.12 1.93 -7.01
C LEU A 45 7.89 2.45 -5.80
N ILE A 46 9.15 2.00 -5.63
CA ILE A 46 10.01 2.44 -4.53
C ILE A 46 10.27 3.94 -4.60
N GLU A 47 10.62 4.43 -5.79
CA GLU A 47 10.87 5.86 -5.99
C GLU A 47 9.56 6.67 -5.92
N PHE A 48 8.41 6.02 -6.27
CA PHE A 48 7.06 6.59 -6.13
C PHE A 48 6.67 6.78 -4.65
N LEU A 49 6.82 5.71 -3.84
CA LEU A 49 6.30 5.69 -2.45
C LEU A 49 7.13 6.60 -1.55
N ARG A 50 8.42 6.79 -1.91
CA ARG A 50 9.35 7.69 -1.20
C ARG A 50 9.26 9.13 -1.75
N ARG A 51 8.54 9.30 -2.88
CA ARG A 51 8.23 10.64 -3.44
C ARG A 51 6.76 11.01 -3.12
N PHE A 52 6.01 10.07 -2.53
CA PHE A 52 4.58 10.24 -2.26
C PHE A 52 4.39 11.19 -1.07
N ILE A 53 4.13 12.47 -1.40
CA ILE A 53 3.93 13.57 -0.44
C ILE A 53 5.19 13.80 0.41
N SER B 1 -8.75 -9.67 -17.67
CA SER B 1 -8.13 -8.37 -17.44
C SER B 1 -6.71 -8.53 -16.85
N GLY B 2 -5.99 -7.41 -16.71
CA GLY B 2 -4.64 -7.38 -16.15
C GLY B 2 -4.33 -6.05 -15.48
N LEU B 3 -3.24 -6.02 -14.69
CA LEU B 3 -2.77 -4.80 -14.02
C LEU B 3 -2.12 -3.85 -15.06
N VAL B 4 -2.92 -2.91 -15.58
CA VAL B 4 -2.44 -1.87 -16.51
C VAL B 4 -2.36 -0.52 -15.76
N PRO B 5 -1.15 -0.14 -15.21
CA PRO B 5 -1.00 1.06 -14.37
C PRO B 5 -0.92 2.37 -15.21
N ARG B 6 -2.11 2.92 -15.51
CA ARG B 6 -2.25 4.22 -16.20
C ARG B 6 -2.28 5.39 -15.19
N GLY B 7 -2.11 5.06 -13.89
CA GLY B 7 -2.03 6.05 -12.81
C GLY B 7 -0.69 6.78 -12.78
N SER B 8 -0.46 7.64 -13.79
CA SER B 8 0.72 8.52 -13.87
C SER B 8 0.65 9.59 -12.76
N HIS B 9 -0.58 10.06 -12.49
CA HIS B 9 -0.91 10.90 -11.33
C HIS B 9 -2.02 10.19 -10.54
N MET B 10 -1.62 9.31 -9.61
CA MET B 10 -2.54 8.52 -8.77
C MET B 10 -3.26 9.46 -7.77
N ASP B 11 -4.60 9.42 -7.74
CA ASP B 11 -5.43 10.32 -6.93
C ASP B 11 -6.03 9.58 -5.72
N LEU B 12 -6.16 10.32 -4.60
CA LEU B 12 -6.61 9.77 -3.31
C LEU B 12 -8.11 9.54 -3.25
N GLU B 13 -8.89 10.26 -4.07
CA GLU B 13 -10.37 10.13 -4.11
C GLU B 13 -10.79 8.75 -4.66
N GLU B 14 -9.94 8.16 -5.52
CA GLU B 14 -10.11 6.77 -6.00
C GLU B 14 -9.83 5.78 -4.85
N LEU B 15 -8.73 6.03 -4.12
CA LEU B 15 -8.29 5.21 -2.97
C LEU B 15 -9.34 5.30 -1.83
N GLU B 16 -9.97 6.48 -1.70
CA GLU B 16 -10.90 6.78 -0.61
C GLU B 16 -12.28 6.13 -0.82
N GLU B 17 -12.77 6.16 -2.08
CA GLU B 17 -14.06 5.52 -2.42
C GLU B 17 -13.93 3.98 -2.32
N ASP B 18 -12.68 3.49 -2.53
CA ASP B 18 -12.34 2.07 -2.33
C ASP B 18 -12.50 1.65 -0.87
N LEU B 19 -11.81 2.38 0.05
CA LEU B 19 -11.85 2.06 1.49
C LEU B 19 -13.26 2.26 2.07
N LYS B 20 -14.01 3.24 1.53
CA LYS B 20 -15.40 3.48 1.93
C LYS B 20 -16.27 2.25 1.61
N GLN B 21 -16.18 1.79 0.34
CA GLN B 21 -16.98 0.68 -0.18
C GLN B 21 -16.71 -0.63 0.59
N ALA B 22 -15.40 -0.93 0.76
CA ALA B 22 -14.93 -2.16 1.41
C ALA B 22 -15.44 -2.27 2.86
N LEU B 23 -15.17 -1.24 3.66
CA LEU B 23 -15.44 -1.26 5.11
C LEU B 23 -16.94 -1.24 5.44
N ARG B 24 -17.74 -0.55 4.60
CA ARG B 24 -19.20 -0.42 4.82
C ARG B 24 -19.93 -1.74 4.49
N GLU B 25 -19.40 -2.52 3.53
CA GLU B 25 -19.99 -3.83 3.16
C GLU B 25 -19.39 -4.97 4.01
N GLY B 26 -18.41 -4.65 4.88
CA GLY B 26 -17.80 -5.63 5.79
C GLY B 26 -16.60 -6.34 5.17
N ARG B 27 -15.64 -5.55 4.70
CA ARG B 27 -14.36 -6.03 4.14
C ARG B 27 -13.20 -5.21 4.72
N LYS B 28 -11.97 -5.53 4.30
CA LYS B 28 -10.75 -4.78 4.69
C LYS B 28 -10.04 -4.25 3.43
N VAL B 29 -9.04 -3.40 3.65
CA VAL B 29 -8.23 -2.77 2.60
C VAL B 29 -6.76 -3.03 2.93
N ASN B 30 -6.12 -3.93 2.17
CA ASN B 30 -4.72 -4.34 2.41
C ASN B 30 -3.77 -3.56 1.47
N ILE B 31 -3.14 -2.52 2.04
CA ILE B 31 -2.24 -1.59 1.33
C ILE B 31 -0.79 -1.73 1.87
N LEU B 32 0.08 -0.69 1.64
CA LEU B 32 1.54 -0.71 1.96
C LEU B 32 1.87 -1.19 3.40
N GLY B 33 1.99 -2.53 3.56
CA GLY B 33 2.30 -3.19 4.85
C GLY B 33 1.24 -2.98 5.95
N ILE B 34 0.11 -2.35 5.58
CA ILE B 34 -0.96 -1.97 6.52
C ILE B 34 -2.28 -2.60 6.03
N GLU B 35 -3.13 -3.07 6.98
CA GLU B 35 -4.45 -3.61 6.65
C GLU B 35 -5.53 -2.85 7.45
N VAL B 36 -6.24 -1.96 6.74
CA VAL B 36 -7.37 -1.21 7.26
C VAL B 36 -8.62 -2.12 7.40
N THR B 37 -8.95 -2.48 8.65
CA THR B 37 -10.13 -3.30 8.97
C THR B 37 -11.29 -2.41 9.49
N THR B 38 -10.94 -1.27 10.14
CA THR B 38 -11.93 -0.32 10.69
C THR B 38 -11.88 0.99 9.89
N GLU B 39 -13.00 1.75 9.87
CA GLU B 39 -13.07 3.06 9.20
C GLU B 39 -12.22 4.11 9.95
N GLU B 40 -12.07 3.92 11.28
CA GLU B 40 -11.13 4.70 12.10
C GLU B 40 -9.68 4.53 11.59
N GLN B 41 -9.34 3.31 11.18
CA GLN B 41 -8.02 2.99 10.58
C GLN B 41 -7.88 3.62 9.17
N ALA B 42 -9.01 3.76 8.46
CA ALA B 42 -9.06 4.31 7.08
C ALA B 42 -8.79 5.82 7.05
N ARG B 43 -9.48 6.56 7.93
CA ARG B 43 -9.31 8.02 8.05
C ARG B 43 -7.89 8.36 8.53
N ARG B 44 -7.32 7.50 9.40
CA ARG B 44 -5.92 7.61 9.85
C ARG B 44 -4.92 7.23 8.74
N LEU B 45 -5.30 6.25 7.88
CA LEU B 45 -4.42 5.75 6.79
C LEU B 45 -4.28 6.82 5.69
N ILE B 46 -5.43 7.37 5.26
CA ILE B 46 -5.48 8.50 4.31
C ILE B 46 -4.69 9.69 4.85
N GLU B 47 -4.93 10.02 6.14
CA GLU B 47 -4.24 11.14 6.80
C GLU B 47 -2.72 10.91 6.84
N PHE B 48 -2.34 9.64 7.08
CA PHE B 48 -0.95 9.22 7.20
C PHE B 48 -0.20 9.47 5.88
N LEU B 49 -0.67 8.83 4.78
CA LEU B 49 0.03 8.86 3.49
C LEU B 49 0.03 10.27 2.83
N ARG B 50 -1.04 11.06 3.09
CA ARG B 50 -1.20 12.43 2.51
C ARG B 50 -0.39 13.46 3.31
N ARG B 51 0.21 13.02 4.43
CA ARG B 51 1.06 13.89 5.28
C ARG B 51 2.48 13.30 5.42
N PHE B 52 2.64 12.04 4.94
CA PHE B 52 3.88 11.25 5.09
C PHE B 52 5.03 11.87 4.26
N ILE B 53 6.28 11.68 4.75
CA ILE B 53 7.52 12.17 4.11
C ILE B 53 7.59 13.73 4.17
N SER A 1 15.23 -19.42 12.20
CA SER A 1 15.00 -17.96 12.29
C SER A 1 13.49 -17.67 12.36
N GLY A 2 12.96 -17.62 13.60
CA GLY A 2 11.57 -17.22 13.84
C GLY A 2 11.44 -15.71 13.87
N LEU A 3 11.20 -15.12 12.68
CA LEU A 3 11.10 -13.65 12.50
C LEU A 3 9.94 -13.08 13.34
N VAL A 4 10.31 -12.33 14.40
CA VAL A 4 9.36 -11.72 15.35
C VAL A 4 8.52 -10.61 14.68
N PRO A 5 7.20 -10.46 15.05
CA PRO A 5 6.28 -9.49 14.41
C PRO A 5 6.70 -8.01 14.65
N ARG A 6 7.32 -7.40 13.63
CA ARG A 6 7.87 -6.03 13.72
C ARG A 6 7.39 -5.21 12.50
N GLY A 7 6.21 -4.57 12.65
CA GLY A 7 5.61 -3.73 11.59
C GLY A 7 5.75 -2.24 11.89
N SER A 8 5.96 -1.90 13.18
CA SER A 8 6.18 -0.51 13.63
C SER A 8 7.61 -0.06 13.27
N HIS A 9 7.74 1.20 12.79
CA HIS A 9 9.00 1.75 12.24
C HIS A 9 9.47 0.96 11.01
N MET A 10 8.49 0.57 10.18
CA MET A 10 8.75 -0.04 8.87
C MET A 10 9.29 1.06 7.92
N ASP A 11 10.63 1.06 7.73
CA ASP A 11 11.32 2.09 6.94
C ASP A 11 11.24 1.76 5.44
N LEU A 12 11.61 2.74 4.57
CA LEU A 12 11.57 2.59 3.11
C LEU A 12 12.61 1.57 2.62
N GLU A 13 13.77 1.49 3.33
CA GLU A 13 14.82 0.50 3.05
C GLU A 13 14.29 -0.91 3.40
N GLU A 14 13.53 -1.00 4.49
CA GLU A 14 12.99 -2.26 5.00
C GLU A 14 11.85 -2.78 4.09
N LEU A 15 11.07 -1.82 3.55
CA LEU A 15 10.00 -2.09 2.57
C LEU A 15 10.65 -2.55 1.24
N GLU A 16 11.76 -1.89 0.87
CA GLU A 16 12.50 -2.17 -0.36
C GLU A 16 13.09 -3.59 -0.33
N GLU A 17 13.78 -3.91 0.79
CA GLU A 17 14.37 -5.25 1.02
C GLU A 17 13.29 -6.34 0.95
N ASP A 18 12.12 -6.01 1.54
CA ASP A 18 10.93 -6.88 1.58
C ASP A 18 10.47 -7.21 0.15
N LEU A 19 10.19 -6.16 -0.67
CA LEU A 19 9.62 -6.34 -2.01
C LEU A 19 10.62 -6.98 -3.00
N LYS A 20 11.93 -6.74 -2.78
CA LYS A 20 12.98 -7.31 -3.65
C LYS A 20 13.06 -8.83 -3.49
N GLN A 21 13.15 -9.29 -2.23
CA GLN A 21 13.25 -10.73 -1.93
C GLN A 21 11.90 -11.44 -2.22
N ALA A 22 10.79 -10.67 -2.08
CA ALA A 22 9.43 -11.16 -2.38
C ALA A 22 9.28 -11.50 -3.88
N LEU A 23 9.60 -10.54 -4.75
CA LEU A 23 9.39 -10.68 -6.21
C LEU A 23 10.28 -11.77 -6.82
N ARG A 24 11.53 -11.89 -6.33
CA ARG A 24 12.50 -12.86 -6.86
C ARG A 24 12.12 -14.31 -6.46
N GLU A 25 11.43 -14.50 -5.30
CA GLU A 25 10.91 -15.82 -4.89
C GLU A 25 9.49 -16.08 -5.48
N GLY A 26 8.88 -15.03 -6.06
CA GLY A 26 7.60 -15.17 -6.78
C GLY A 26 6.42 -14.44 -6.16
N ARG A 27 6.58 -13.91 -4.92
CA ARG A 27 5.54 -13.11 -4.24
C ARG A 27 5.36 -11.74 -4.95
N LYS A 28 4.35 -10.97 -4.53
CA LYS A 28 4.08 -9.62 -5.07
C LYS A 28 3.71 -8.65 -3.93
N VAL A 29 3.58 -7.36 -4.28
CA VAL A 29 3.39 -6.26 -3.30
C VAL A 29 2.00 -5.66 -3.49
N ASN A 30 1.35 -5.25 -2.39
CA ASN A 30 0.03 -4.59 -2.45
C ASN A 30 0.09 -3.27 -1.68
N ILE A 31 -0.10 -2.18 -2.43
CA ILE A 31 -0.11 -0.79 -1.93
C ILE A 31 -1.37 -0.06 -2.44
N LEU A 32 -1.48 1.25 -2.14
CA LEU A 32 -2.66 2.11 -2.47
C LEU A 32 -3.06 2.01 -3.98
N GLY A 33 -4.05 1.12 -4.25
CA GLY A 33 -4.63 0.93 -5.61
C GLY A 33 -3.65 0.33 -6.63
N ILE A 34 -2.50 -0.17 -6.15
CA ILE A 34 -1.41 -0.69 -7.00
C ILE A 34 -0.97 -2.07 -6.47
N GLU A 35 -0.67 -3.01 -7.38
CA GLU A 35 -0.07 -4.32 -7.05
C GLU A 35 1.15 -4.55 -7.93
N VAL A 36 2.33 -4.47 -7.30
CA VAL A 36 3.63 -4.66 -7.94
C VAL A 36 3.91 -6.16 -8.10
N THR A 37 3.80 -6.64 -9.34
CA THR A 37 4.07 -8.04 -9.68
C THR A 37 5.47 -8.21 -10.34
N THR A 38 6.12 -7.08 -10.70
CA THR A 38 7.45 -7.10 -11.37
C THR A 38 8.44 -6.15 -10.66
N GLU A 39 9.74 -6.46 -10.80
CA GLU A 39 10.85 -5.66 -10.24
C GLU A 39 10.89 -4.24 -10.84
N GLU A 40 10.43 -4.11 -12.10
CA GLU A 40 10.31 -2.82 -12.80
C GLU A 40 9.31 -1.89 -12.07
N GLN A 41 8.14 -2.46 -11.74
CA GLN A 41 7.12 -1.75 -10.96
C GLN A 41 7.66 -1.40 -9.55
N ALA A 42 8.50 -2.30 -8.99
CA ALA A 42 9.04 -2.19 -7.62
C ALA A 42 9.97 -0.99 -7.43
N ARG A 43 10.96 -0.87 -8.34
CA ARG A 43 11.94 0.22 -8.30
C ARG A 43 11.23 1.57 -8.52
N ARG A 44 10.22 1.56 -9.42
CA ARG A 44 9.40 2.74 -9.70
C ARG A 44 8.39 3.02 -8.57
N LEU A 45 8.04 1.98 -7.78
CA LEU A 45 7.09 2.10 -6.66
C LEU A 45 7.79 2.75 -5.46
N ILE A 46 9.06 2.35 -5.23
CA ILE A 46 9.89 2.90 -4.16
C ILE A 46 10.10 4.40 -4.35
N GLU A 47 10.49 4.79 -5.58
CA GLU A 47 10.71 6.21 -5.88
C GLU A 47 9.37 6.98 -5.95
N PHE A 48 8.26 6.25 -6.27
CA PHE A 48 6.90 6.82 -6.24
C PHE A 48 6.51 7.23 -4.82
N LEU A 49 6.62 6.29 -3.86
CA LEU A 49 6.09 6.49 -2.48
C LEU A 49 6.92 7.56 -1.72
N ARG A 50 8.23 7.59 -2.00
CA ARG A 50 9.18 8.51 -1.31
C ARG A 50 9.14 9.92 -1.93
N ARG A 51 8.43 10.05 -3.08
CA ARG A 51 8.26 11.31 -3.80
C ARG A 51 6.82 11.84 -3.58
N PHE A 52 5.87 10.89 -3.40
CA PHE A 52 4.42 11.18 -3.34
C PHE A 52 4.10 11.95 -2.06
N ILE A 53 3.34 13.05 -2.22
CA ILE A 53 3.08 14.04 -1.16
C ILE A 53 4.38 14.77 -0.78
N SER B 1 -20.88 -6.96 -17.99
CA SER B 1 -19.77 -7.81 -17.54
C SER B 1 -19.21 -7.27 -16.22
N GLY B 2 -18.83 -5.98 -16.21
CA GLY B 2 -18.31 -5.31 -15.03
C GLY B 2 -17.59 -4.02 -15.40
N LEU B 3 -18.10 -2.87 -14.90
CA LEU B 3 -17.54 -1.54 -15.21
C LEU B 3 -17.02 -0.92 -13.90
N VAL B 4 -15.68 -0.79 -13.79
CA VAL B 4 -15.03 -0.10 -12.66
C VAL B 4 -14.66 1.35 -13.07
N PRO B 5 -14.69 2.34 -12.11
CA PRO B 5 -14.30 3.74 -12.41
C PRO B 5 -12.77 3.88 -12.61
N ARG B 6 -12.31 3.63 -13.85
CA ARG B 6 -10.89 3.78 -14.24
C ARG B 6 -10.59 5.27 -14.52
N GLY B 7 -10.08 5.97 -13.50
CA GLY B 7 -9.64 7.35 -13.62
C GLY B 7 -8.15 7.46 -13.89
N SER B 8 -7.68 8.67 -14.19
CA SER B 8 -6.27 8.93 -14.55
C SER B 8 -5.39 9.03 -13.29
N HIS B 9 -5.95 9.59 -12.21
CA HIS B 9 -5.24 9.75 -10.92
C HIS B 9 -6.24 9.56 -9.77
N MET B 10 -6.05 8.46 -9.02
CA MET B 10 -6.81 8.17 -7.79
C MET B 10 -6.32 9.11 -6.67
N ASP B 11 -7.18 10.04 -6.24
CA ASP B 11 -6.87 11.02 -5.18
C ASP B 11 -7.14 10.42 -3.79
N LEU B 12 -6.67 11.11 -2.74
CA LEU B 12 -6.81 10.66 -1.34
C LEU B 12 -8.27 10.79 -0.86
N GLU B 13 -8.95 11.83 -1.39
CA GLU B 13 -10.40 12.06 -1.19
C GLU B 13 -11.22 10.93 -1.86
N GLU B 14 -10.72 10.42 -3.00
CA GLU B 14 -11.36 9.31 -3.75
C GLU B 14 -11.06 7.98 -3.05
N LEU B 15 -9.84 7.86 -2.49
CA LEU B 15 -9.39 6.68 -1.75
C LEU B 15 -10.26 6.50 -0.50
N GLU B 16 -10.71 7.64 0.07
CA GLU B 16 -11.58 7.71 1.25
C GLU B 16 -12.94 7.01 0.99
N GLU B 17 -13.62 7.40 -0.10
CA GLU B 17 -14.95 6.85 -0.45
C GLU B 17 -14.82 5.41 -0.99
N ASP B 18 -13.64 5.09 -1.57
CA ASP B 18 -13.33 3.75 -2.10
C ASP B 18 -13.05 2.74 -0.96
N LEU B 19 -12.34 3.20 0.10
CA LEU B 19 -12.01 2.35 1.26
C LEU B 19 -13.26 2.13 2.11
N LYS B 20 -14.12 3.18 2.19
CA LYS B 20 -15.41 3.09 2.91
C LYS B 20 -16.34 2.09 2.22
N GLN B 21 -16.28 2.06 0.88
CA GLN B 21 -16.98 1.07 0.05
C GLN B 21 -16.52 -0.36 0.42
N ALA B 22 -15.18 -0.55 0.42
CA ALA B 22 -14.53 -1.84 0.74
C ALA B 22 -14.91 -2.32 2.16
N LEU B 23 -14.72 -1.43 3.14
CA LEU B 23 -14.84 -1.76 4.57
C LEU B 23 -16.30 -2.06 4.99
N ARG B 24 -17.28 -1.43 4.29
CA ARG B 24 -18.72 -1.65 4.58
C ARG B 24 -19.21 -2.98 3.96
N GLU B 25 -18.53 -3.45 2.89
CA GLU B 25 -18.82 -4.77 2.28
C GLU B 25 -17.80 -5.85 2.74
N GLY B 26 -17.07 -5.56 3.83
CA GLY B 26 -16.23 -6.57 4.54
C GLY B 26 -14.93 -6.92 3.82
N ARG B 27 -14.40 -5.97 3.05
CA ARG B 27 -13.12 -6.11 2.32
C ARG B 27 -12.03 -5.28 3.02
N LYS B 28 -10.77 -5.75 3.01
CA LYS B 28 -9.64 -5.00 3.60
C LYS B 28 -8.87 -4.26 2.49
N VAL B 29 -8.27 -3.13 2.88
CA VAL B 29 -7.39 -2.32 2.02
C VAL B 29 -5.94 -2.69 2.35
N ASN B 30 -5.19 -3.14 1.36
CA ASN B 30 -3.77 -3.50 1.50
C ASN B 30 -2.89 -2.38 0.92
N ILE B 31 -2.06 -1.79 1.80
CA ILE B 31 -1.20 -0.63 1.50
C ILE B 31 0.23 -0.88 2.04
N LEU B 32 1.10 0.15 1.95
CA LEU B 32 2.53 0.09 2.32
C LEU B 32 2.76 -0.47 3.76
N GLY B 33 3.00 -1.81 3.82
CA GLY B 33 3.28 -2.51 5.09
C GLY B 33 2.10 -2.57 6.08
N ILE B 34 0.94 -2.02 5.68
CA ILE B 34 -0.26 -1.87 6.53
C ILE B 34 -1.45 -2.58 5.87
N GLU B 35 -2.37 -3.12 6.70
CA GLU B 35 -3.65 -3.70 6.23
C GLU B 35 -4.81 -3.07 7.02
N VAL B 36 -5.56 -2.18 6.35
CA VAL B 36 -6.76 -1.54 6.90
C VAL B 36 -7.95 -2.51 6.82
N THR B 37 -8.24 -3.19 7.94
CA THR B 37 -9.42 -4.06 8.08
C THR B 37 -10.60 -3.29 8.70
N THR B 38 -10.29 -2.24 9.48
CA THR B 38 -11.29 -1.39 10.17
C THR B 38 -11.12 0.08 9.75
N GLU B 39 -12.22 0.85 9.83
CA GLU B 39 -12.26 2.26 9.36
C GLU B 39 -11.42 3.20 10.26
N GLU B 40 -11.12 2.75 11.50
CA GLU B 40 -10.20 3.48 12.39
C GLU B 40 -8.79 3.53 11.77
N GLN B 41 -8.35 2.39 11.21
CA GLN B 41 -7.04 2.27 10.54
C GLN B 41 -7.02 3.10 9.24
N ALA B 42 -8.21 3.30 8.64
CA ALA B 42 -8.38 4.03 7.39
C ALA B 42 -8.16 5.54 7.56
N ARG B 43 -8.82 6.13 8.59
CA ARG B 43 -8.71 7.57 8.89
C ARG B 43 -7.28 7.91 9.37
N ARG B 44 -6.69 6.96 10.13
CA ARG B 44 -5.31 7.05 10.64
C ARG B 44 -4.31 6.90 9.49
N LEU B 45 -4.65 6.05 8.50
CA LEU B 45 -3.83 5.83 7.30
C LEU B 45 -3.81 7.10 6.44
N ILE B 46 -5.00 7.68 6.22
CA ILE B 46 -5.18 8.91 5.41
C ILE B 46 -4.31 10.04 5.95
N GLU B 47 -4.32 10.20 7.27
CA GLU B 47 -3.52 11.20 7.97
C GLU B 47 -2.02 10.93 7.76
N PHE B 48 -1.66 9.65 7.90
CA PHE B 48 -0.29 9.17 7.84
C PHE B 48 0.32 9.41 6.44
N LEU B 49 -0.37 8.95 5.37
CA LEU B 49 0.18 8.96 3.99
C LEU B 49 0.27 10.39 3.42
N ARG B 50 -0.61 11.31 3.89
CA ARG B 50 -0.57 12.73 3.46
C ARG B 50 0.50 13.52 4.26
N ARG B 51 1.18 12.82 5.20
CA ARG B 51 2.33 13.37 5.95
C ARG B 51 3.61 12.56 5.67
N PHE B 52 3.46 11.36 5.09
CA PHE B 52 4.57 10.41 4.88
C PHE B 52 5.13 10.50 3.46
N ILE B 53 6.43 10.23 3.32
CA ILE B 53 7.14 10.12 2.04
C ILE B 53 8.11 8.90 2.11
N SER A 1 -1.54 -15.16 26.87
CA SER A 1 -1.00 -14.10 27.76
C SER A 1 0.46 -13.81 27.36
N GLY A 2 0.76 -12.53 27.08
CA GLY A 2 2.10 -12.12 26.68
C GLY A 2 2.31 -10.62 26.74
N LEU A 3 3.30 -10.13 25.98
CA LEU A 3 3.63 -8.70 25.93
C LEU A 3 2.74 -7.98 24.90
N VAL A 4 2.50 -6.68 25.13
CA VAL A 4 1.61 -5.85 24.30
C VAL A 4 2.29 -5.46 22.95
N PRO A 5 1.51 -5.39 21.81
CA PRO A 5 2.05 -4.99 20.48
C PRO A 5 2.67 -3.57 20.51
N ARG A 6 4.01 -3.54 20.57
CA ARG A 6 4.80 -2.29 20.71
C ARG A 6 4.79 -1.46 19.43
N GLY A 7 4.96 -2.13 18.29
CA GLY A 7 5.05 -1.47 16.98
C GLY A 7 6.45 -0.92 16.72
N SER A 8 6.76 -0.66 15.45
CA SER A 8 8.07 -0.12 15.02
C SER A 8 7.87 0.80 13.81
N HIS A 9 8.74 1.84 13.71
CA HIS A 9 8.78 2.71 12.52
C HIS A 9 9.27 1.90 11.32
N MET A 10 8.31 1.45 10.49
CA MET A 10 8.62 0.71 9.26
C MET A 10 9.33 1.66 8.28
N ASP A 11 10.68 1.59 8.29
CA ASP A 11 11.52 2.35 7.36
C ASP A 11 11.23 1.91 5.92
N LEU A 12 11.38 2.86 4.99
CA LEU A 12 11.26 2.57 3.56
C LEU A 12 12.32 1.54 3.11
N GLU A 13 13.43 1.51 3.85
CA GLU A 13 14.51 0.51 3.69
C GLU A 13 13.98 -0.91 3.96
N GLU A 14 13.18 -1.04 5.04
CA GLU A 14 12.59 -2.31 5.48
C GLU A 14 11.57 -2.82 4.43
N LEU A 15 10.70 -1.89 3.97
CA LEU A 15 9.70 -2.15 2.91
C LEU A 15 10.38 -2.50 1.58
N GLU A 16 11.48 -1.80 1.28
CA GLU A 16 12.22 -1.94 0.01
C GLU A 16 12.75 -3.38 -0.14
N GLU A 17 13.52 -3.83 0.86
CA GLU A 17 14.11 -5.19 0.87
C GLU A 17 13.01 -6.28 0.99
N ASP A 18 11.88 -5.91 1.61
CA ASP A 18 10.70 -6.80 1.76
C ASP A 18 10.12 -7.16 0.37
N LEU A 19 9.81 -6.12 -0.44
CA LEU A 19 9.23 -6.31 -1.78
C LEU A 19 10.28 -6.90 -2.75
N LYS A 20 11.56 -6.54 -2.55
CA LYS A 20 12.70 -7.12 -3.31
C LYS A 20 12.76 -8.65 -3.09
N GLN A 21 12.57 -9.05 -1.82
CA GLN A 21 12.56 -10.46 -1.40
C GLN A 21 11.45 -11.25 -2.11
N ALA A 22 10.27 -10.59 -2.24
CA ALA A 22 9.10 -11.14 -2.96
C ALA A 22 9.46 -11.41 -4.43
N LEU A 23 10.10 -10.42 -5.08
CA LEU A 23 10.50 -10.50 -6.51
C LEU A 23 11.50 -11.65 -6.75
N ARG A 24 12.39 -11.86 -5.77
CA ARG A 24 13.41 -12.92 -5.80
C ARG A 24 12.75 -14.32 -5.75
N GLU A 25 11.75 -14.48 -4.87
CA GLU A 25 11.06 -15.77 -4.65
C GLU A 25 9.86 -15.96 -5.61
N GLY A 26 9.55 -14.93 -6.43
CA GLY A 26 8.46 -14.99 -7.40
C GLY A 26 7.10 -14.79 -6.77
N ARG A 27 6.94 -13.63 -6.12
CA ARG A 27 5.70 -13.18 -5.45
C ARG A 27 5.50 -11.68 -5.72
N LYS A 28 4.24 -11.24 -5.70
CA LYS A 28 3.86 -9.84 -5.88
C LYS A 28 3.57 -9.18 -4.52
N VAL A 29 3.36 -7.85 -4.53
CA VAL A 29 3.13 -7.04 -3.31
C VAL A 29 1.97 -6.05 -3.54
N ASN A 30 1.16 -5.86 -2.48
CA ASN A 30 0.06 -4.88 -2.45
C ASN A 30 0.48 -3.65 -1.63
N ILE A 31 0.44 -2.50 -2.28
CA ILE A 31 0.76 -1.18 -1.70
C ILE A 31 -0.46 -0.25 -1.84
N LEU A 32 -0.27 1.03 -1.42
CA LEU A 32 -1.34 2.05 -1.41
C LEU A 32 -1.96 2.27 -2.82
N GLY A 33 -3.18 1.69 -3.00
CA GLY A 33 -3.99 1.84 -4.22
C GLY A 33 -3.41 1.19 -5.47
N ILE A 34 -2.34 0.38 -5.30
CA ILE A 34 -1.59 -0.25 -6.41
C ILE A 34 -1.19 -1.69 -6.01
N GLU A 35 -1.05 -2.57 -7.01
CA GLU A 35 -0.43 -3.90 -6.84
C GLU A 35 0.70 -4.05 -7.89
N VAL A 36 1.92 -4.30 -7.40
CA VAL A 36 3.11 -4.54 -8.23
C VAL A 36 3.35 -6.04 -8.36
N THR A 37 3.50 -6.54 -9.60
CA THR A 37 3.85 -7.95 -9.87
C THR A 37 5.38 -8.09 -10.09
N THR A 38 5.92 -7.27 -11.00
CA THR A 38 7.31 -7.39 -11.50
C THR A 38 8.25 -6.30 -10.94
N GLU A 39 9.57 -6.59 -11.00
CA GLU A 39 10.65 -5.77 -10.41
C GLU A 39 10.76 -4.38 -11.07
N GLU A 40 10.43 -4.31 -12.36
CA GLU A 40 10.37 -3.04 -13.12
C GLU A 40 9.40 -2.03 -12.43
N GLN A 41 8.23 -2.55 -12.03
CA GLN A 41 7.18 -1.75 -11.37
C GLN A 41 7.56 -1.46 -9.92
N ALA A 42 8.32 -2.40 -9.29
CA ALA A 42 8.70 -2.33 -7.86
C ALA A 42 9.74 -1.23 -7.59
N ARG A 43 10.77 -1.16 -8.45
CA ARG A 43 11.80 -0.11 -8.38
C ARG A 43 11.15 1.27 -8.63
N ARG A 44 10.21 1.33 -9.62
CA ARG A 44 9.45 2.54 -9.93
C ARG A 44 8.48 2.91 -8.79
N LEU A 45 8.00 1.89 -8.05
CA LEU A 45 7.01 2.08 -6.96
C LEU A 45 7.69 2.75 -5.76
N ILE A 46 8.86 2.23 -5.38
CA ILE A 46 9.65 2.75 -4.26
C ILE A 46 9.96 4.22 -4.45
N GLU A 47 10.51 4.55 -5.63
CA GLU A 47 10.87 5.94 -5.94
C GLU A 47 9.62 6.82 -6.14
N PHE A 48 8.49 6.20 -6.57
CA PHE A 48 7.19 6.91 -6.75
C PHE A 48 6.66 7.39 -5.40
N LEU A 49 6.57 6.47 -4.41
CA LEU A 49 5.85 6.73 -3.14
C LEU A 49 6.65 7.73 -2.28
N ARG A 50 7.99 7.63 -2.36
CA ARG A 50 8.89 8.52 -1.61
C ARG A 50 8.97 9.92 -2.25
N ARG A 51 8.69 9.97 -3.57
CA ARG A 51 8.66 11.23 -4.36
C ARG A 51 7.26 11.88 -4.31
N PHE A 52 6.26 11.05 -4.00
CA PHE A 52 4.85 11.45 -3.86
C PHE A 52 4.67 12.11 -2.49
N ILE A 53 3.60 12.92 -2.31
CA ILE A 53 3.34 13.67 -1.06
C ILE A 53 4.45 14.69 -0.78
N SER B 1 -11.78 -13.61 -11.07
CA SER B 1 -12.93 -13.19 -11.81
C SER B 1 -13.44 -11.84 -11.26
N GLY B 2 -13.07 -10.73 -11.94
CA GLY B 2 -13.37 -9.38 -11.49
C GLY B 2 -13.88 -8.50 -12.61
N LEU B 3 -15.11 -7.97 -12.46
CA LEU B 3 -15.74 -7.06 -13.43
C LEU B 3 -15.34 -5.61 -13.09
N VAL B 4 -14.03 -5.34 -13.17
CA VAL B 4 -13.42 -4.07 -12.76
C VAL B 4 -13.89 -2.90 -13.67
N PRO B 5 -14.22 -1.71 -13.08
CA PRO B 5 -14.63 -0.52 -13.86
C PRO B 5 -13.44 0.04 -14.70
N ARG B 6 -13.70 0.24 -16.00
CA ARG B 6 -12.74 0.83 -16.94
C ARG B 6 -12.49 2.31 -16.58
N GLY B 7 -11.54 2.54 -15.66
CA GLY B 7 -11.21 3.88 -15.17
C GLY B 7 -10.68 3.84 -13.74
N SER B 8 -9.50 3.23 -13.58
CA SER B 8 -8.83 3.10 -12.28
C SER B 8 -7.64 4.09 -12.23
N HIS B 9 -7.91 5.32 -11.78
CA HIS B 9 -6.87 6.36 -11.63
C HIS B 9 -6.35 6.36 -10.19
N MET B 10 -5.04 6.10 -10.02
CA MET B 10 -4.38 6.22 -8.72
C MET B 10 -4.27 7.70 -8.34
N ASP B 11 -4.80 8.05 -7.16
CA ASP B 11 -4.75 9.40 -6.60
C ASP B 11 -4.94 9.30 -5.08
N LEU B 12 -4.58 10.36 -4.33
CA LEU B 12 -4.67 10.37 -2.86
C LEU B 12 -6.16 10.50 -2.42
N GLU B 13 -6.91 11.35 -3.11
CA GLU B 13 -8.36 11.56 -2.86
C GLU B 13 -9.14 10.28 -3.19
N GLU B 14 -8.69 9.60 -4.26
CA GLU B 14 -9.20 8.28 -4.66
C GLU B 14 -8.90 7.25 -3.55
N LEU B 15 -7.64 7.30 -3.05
CA LEU B 15 -7.11 6.33 -2.06
C LEU B 15 -7.89 6.36 -0.76
N GLU B 16 -8.21 7.57 -0.25
CA GLU B 16 -8.92 7.73 1.03
C GLU B 16 -10.32 7.10 0.96
N GLU B 17 -11.00 7.29 -0.17
CA GLU B 17 -12.34 6.71 -0.42
C GLU B 17 -12.23 5.20 -0.76
N ASP B 18 -11.09 4.80 -1.32
CA ASP B 18 -10.80 3.39 -1.71
C ASP B 18 -10.57 2.51 -0.47
N LEU B 19 -9.89 3.08 0.54
CA LEU B 19 -9.66 2.38 1.82
C LEU B 19 -10.95 2.39 2.66
N LYS B 20 -11.77 3.44 2.47
CA LYS B 20 -13.12 3.52 3.09
C LYS B 20 -14.06 2.45 2.52
N GLN B 21 -14.04 2.25 1.18
CA GLN B 21 -14.96 1.30 0.51
C GLN B 21 -14.61 -0.15 0.89
N ALA B 22 -13.29 -0.40 1.05
CA ALA B 22 -12.75 -1.69 1.50
C ALA B 22 -13.23 -2.01 2.92
N LEU B 23 -13.01 -1.08 3.87
CA LEU B 23 -13.37 -1.26 5.28
C LEU B 23 -14.89 -1.36 5.49
N ARG B 24 -15.67 -0.61 4.69
CA ARG B 24 -17.14 -0.47 4.90
C ARG B 24 -17.88 -1.74 4.42
N GLU B 25 -17.34 -2.42 3.37
CA GLU B 25 -17.91 -3.69 2.88
C GLU B 25 -17.48 -4.86 3.80
N GLY B 26 -16.31 -4.70 4.47
CA GLY B 26 -15.76 -5.71 5.38
C GLY B 26 -14.50 -6.37 4.83
N ARG B 27 -13.55 -5.53 4.40
CA ARG B 27 -12.22 -5.95 3.88
C ARG B 27 -11.12 -5.12 4.57
N LYS B 28 -9.94 -5.72 4.74
CA LYS B 28 -8.76 -4.99 5.24
C LYS B 28 -8.00 -4.34 4.07
N VAL B 29 -7.51 -3.13 4.31
CA VAL B 29 -6.71 -2.37 3.37
C VAL B 29 -5.24 -2.81 3.48
N ASN B 30 -4.70 -3.34 2.38
CA ASN B 30 -3.30 -3.77 2.29
C ASN B 30 -2.48 -2.73 1.52
N ILE B 31 -1.71 -1.95 2.28
CA ILE B 31 -0.92 -0.80 1.76
C ILE B 31 0.58 -1.01 2.02
N LEU B 32 1.38 0.03 1.69
CA LEU B 32 2.85 0.01 1.74
C LEU B 32 3.39 -0.41 3.14
N GLY B 33 3.70 -1.73 3.27
CA GLY B 33 4.29 -2.33 4.48
C GLY B 33 3.42 -2.27 5.73
N ILE B 34 2.13 -1.92 5.57
CA ILE B 34 1.19 -1.70 6.70
C ILE B 34 -0.15 -2.40 6.39
N GLU B 35 -0.83 -2.86 7.45
CA GLU B 35 -2.17 -3.48 7.38
C GLU B 35 -3.18 -2.56 8.10
N VAL B 36 -4.40 -2.46 7.54
CA VAL B 36 -5.51 -1.69 8.12
C VAL B 36 -6.77 -2.56 8.14
N THR B 37 -7.13 -3.08 9.32
CA THR B 37 -8.39 -3.84 9.51
C THR B 37 -9.51 -2.91 10.02
N THR B 38 -9.15 -1.83 10.75
CA THR B 38 -10.12 -0.88 11.34
C THR B 38 -9.86 0.56 10.83
N GLU B 39 -10.88 1.43 10.96
CA GLU B 39 -10.79 2.85 10.56
C GLU B 39 -9.80 3.63 11.46
N GLU B 40 -9.55 3.10 12.68
CA GLU B 40 -8.51 3.66 13.58
C GLU B 40 -7.11 3.52 12.96
N GLN B 41 -6.88 2.38 12.31
CA GLN B 41 -5.63 2.12 11.59
C GLN B 41 -5.58 2.92 10.28
N ALA B 42 -6.76 3.17 9.67
CA ALA B 42 -6.90 3.91 8.40
C ALA B 42 -6.60 5.41 8.56
N ARG B 43 -7.05 5.98 9.69
CA ARG B 43 -6.86 7.42 10.00
C ARG B 43 -5.40 7.68 10.39
N ARG B 44 -4.77 6.68 11.08
CA ARG B 44 -3.34 6.70 11.39
C ARG B 44 -2.49 6.54 10.11
N LEU B 45 -3.01 5.75 9.16
CA LEU B 45 -2.33 5.45 7.89
C LEU B 45 -2.37 6.68 6.95
N ILE B 46 -3.53 7.33 6.85
CA ILE B 46 -3.72 8.54 6.01
C ILE B 46 -2.84 9.68 6.52
N GLU B 47 -2.84 9.91 7.85
CA GLU B 47 -2.03 10.99 8.45
C GLU B 47 -0.52 10.65 8.40
N PHE B 48 -0.21 9.33 8.33
CA PHE B 48 1.17 8.84 8.18
C PHE B 48 1.73 9.19 6.80
N LEU B 49 1.08 8.70 5.72
CA LEU B 49 1.60 8.82 4.34
C LEU B 49 1.64 10.28 3.85
N ARG B 50 0.71 11.12 4.37
CA ARG B 50 0.66 12.56 4.00
C ARG B 50 1.75 13.37 4.74
N ARG B 51 2.42 12.72 5.71
CA ARG B 51 3.50 13.30 6.51
C ARG B 51 4.83 12.55 6.26
N PHE B 52 4.77 11.37 5.61
CA PHE B 52 5.91 10.46 5.44
C PHE B 52 6.22 10.28 3.94
N ILE B 53 7.52 10.23 3.63
CA ILE B 53 8.06 9.90 2.32
C ILE B 53 9.27 8.96 2.52
N SER A 1 5.86 12.77 21.59
CA SER A 1 5.87 12.58 23.05
C SER A 1 4.63 11.77 23.50
N GLY A 2 4.72 11.12 24.67
CA GLY A 2 3.62 10.29 25.22
C GLY A 2 3.51 8.94 24.52
N LEU A 3 2.29 8.37 24.48
CA LEU A 3 2.01 7.10 23.80
C LEU A 3 1.05 7.34 22.62
N VAL A 4 1.42 6.81 21.44
CA VAL A 4 0.57 6.80 20.23
C VAL A 4 0.52 5.37 19.66
N PRO A 5 -0.66 4.93 19.10
CA PRO A 5 -0.75 3.64 18.38
C PRO A 5 -0.08 3.74 16.99
N ARG A 6 1.19 3.32 16.92
CA ARG A 6 2.01 3.38 15.68
C ARG A 6 1.92 2.03 14.92
N GLY A 7 1.97 0.92 15.69
CA GLY A 7 1.77 -0.43 15.16
C GLY A 7 2.91 -0.91 14.25
N SER A 8 2.78 -0.60 12.95
CA SER A 8 3.67 -1.10 11.88
C SER A 8 5.10 -0.56 12.03
N HIS A 9 5.20 0.78 12.25
CA HIS A 9 6.48 1.54 12.45
C HIS A 9 7.59 1.22 11.39
N MET A 10 7.14 0.81 10.18
CA MET A 10 8.04 0.40 9.07
C MET A 10 8.73 1.61 8.41
N ASP A 11 9.79 1.34 7.61
CA ASP A 11 10.51 2.38 6.84
C ASP A 11 10.73 1.93 5.39
N LEU A 12 11.23 2.85 4.57
CA LEU A 12 11.28 2.72 3.09
C LEU A 12 12.37 1.74 2.63
N GLU A 13 13.52 1.77 3.32
CA GLU A 13 14.72 0.98 2.98
C GLU A 13 14.51 -0.50 3.35
N GLU A 14 13.84 -0.73 4.49
CA GLU A 14 13.40 -2.07 4.91
C GLU A 14 12.35 -2.61 3.93
N LEU A 15 11.43 -1.72 3.49
CA LEU A 15 10.37 -2.06 2.54
C LEU A 15 10.96 -2.41 1.16
N GLU A 16 12.07 -1.74 0.78
CA GLU A 16 12.73 -1.91 -0.53
C GLU A 16 13.21 -3.36 -0.73
N GLU A 17 13.96 -3.86 0.27
CA GLU A 17 14.48 -5.25 0.25
C GLU A 17 13.34 -6.27 0.47
N ASP A 18 12.28 -5.84 1.19
CA ASP A 18 11.12 -6.69 1.53
C ASP A 18 10.27 -7.00 0.27
N LEU A 19 9.98 -5.94 -0.51
CA LEU A 19 9.17 -6.06 -1.75
C LEU A 19 9.97 -6.78 -2.84
N LYS A 20 11.30 -6.53 -2.85
CA LYS A 20 12.24 -7.17 -3.76
C LYS A 20 12.33 -8.68 -3.46
N GLN A 21 12.34 -9.01 -2.15
CA GLN A 21 12.34 -10.40 -1.63
C GLN A 21 11.12 -11.16 -2.14
N ALA A 22 9.95 -10.50 -2.07
CA ALA A 22 8.67 -11.04 -2.55
C ALA A 22 8.75 -11.44 -4.03
N LEU A 23 9.38 -10.57 -4.85
CA LEU A 23 9.53 -10.81 -6.30
C LEU A 23 10.45 -12.00 -6.60
N ARG A 24 11.55 -12.12 -5.83
CA ARG A 24 12.57 -13.18 -6.01
C ARG A 24 11.97 -14.58 -5.72
N GLU A 25 11.15 -14.66 -4.66
CA GLU A 25 10.51 -15.94 -4.23
C GLU A 25 9.21 -16.24 -5.03
N GLY A 26 8.73 -15.23 -5.81
CA GLY A 26 7.58 -15.43 -6.70
C GLY A 26 6.25 -15.04 -6.05
N ARG A 27 6.15 -13.77 -5.63
CA ARG A 27 4.93 -13.17 -5.01
C ARG A 27 4.62 -11.85 -5.74
N LYS A 28 3.75 -11.03 -5.11
CA LYS A 28 3.54 -9.62 -5.51
C LYS A 28 3.53 -8.73 -4.26
N VAL A 29 3.41 -7.42 -4.47
CA VAL A 29 3.36 -6.42 -3.41
C VAL A 29 2.07 -5.62 -3.55
N ASN A 30 1.09 -5.89 -2.69
CA ASN A 30 -0.16 -5.12 -2.64
C ASN A 30 0.01 -3.91 -1.73
N ILE A 31 0.15 -2.74 -2.36
CA ILE A 31 0.19 -1.42 -1.70
C ILE A 31 -1.05 -0.61 -2.11
N LEU A 32 -1.09 0.68 -1.69
CA LEU A 32 -2.19 1.61 -1.95
C LEU A 32 -2.53 1.71 -3.47
N GLY A 33 -3.58 0.96 -3.87
CA GLY A 33 -4.12 0.96 -5.25
C GLY A 33 -3.19 0.36 -6.31
N ILE A 34 -2.04 -0.20 -5.89
CA ILE A 34 -0.97 -0.68 -6.79
C ILE A 34 -0.56 -2.12 -6.40
N GLU A 35 -0.16 -2.92 -7.40
CA GLU A 35 0.37 -4.28 -7.22
C GLU A 35 1.67 -4.43 -8.03
N VAL A 36 2.77 -4.74 -7.34
CA VAL A 36 4.10 -4.93 -7.94
C VAL A 36 4.37 -6.43 -8.13
N THR A 37 4.31 -6.91 -9.39
CA THR A 37 4.64 -8.30 -9.74
C THR A 37 6.03 -8.40 -10.40
N THR A 38 6.62 -7.23 -10.78
CA THR A 38 7.92 -7.17 -11.48
C THR A 38 8.83 -6.11 -10.85
N GLU A 39 10.16 -6.23 -11.14
CA GLU A 39 11.19 -5.30 -10.66
C GLU A 39 10.98 -3.89 -11.25
N GLU A 40 10.40 -3.82 -12.47
CA GLU A 40 9.97 -2.55 -13.12
C GLU A 40 9.12 -1.73 -12.15
N GLN A 41 8.03 -2.37 -11.71
CA GLN A 41 7.04 -1.77 -10.81
C GLN A 41 7.63 -1.50 -9.43
N ALA A 42 8.64 -2.32 -9.02
CA ALA A 42 9.28 -2.27 -7.68
C ALA A 42 10.08 -0.98 -7.46
N ARG A 43 11.01 -0.71 -8.39
CA ARG A 43 11.88 0.47 -8.33
C ARG A 43 11.09 1.75 -8.58
N ARG A 44 10.03 1.65 -9.42
CA ARG A 44 9.09 2.78 -9.64
C ARG A 44 8.20 3.01 -8.41
N LEU A 45 7.92 1.93 -7.65
CA LEU A 45 7.07 1.98 -6.43
C LEU A 45 7.80 2.72 -5.29
N ILE A 46 9.09 2.38 -5.11
CA ILE A 46 9.94 3.01 -4.08
C ILE A 46 10.10 4.51 -4.35
N GLU A 47 10.47 4.87 -5.58
CA GLU A 47 10.69 6.27 -5.97
C GLU A 47 9.36 7.04 -6.03
N PHE A 48 8.24 6.30 -6.21
CA PHE A 48 6.87 6.85 -6.14
C PHE A 48 6.56 7.33 -4.71
N LEU A 49 6.60 6.41 -3.73
CA LEU A 49 6.08 6.68 -2.37
C LEU A 49 6.93 7.73 -1.63
N ARG A 50 8.26 7.66 -1.82
CA ARG A 50 9.21 8.57 -1.15
C ARG A 50 9.19 9.97 -1.81
N ARG A 51 8.44 10.10 -2.91
CA ARG A 51 8.24 11.35 -3.66
C ARG A 51 6.72 11.71 -3.73
N PHE A 52 5.87 10.85 -3.15
CA PHE A 52 4.40 11.03 -3.13
C PHE A 52 3.97 11.45 -1.71
N ILE A 53 3.30 12.61 -1.62
CA ILE A 53 2.88 13.24 -0.35
C ILE A 53 4.11 13.60 0.50
N SER B 1 -18.21 -3.98 -14.20
CA SER B 1 -18.78 -5.16 -14.83
C SER B 1 -18.66 -5.04 -16.37
N GLY B 2 -18.06 -6.06 -16.98
CA GLY B 2 -17.88 -6.14 -18.44
C GLY B 2 -16.57 -6.82 -18.77
N LEU B 3 -15.48 -6.03 -18.82
CA LEU B 3 -14.12 -6.52 -19.04
C LEU B 3 -13.11 -5.39 -18.75
N VAL B 4 -12.31 -5.57 -17.67
CA VAL B 4 -11.19 -4.68 -17.28
C VAL B 4 -11.67 -3.27 -16.83
N PRO B 5 -11.51 -2.90 -15.49
CA PRO B 5 -11.93 -1.57 -14.98
C PRO B 5 -11.00 -0.44 -15.47
N ARG B 6 -11.57 0.75 -15.67
CA ARG B 6 -10.86 1.92 -16.22
C ARG B 6 -10.60 2.94 -15.11
N GLY B 7 -9.40 3.56 -15.16
CA GLY B 7 -8.97 4.54 -14.15
C GLY B 7 -7.54 4.28 -13.70
N SER B 8 -6.62 4.18 -14.68
CA SER B 8 -5.19 3.91 -14.45
C SER B 8 -4.47 5.14 -13.85
N HIS B 9 -4.64 5.31 -12.53
CA HIS B 9 -4.09 6.45 -11.75
C HIS B 9 -4.34 6.22 -10.24
N MET B 10 -3.99 7.22 -9.41
CA MET B 10 -4.22 7.21 -7.96
C MET B 10 -4.55 8.63 -7.48
N ASP B 11 -5.74 8.78 -6.89
CA ASP B 11 -6.16 10.01 -6.18
C ASP B 11 -6.36 9.70 -4.70
N LEU B 12 -6.14 10.71 -3.84
CA LEU B 12 -6.21 10.58 -2.37
C LEU B 12 -7.65 10.19 -1.94
N GLU B 13 -8.62 10.93 -2.50
CA GLU B 13 -10.04 10.79 -2.17
C GLU B 13 -10.63 9.48 -2.74
N GLU B 14 -10.19 9.06 -3.95
CA GLU B 14 -10.72 7.82 -4.57
C GLU B 14 -10.18 6.58 -3.84
N LEU B 15 -8.98 6.71 -3.25
CA LEU B 15 -8.35 5.64 -2.45
C LEU B 15 -9.18 5.39 -1.19
N GLU B 16 -9.56 6.49 -0.50
CA GLU B 16 -10.42 6.42 0.69
C GLU B 16 -11.79 5.82 0.32
N GLU B 17 -12.39 6.36 -0.75
CA GLU B 17 -13.71 5.96 -1.24
C GLU B 17 -13.73 4.44 -1.58
N ASP B 18 -12.59 3.96 -2.12
CA ASP B 18 -12.40 2.56 -2.52
C ASP B 18 -12.33 1.64 -1.27
N LEU B 19 -11.48 2.00 -0.27
CA LEU B 19 -11.26 1.17 0.94
C LEU B 19 -12.51 1.13 1.84
N LYS B 20 -13.33 2.21 1.78
CA LYS B 20 -14.63 2.28 2.47
C LYS B 20 -15.57 1.21 1.91
N GLN B 21 -15.80 1.25 0.57
CA GLN B 21 -16.70 0.31 -0.13
C GLN B 21 -16.22 -1.14 0.03
N ALA B 22 -14.89 -1.32 0.08
CA ALA B 22 -14.24 -2.63 0.26
C ALA B 22 -14.69 -3.27 1.59
N LEU B 23 -14.61 -2.50 2.68
CA LEU B 23 -14.99 -2.96 4.03
C LEU B 23 -16.49 -3.25 4.15
N ARG B 24 -17.31 -2.52 3.34
CA ARG B 24 -18.77 -2.71 3.27
C ARG B 24 -19.12 -4.06 2.61
N GLU B 25 -18.44 -4.38 1.48
CA GLU B 25 -18.70 -5.62 0.72
C GLU B 25 -17.94 -6.83 1.33
N GLY B 26 -16.99 -6.54 2.24
CA GLY B 26 -16.31 -7.57 3.03
C GLY B 26 -14.95 -7.98 2.47
N ARG B 27 -14.37 -7.15 1.60
CA ARG B 27 -12.97 -7.29 1.14
C ARG B 27 -12.07 -6.35 1.95
N LYS B 28 -11.06 -6.91 2.64
CA LYS B 28 -10.02 -6.09 3.31
C LYS B 28 -9.04 -5.49 2.28
N VAL B 29 -8.38 -4.39 2.64
CA VAL B 29 -7.43 -3.70 1.75
C VAL B 29 -6.01 -3.90 2.25
N ASN B 30 -5.15 -4.52 1.43
CA ASN B 30 -3.75 -4.76 1.78
C ASN B 30 -2.89 -3.65 1.14
N ILE B 31 -2.11 -2.97 1.98
CA ILE B 31 -1.27 -1.81 1.59
C ILE B 31 0.17 -1.97 2.16
N LEU B 32 1.01 -0.90 2.03
CA LEU B 32 2.44 -0.93 2.41
C LEU B 32 2.66 -1.35 3.89
N GLY B 33 3.00 -2.64 4.07
CA GLY B 33 3.30 -3.23 5.40
C GLY B 33 2.12 -3.24 6.39
N ILE B 34 0.92 -2.88 5.90
CA ILE B 34 -0.32 -2.76 6.71
C ILE B 34 -1.47 -3.46 5.94
N GLU B 35 -2.56 -3.83 6.65
CA GLU B 35 -3.80 -4.30 6.00
C GLU B 35 -5.02 -3.77 6.78
N VAL B 36 -5.81 -2.90 6.11
CA VAL B 36 -7.07 -2.37 6.64
C VAL B 36 -8.14 -3.47 6.65
N THR B 37 -8.52 -3.91 7.85
CA THR B 37 -9.57 -4.93 8.06
C THR B 37 -10.80 -4.30 8.74
N THR B 38 -10.59 -3.29 9.63
CA THR B 38 -11.68 -2.55 10.30
C THR B 38 -11.76 -1.12 9.71
N GLU B 39 -12.92 -0.44 9.96
CA GLU B 39 -13.13 0.96 9.52
C GLU B 39 -12.25 1.93 10.32
N GLU B 40 -11.89 1.54 11.56
CA GLU B 40 -10.95 2.29 12.39
C GLU B 40 -9.53 2.25 11.78
N GLN B 41 -9.15 1.10 11.19
CA GLN B 41 -7.88 0.94 10.47
C GLN B 41 -7.87 1.72 9.14
N ALA B 42 -9.08 1.99 8.59
CA ALA B 42 -9.26 2.77 7.35
C ALA B 42 -8.88 4.24 7.56
N ARG B 43 -9.42 4.86 8.64
CA ARG B 43 -9.13 6.27 8.99
C ARG B 43 -7.69 6.42 9.54
N ARG B 44 -7.18 5.35 10.19
CA ARG B 44 -5.77 5.29 10.65
C ARG B 44 -4.80 5.29 9.47
N LEU B 45 -5.14 4.51 8.41
CA LEU B 45 -4.34 4.44 7.18
C LEU B 45 -4.35 5.79 6.46
N ILE B 46 -5.56 6.38 6.35
CA ILE B 46 -5.75 7.69 5.67
C ILE B 46 -4.92 8.78 6.36
N GLU B 47 -4.94 8.78 7.69
CA GLU B 47 -4.14 9.72 8.49
C GLU B 47 -2.64 9.46 8.28
N PHE B 48 -2.28 8.17 8.23
CA PHE B 48 -0.89 7.72 8.05
C PHE B 48 -0.30 8.26 6.73
N LEU B 49 -0.93 7.89 5.60
CA LEU B 49 -0.39 8.15 4.25
C LEU B 49 -0.41 9.65 3.87
N ARG B 50 -1.33 10.44 4.48
CA ARG B 50 -1.42 11.90 4.23
C ARG B 50 -0.29 12.67 4.94
N ARG B 51 0.38 12.00 5.92
CA ARG B 51 1.53 12.59 6.65
C ARG B 51 2.79 11.69 6.53
N PHE B 52 2.70 10.62 5.70
CA PHE B 52 3.83 9.70 5.43
C PHE B 52 4.47 10.05 4.08
N ILE B 53 5.71 9.58 3.87
CA ILE B 53 6.46 9.76 2.62
C ILE B 53 6.89 8.36 2.06
N SER A 1 16.68 1.67 13.02
CA SER A 1 17.82 1.75 13.96
C SER A 1 17.97 3.19 14.49
N GLY A 2 17.26 3.48 15.58
CA GLY A 2 17.25 4.82 16.20
C GLY A 2 15.94 5.09 16.90
N LEU A 3 15.94 6.01 17.88
CA LEU A 3 14.74 6.37 18.66
C LEU A 3 13.78 7.20 17.79
N VAL A 4 12.69 6.56 17.34
CA VAL A 4 11.63 7.19 16.55
C VAL A 4 10.67 7.98 17.48
N PRO A 5 9.98 9.06 16.96
CA PRO A 5 8.94 9.80 17.74
C PRO A 5 7.76 8.87 18.13
N ARG A 6 7.39 8.89 19.41
CA ARG A 6 6.34 8.01 19.99
C ARG A 6 4.96 8.27 19.34
N GLY A 7 4.44 7.24 18.65
CA GLY A 7 3.17 7.33 17.93
C GLY A 7 3.36 7.04 16.44
N SER A 8 4.61 7.11 15.96
CA SER A 8 4.95 6.93 14.52
C SER A 8 6.27 6.14 14.38
N HIS A 9 6.21 4.98 13.68
CA HIS A 9 7.39 4.16 13.37
C HIS A 9 7.23 3.53 11.97
N MET A 10 8.25 3.71 11.11
CA MET A 10 8.32 3.10 9.77
C MET A 10 9.72 3.33 9.18
N ASP A 11 10.26 2.32 8.47
CA ASP A 11 11.59 2.39 7.86
C ASP A 11 11.48 2.14 6.34
N LEU A 12 12.17 2.99 5.55
CA LEU A 12 12.12 2.98 4.08
C LEU A 12 12.95 1.82 3.48
N GLU A 13 14.13 1.54 4.07
CA GLU A 13 15.02 0.45 3.61
C GLU A 13 14.38 -0.93 3.88
N GLU A 14 13.64 -1.02 5.01
CA GLU A 14 12.87 -2.21 5.39
C GLU A 14 11.83 -2.54 4.30
N LEU A 15 11.11 -1.48 3.86
CA LEU A 15 10.08 -1.57 2.80
C LEU A 15 10.72 -2.02 1.48
N GLU A 16 11.89 -1.42 1.15
CA GLU A 16 12.59 -1.65 -0.13
C GLU A 16 13.01 -3.12 -0.28
N GLU A 17 13.77 -3.63 0.71
CA GLU A 17 14.28 -5.01 0.69
C GLU A 17 13.14 -6.04 0.85
N ASP A 18 12.03 -5.63 1.51
CA ASP A 18 10.85 -6.49 1.68
C ASP A 18 10.24 -6.84 0.31
N LEU A 19 9.95 -5.81 -0.52
CA LEU A 19 9.32 -6.00 -1.84
C LEU A 19 10.28 -6.71 -2.82
N LYS A 20 11.59 -6.41 -2.69
CA LYS A 20 12.64 -7.00 -3.54
C LYS A 20 12.77 -8.51 -3.31
N GLN A 21 12.86 -8.91 -2.02
CA GLN A 21 12.99 -10.33 -1.61
C GLN A 21 11.73 -11.13 -1.99
N ALA A 22 10.58 -10.46 -1.92
CA ALA A 22 9.27 -11.02 -2.25
C ALA A 22 9.21 -11.41 -3.73
N LEU A 23 9.64 -10.49 -4.60
CA LEU A 23 9.70 -10.73 -6.06
C LEU A 23 10.71 -11.84 -6.41
N ARG A 24 11.80 -11.93 -5.60
CA ARG A 24 12.86 -12.95 -5.78
C ARG A 24 12.36 -14.37 -5.48
N GLU A 25 11.44 -14.51 -4.52
CA GLU A 25 10.81 -15.83 -4.19
C GLU A 25 9.52 -16.05 -5.01
N GLY A 26 9.06 -14.99 -5.72
CA GLY A 26 7.94 -15.09 -6.65
C GLY A 26 6.62 -14.69 -6.01
N ARG A 27 6.58 -13.44 -5.49
CA ARG A 27 5.35 -12.83 -4.91
C ARG A 27 5.05 -11.53 -5.66
N LYS A 28 3.99 -10.81 -5.22
CA LYS A 28 3.67 -9.45 -5.70
C LYS A 28 3.50 -8.52 -4.50
N VAL A 29 3.60 -7.22 -4.76
CA VAL A 29 3.54 -6.18 -3.74
C VAL A 29 2.17 -5.51 -3.77
N ASN A 30 1.35 -5.76 -2.74
CA ASN A 30 0.01 -5.18 -2.63
C ASN A 30 0.05 -3.92 -1.76
N ILE A 31 0.03 -2.77 -2.43
CA ILE A 31 0.04 -1.43 -1.80
C ILE A 31 -1.20 -0.63 -2.24
N LEU A 32 -1.23 0.66 -1.83
CA LEU A 32 -2.31 1.62 -2.08
C LEU A 32 -2.80 1.65 -3.56
N GLY A 33 -3.81 0.80 -3.86
CA GLY A 33 -4.45 0.73 -5.19
C GLY A 33 -3.49 0.36 -6.32
N ILE A 34 -2.40 -0.34 -5.96
CA ILE A 34 -1.31 -0.75 -6.87
C ILE A 34 -0.86 -2.18 -6.49
N GLU A 35 -0.57 -3.02 -7.50
CA GLU A 35 0.00 -4.37 -7.30
C GLU A 35 1.19 -4.55 -8.26
N VAL A 36 2.39 -4.51 -7.68
CA VAL A 36 3.64 -4.73 -8.39
C VAL A 36 3.84 -6.22 -8.66
N THR A 37 3.51 -6.64 -9.89
CA THR A 37 3.70 -8.02 -10.36
C THR A 37 5.10 -8.19 -11.00
N THR A 38 5.70 -7.08 -11.46
CA THR A 38 7.05 -7.07 -12.07
C THR A 38 7.96 -6.11 -11.29
N GLU A 39 9.26 -6.45 -11.25
CA GLU A 39 10.28 -5.63 -10.55
C GLU A 39 10.52 -4.27 -11.25
N GLU A 40 10.06 -4.17 -12.51
CA GLU A 40 9.96 -2.91 -13.26
C GLU A 40 9.08 -1.93 -12.48
N GLN A 41 7.89 -2.41 -12.09
CA GLN A 41 6.92 -1.65 -11.30
C GLN A 41 7.43 -1.40 -9.86
N ALA A 42 8.37 -2.25 -9.38
CA ALA A 42 8.92 -2.17 -8.00
C ALA A 42 9.90 -1.02 -7.82
N ARG A 43 10.81 -0.85 -8.80
CA ARG A 43 11.78 0.27 -8.79
C ARG A 43 11.02 1.60 -8.99
N ARG A 44 9.95 1.55 -9.84
CA ARG A 44 9.02 2.67 -10.01
C ARG A 44 8.25 2.94 -8.71
N LEU A 45 7.89 1.87 -7.99
CA LEU A 45 7.10 1.95 -6.75
C LEU A 45 7.89 2.64 -5.66
N ILE A 46 9.16 2.21 -5.50
CA ILE A 46 10.06 2.71 -4.46
C ILE A 46 10.30 4.21 -4.62
N GLU A 47 10.68 4.63 -5.84
CA GLU A 47 10.95 6.05 -6.13
C GLU A 47 9.66 6.89 -6.05
N PHE A 48 8.50 6.25 -6.26
CA PHE A 48 7.17 6.87 -6.15
C PHE A 48 6.82 7.14 -4.68
N LEU A 49 6.91 6.09 -3.82
CA LEU A 49 6.35 6.14 -2.45
C LEU A 49 7.20 6.99 -1.50
N ARG A 50 8.51 7.13 -1.81
CA ARG A 50 9.45 7.98 -1.02
C ARG A 50 9.43 9.44 -1.51
N ARG A 51 8.69 9.71 -2.59
CA ARG A 51 8.63 11.02 -3.27
C ARG A 51 7.20 11.62 -3.20
N PHE A 52 6.19 10.73 -3.10
CA PHE A 52 4.77 11.11 -3.12
C PHE A 52 4.17 10.85 -1.73
N ILE A 53 3.65 11.93 -1.14
CA ILE A 53 3.04 11.90 0.20
C ILE A 53 1.76 11.05 0.23
N SER B 1 -7.68 -12.49 -20.09
CA SER B 1 -8.96 -12.29 -20.78
C SER B 1 -9.74 -11.08 -20.19
N GLY B 2 -9.06 -10.30 -19.33
CA GLY B 2 -9.66 -9.12 -18.70
C GLY B 2 -8.65 -8.37 -17.85
N LEU B 3 -7.56 -7.93 -18.50
CA LEU B 3 -6.44 -7.24 -17.82
C LEU B 3 -6.43 -5.75 -18.23
N VAL B 4 -6.86 -4.88 -17.31
CA VAL B 4 -6.96 -3.42 -17.51
C VAL B 4 -6.30 -2.67 -16.31
N PRO B 5 -5.08 -2.08 -16.51
CA PRO B 5 -4.48 -1.15 -15.51
C PRO B 5 -5.20 0.21 -15.48
N ARG B 6 -5.26 0.84 -14.30
CA ARG B 6 -5.84 2.18 -14.14
C ARG B 6 -4.79 3.22 -14.57
N GLY B 7 -4.81 3.57 -15.88
CA GLY B 7 -3.84 4.49 -16.48
C GLY B 7 -4.11 5.95 -16.14
N SER B 8 -3.87 6.30 -14.88
CA SER B 8 -4.14 7.63 -14.32
C SER B 8 -3.22 7.88 -13.10
N HIS B 9 -3.27 9.10 -12.56
CA HIS B 9 -2.42 9.51 -11.42
C HIS B 9 -3.05 9.05 -10.09
N MET B 10 -2.32 8.16 -9.38
CA MET B 10 -2.77 7.63 -8.07
C MET B 10 -2.57 8.71 -6.99
N ASP B 11 -3.63 9.53 -6.77
CA ASP B 11 -3.63 10.63 -5.78
C ASP B 11 -4.19 10.15 -4.43
N LEU B 12 -4.16 11.07 -3.46
CA LEU B 12 -4.68 10.85 -2.10
C LEU B 12 -6.21 10.82 -2.08
N GLU B 13 -6.84 11.56 -3.01
CA GLU B 13 -8.31 11.56 -3.20
C GLU B 13 -8.76 10.21 -3.76
N GLU B 14 -7.96 9.68 -4.71
CA GLU B 14 -8.16 8.35 -5.31
C GLU B 14 -8.00 7.26 -4.23
N LEU B 15 -6.94 7.41 -3.41
CA LEU B 15 -6.57 6.48 -2.33
C LEU B 15 -7.67 6.42 -1.26
N GLU B 16 -8.13 7.62 -0.85
CA GLU B 16 -9.07 7.79 0.26
C GLU B 16 -10.46 7.23 -0.12
N GLU B 17 -10.97 7.60 -1.30
CA GLU B 17 -12.27 7.12 -1.80
C GLU B 17 -12.24 5.61 -2.06
N ASP B 18 -11.07 5.10 -2.54
CA ASP B 18 -10.88 3.67 -2.85
C ASP B 18 -11.12 2.80 -1.60
N LEU B 19 -10.48 3.18 -0.47
CA LEU B 19 -10.61 2.43 0.81
C LEU B 19 -12.00 2.61 1.44
N LYS B 20 -12.63 3.80 1.25
CA LYS B 20 -13.96 4.10 1.80
C LYS B 20 -15.05 3.23 1.15
N GLN B 21 -14.95 3.02 -0.18
CA GLN B 21 -15.87 2.17 -0.93
C GLN B 21 -15.64 0.70 -0.56
N ALA B 22 -14.34 0.32 -0.46
CA ALA B 22 -13.92 -1.05 -0.10
C ALA B 22 -14.49 -1.49 1.26
N LEU B 23 -14.39 -0.60 2.25
CA LEU B 23 -14.83 -0.87 3.64
C LEU B 23 -16.36 -0.92 3.77
N ARG B 24 -17.07 -0.07 2.99
CA ARG B 24 -18.56 0.00 3.05
C ARG B 24 -19.20 -1.30 2.47
N GLU B 25 -18.47 -1.96 1.53
CA GLU B 25 -18.89 -3.26 0.95
C GLU B 25 -18.23 -4.46 1.70
N GLY B 26 -17.61 -4.16 2.86
CA GLY B 26 -17.06 -5.20 3.77
C GLY B 26 -15.83 -5.91 3.23
N ARG B 27 -15.02 -5.19 2.44
CA ARG B 27 -13.74 -5.67 1.89
C ARG B 27 -12.57 -5.04 2.68
N LYS B 28 -11.39 -5.68 2.62
CA LYS B 28 -10.16 -5.21 3.30
C LYS B 28 -9.13 -4.67 2.29
N VAL B 29 -8.37 -3.64 2.71
CA VAL B 29 -7.39 -2.94 1.87
C VAL B 29 -5.97 -3.30 2.31
N ASN B 30 -5.09 -3.59 1.34
CA ASN B 30 -3.67 -3.93 1.58
C ASN B 30 -2.78 -2.80 1.06
N ILE B 31 -1.85 -2.33 1.91
CA ILE B 31 -1.00 -1.15 1.64
C ILE B 31 0.45 -1.40 2.12
N LEU B 32 1.30 -0.34 2.02
CA LEU B 32 2.75 -0.40 2.32
C LEU B 32 3.05 -0.95 3.74
N GLY B 33 3.32 -2.27 3.80
CA GLY B 33 3.68 -2.97 5.05
C GLY B 33 2.55 -3.04 6.09
N ILE B 34 1.35 -2.55 5.71
CA ILE B 34 0.19 -2.39 6.62
C ILE B 34 -1.05 -3.03 5.95
N GLU B 35 -2.02 -3.47 6.76
CA GLU B 35 -3.33 -3.98 6.27
C GLU B 35 -4.47 -3.27 7.05
N VAL B 36 -5.61 -3.10 6.37
CA VAL B 36 -6.81 -2.42 6.89
C VAL B 36 -8.02 -3.36 6.75
N THR B 37 -8.68 -3.67 7.87
CA THR B 37 -9.98 -4.36 7.89
C THR B 37 -11.08 -3.42 8.44
N THR B 38 -10.69 -2.48 9.33
CA THR B 38 -11.62 -1.49 9.92
C THR B 38 -11.34 -0.08 9.37
N GLU B 39 -12.37 0.79 9.43
CA GLU B 39 -12.29 2.19 8.97
C GLU B 39 -11.31 3.01 9.82
N GLU B 40 -11.13 2.60 11.10
CA GLU B 40 -10.18 3.22 12.04
C GLU B 40 -8.75 3.13 11.49
N GLN B 41 -8.35 1.91 11.07
CA GLN B 41 -7.03 1.65 10.48
C GLN B 41 -6.83 2.49 9.20
N ALA B 42 -7.91 2.56 8.37
CA ALA B 42 -7.89 3.23 7.05
C ALA B 42 -7.63 4.73 7.14
N ARG B 43 -8.40 5.41 8.02
CA ARG B 43 -8.34 6.87 8.17
C ARG B 43 -7.00 7.29 8.82
N ARG B 44 -6.46 6.42 9.70
CA ARG B 44 -5.13 6.61 10.31
C ARG B 44 -4.01 6.35 9.28
N LEU B 45 -4.27 5.42 8.34
CA LEU B 45 -3.30 5.00 7.32
C LEU B 45 -3.14 6.10 6.26
N ILE B 46 -4.27 6.57 5.70
CA ILE B 46 -4.30 7.62 4.69
C ILE B 46 -3.70 8.92 5.30
N GLU B 47 -4.00 9.15 6.61
CA GLU B 47 -3.43 10.24 7.41
C GLU B 47 -1.89 10.13 7.51
N PHE B 48 -1.44 8.90 7.78
CA PHE B 48 -0.02 8.59 8.00
C PHE B 48 0.81 8.91 6.75
N LEU B 49 0.48 8.26 5.62
CA LEU B 49 1.28 8.35 4.38
C LEU B 49 1.22 9.76 3.75
N ARG B 50 0.08 10.47 3.93
CA ARG B 50 -0.12 11.83 3.35
C ARG B 50 0.70 12.89 4.12
N ARG B 51 1.07 12.56 5.37
CA ARG B 51 1.94 13.41 6.22
C ARG B 51 3.39 12.87 6.25
N PHE B 52 3.58 11.64 5.75
CA PHE B 52 4.90 11.01 5.56
C PHE B 52 5.56 11.60 4.29
N ILE B 53 6.84 11.23 4.04
CA ILE B 53 7.67 11.75 2.94
C ILE B 53 8.18 13.18 3.29
N SER A 1 12.37 -16.00 0.94
CA SER A 1 13.74 -15.43 0.96
C SER A 1 14.07 -14.98 2.40
N GLY A 2 13.98 -15.95 3.35
CA GLY A 2 14.10 -15.67 4.78
C GLY A 2 15.56 -15.50 5.24
N LEU A 3 15.91 -16.17 6.37
CA LEU A 3 17.25 -16.14 7.02
C LEU A 3 17.44 -14.81 7.80
N VAL A 4 17.29 -13.69 7.09
CA VAL A 4 17.37 -12.33 7.63
C VAL A 4 16.07 -11.97 8.41
N PRO A 5 16.15 -11.10 9.47
CA PRO A 5 14.96 -10.63 10.21
C PRO A 5 14.30 -9.41 9.51
N ARG A 6 13.50 -8.65 10.26
CA ARG A 6 12.93 -7.36 9.80
C ARG A 6 13.66 -6.20 10.48
N GLY A 7 13.27 -4.98 10.11
CA GLY A 7 13.81 -3.76 10.71
C GLY A 7 13.20 -3.50 12.08
N SER A 8 12.30 -2.50 12.19
CA SER A 8 11.68 -2.13 13.49
C SER A 8 10.34 -1.39 13.28
N HIS A 9 10.32 -0.47 12.31
CA HIS A 9 9.26 0.58 12.19
C HIS A 9 8.47 0.45 10.88
N MET A 10 8.70 -0.66 10.14
CA MET A 10 8.37 -0.76 8.70
C MET A 10 9.12 0.37 7.95
N ASP A 11 10.46 0.32 8.11
CA ASP A 11 11.40 1.32 7.55
C ASP A 11 11.43 1.25 6.03
N LEU A 12 11.94 2.31 5.37
CA LEU A 12 12.00 2.38 3.90
C LEU A 12 13.10 1.44 3.34
N GLU A 13 14.21 1.33 4.08
CA GLU A 13 15.29 0.37 3.78
C GLU A 13 14.74 -1.07 3.87
N GLU A 14 14.02 -1.32 4.98
CA GLU A 14 13.31 -2.59 5.24
C GLU A 14 12.26 -2.90 4.14
N LEU A 15 11.54 -1.85 3.74
CA LEU A 15 10.42 -1.92 2.77
C LEU A 15 10.94 -2.35 1.40
N GLU A 16 12.04 -1.71 0.98
CA GLU A 16 12.66 -1.95 -0.34
C GLU A 16 13.23 -3.37 -0.42
N GLU A 17 13.93 -3.82 0.63
CA GLU A 17 14.47 -5.19 0.72
C GLU A 17 13.32 -6.21 0.66
N ASP A 18 12.29 -5.98 1.48
CA ASP A 18 11.14 -6.90 1.65
C ASP A 18 10.41 -7.17 0.31
N LEU A 19 10.18 -6.09 -0.47
CA LEU A 19 9.47 -6.23 -1.76
C LEU A 19 10.34 -6.94 -2.82
N LYS A 20 11.67 -6.68 -2.81
CA LYS A 20 12.62 -7.35 -3.73
C LYS A 20 12.76 -8.85 -3.39
N GLN A 21 12.70 -9.16 -2.08
CA GLN A 21 12.72 -10.54 -1.57
C GLN A 21 11.46 -11.28 -2.02
N ALA A 22 10.32 -10.58 -1.95
CA ALA A 22 9.01 -11.12 -2.35
C ALA A 22 8.99 -11.51 -3.85
N LEU A 23 9.45 -10.60 -4.71
CA LEU A 23 9.40 -10.76 -6.18
C LEU A 23 10.30 -11.91 -6.67
N ARG A 24 11.50 -12.04 -6.07
CA ARG A 24 12.50 -13.06 -6.46
C ARG A 24 12.07 -14.49 -6.02
N GLU A 25 11.30 -14.60 -4.90
CA GLU A 25 10.75 -15.89 -4.44
C GLU A 25 9.40 -16.22 -5.15
N GLY A 26 8.87 -15.24 -5.91
CA GLY A 26 7.65 -15.44 -6.71
C GLY A 26 6.38 -15.00 -6.00
N ARG A 27 6.42 -13.77 -5.49
CA ARG A 27 5.27 -13.09 -4.84
C ARG A 27 5.02 -11.74 -5.54
N LYS A 28 4.18 -10.89 -4.92
CA LYS A 28 3.88 -9.54 -5.41
C LYS A 28 3.72 -8.59 -4.21
N VAL A 29 3.50 -7.29 -4.51
CA VAL A 29 3.30 -6.23 -3.51
C VAL A 29 1.93 -5.58 -3.75
N ASN A 30 1.03 -5.68 -2.77
CA ASN A 30 -0.28 -5.01 -2.79
C ASN A 30 -0.23 -3.77 -1.89
N ILE A 31 -0.14 -2.60 -2.53
CA ILE A 31 -0.08 -1.28 -1.86
C ILE A 31 -1.32 -0.43 -2.24
N LEU A 32 -1.32 0.85 -1.79
CA LEU A 32 -2.42 1.81 -2.02
C LEU A 32 -2.80 1.93 -3.52
N GLY A 33 -3.89 1.19 -3.89
CA GLY A 33 -4.46 1.18 -5.24
C GLY A 33 -3.52 0.67 -6.35
N ILE A 34 -2.36 0.11 -5.97
CA ILE A 34 -1.30 -0.30 -6.92
C ILE A 34 -0.82 -1.74 -6.57
N GLU A 35 -0.29 -2.45 -7.59
CA GLU A 35 0.26 -3.81 -7.43
C GLU A 35 1.60 -3.91 -8.19
N VAL A 36 2.53 -4.70 -7.64
CA VAL A 36 3.90 -4.87 -8.15
C VAL A 36 4.20 -6.37 -8.28
N THR A 37 4.13 -6.91 -9.50
CA THR A 37 4.51 -8.31 -9.80
C THR A 37 5.97 -8.42 -10.31
N THR A 38 6.55 -7.29 -10.78
CA THR A 38 7.95 -7.26 -11.30
C THR A 38 8.79 -6.19 -10.59
N GLU A 39 10.12 -6.33 -10.66
CA GLU A 39 11.08 -5.37 -10.08
C GLU A 39 11.09 -4.02 -10.82
N GLU A 40 10.57 -4.01 -12.06
CA GLU A 40 10.35 -2.76 -12.82
C GLU A 40 9.22 -1.94 -12.19
N GLN A 41 8.15 -2.62 -11.77
CA GLN A 41 7.06 -1.99 -11.01
C GLN A 41 7.55 -1.58 -9.60
N ALA A 42 8.52 -2.33 -9.05
CA ALA A 42 9.08 -2.12 -7.70
C ALA A 42 9.92 -0.84 -7.62
N ARG A 43 10.81 -0.63 -8.60
CA ARG A 43 11.65 0.57 -8.69
C ARG A 43 10.77 1.82 -8.94
N ARG A 44 9.70 1.65 -9.75
CA ARG A 44 8.69 2.70 -10.01
C ARG A 44 7.85 3.02 -8.75
N LEU A 45 7.59 1.97 -7.95
CA LEU A 45 6.75 2.09 -6.72
C LEU A 45 7.55 2.78 -5.61
N ILE A 46 8.84 2.44 -5.51
CA ILE A 46 9.77 3.00 -4.53
C ILE A 46 9.94 4.51 -4.74
N GLU A 47 10.22 4.90 -5.99
CA GLU A 47 10.43 6.30 -6.35
C GLU A 47 9.13 7.12 -6.26
N PHE A 48 7.98 6.42 -6.44
CA PHE A 48 6.63 6.99 -6.27
C PHE A 48 6.38 7.38 -4.80
N LEU A 49 6.59 6.42 -3.87
CA LEU A 49 6.19 6.60 -2.45
C LEU A 49 7.07 7.62 -1.72
N ARG A 50 8.36 7.71 -2.15
CA ARG A 50 9.32 8.67 -1.59
C ARG A 50 9.12 10.08 -2.19
N ARG A 51 8.28 10.17 -3.24
CA ARG A 51 7.90 11.44 -3.88
C ARG A 51 6.41 11.78 -3.61
N PHE A 52 5.67 10.83 -2.99
CA PHE A 52 4.23 10.99 -2.71
C PHE A 52 4.03 11.98 -1.53
N ILE A 53 3.82 13.27 -1.89
CA ILE A 53 3.64 14.38 -0.93
C ILE A 53 4.92 14.58 -0.08
N SER B 1 -2.87 -7.34 -27.42
CA SER B 1 -2.46 -5.94 -27.27
C SER B 1 -3.70 -5.04 -27.10
N GLY B 2 -3.47 -3.80 -26.61
CA GLY B 2 -4.54 -2.84 -26.37
C GLY B 2 -5.17 -3.02 -24.99
N LEU B 3 -4.34 -2.94 -23.94
CA LEU B 3 -4.79 -3.06 -22.53
C LEU B 3 -4.91 -1.65 -21.91
N VAL B 4 -5.93 -1.46 -21.05
CA VAL B 4 -6.17 -0.17 -20.36
C VAL B 4 -5.11 0.06 -19.23
N PRO B 5 -4.54 1.31 -19.11
CA PRO B 5 -3.56 1.64 -18.05
C PRO B 5 -4.21 1.72 -16.64
N ARG B 6 -4.02 0.63 -15.86
CA ARG B 6 -4.48 0.56 -14.46
C ARG B 6 -3.59 1.44 -13.56
N GLY B 7 -4.20 2.10 -12.56
CA GLY B 7 -3.48 2.99 -11.64
C GLY B 7 -3.29 4.39 -12.22
N SER B 8 -4.26 4.81 -13.05
CA SER B 8 -4.26 6.15 -13.70
C SER B 8 -4.64 7.24 -12.68
N HIS B 9 -5.37 6.83 -11.63
CA HIS B 9 -5.88 7.72 -10.58
C HIS B 9 -5.13 7.49 -9.26
N MET B 10 -4.82 8.60 -8.57
CA MET B 10 -4.26 8.59 -7.21
C MET B 10 -4.36 10.00 -6.60
N ASP B 11 -5.43 10.22 -5.83
CA ASP B 11 -5.61 11.44 -5.00
C ASP B 11 -5.81 11.01 -3.54
N LEU B 12 -5.51 11.93 -2.61
CA LEU B 12 -5.53 11.67 -1.16
C LEU B 12 -6.96 11.33 -0.69
N GLU B 13 -7.92 12.21 -1.00
CA GLU B 13 -9.31 12.06 -0.56
C GLU B 13 -10.07 11.04 -1.41
N GLU B 14 -9.62 10.85 -2.66
CA GLU B 14 -10.12 9.80 -3.57
C GLU B 14 -9.84 8.40 -2.99
N LEU B 15 -8.59 8.20 -2.53
CA LEU B 15 -8.18 6.95 -1.87
C LEU B 15 -8.95 6.76 -0.57
N GLU B 16 -9.04 7.86 0.21
CA GLU B 16 -9.70 7.90 1.54
C GLU B 16 -11.16 7.42 1.48
N GLU B 17 -11.95 7.96 0.55
CA GLU B 17 -13.36 7.60 0.39
C GLU B 17 -13.50 6.15 -0.12
N ASP B 18 -12.53 5.70 -0.94
CA ASP B 18 -12.52 4.35 -1.52
C ASP B 18 -12.24 3.27 -0.45
N LEU B 19 -11.26 3.54 0.44
CA LEU B 19 -10.86 2.57 1.49
C LEU B 19 -11.90 2.49 2.61
N LYS B 20 -12.52 3.63 2.97
CA LYS B 20 -13.60 3.67 3.98
C LYS B 20 -14.86 2.96 3.45
N GLN B 21 -15.15 3.15 2.14
CA GLN B 21 -16.23 2.45 1.42
C GLN B 21 -16.09 0.93 1.59
N ALA B 22 -14.85 0.45 1.39
CA ALA B 22 -14.49 -0.96 1.53
C ALA B 22 -14.79 -1.48 2.95
N LEU B 23 -14.42 -0.68 3.97
CA LEU B 23 -14.60 -1.07 5.39
C LEU B 23 -16.08 -1.14 5.78
N ARG B 24 -16.92 -0.31 5.13
CA ARG B 24 -18.37 -0.26 5.39
C ARG B 24 -19.10 -1.47 4.79
N GLU B 25 -18.57 -2.00 3.67
CA GLU B 25 -19.06 -3.27 3.07
C GLU B 25 -18.30 -4.48 3.66
N GLY B 26 -17.45 -4.21 4.69
CA GLY B 26 -16.82 -5.26 5.50
C GLY B 26 -15.60 -5.90 4.83
N ARG B 27 -14.76 -5.08 4.22
CA ARG B 27 -13.53 -5.51 3.51
C ARG B 27 -12.30 -5.07 4.31
N LYS B 28 -11.12 -5.42 3.79
CA LYS B 28 -9.83 -4.98 4.34
C LYS B 28 -8.95 -4.45 3.18
N VAL B 29 -8.23 -3.37 3.46
CA VAL B 29 -7.42 -2.65 2.48
C VAL B 29 -5.94 -2.97 2.73
N ASN B 30 -5.33 -3.72 1.81
CA ASN B 30 -3.91 -4.10 1.87
C ASN B 30 -3.06 -3.03 1.17
N ILE B 31 -2.31 -2.27 2.00
CA ILE B 31 -1.38 -1.22 1.56
C ILE B 31 0.04 -1.52 2.09
N LEU B 32 0.97 -0.53 1.97
CA LEU B 32 2.41 -0.69 2.31
C LEU B 32 2.64 -1.25 3.74
N GLY B 33 2.80 -2.59 3.81
CA GLY B 33 3.06 -3.32 5.08
C GLY B 33 1.90 -3.33 6.09
N ILE B 34 0.79 -2.63 5.76
CA ILE B 34 -0.34 -2.40 6.68
C ILE B 34 -1.62 -2.98 6.05
N GLU B 35 -2.53 -3.51 6.89
CA GLU B 35 -3.85 -4.00 6.45
C GLU B 35 -4.95 -3.32 7.28
N VAL B 36 -5.61 -2.34 6.67
CA VAL B 36 -6.70 -1.58 7.28
C VAL B 36 -8.00 -2.42 7.26
N THR B 37 -8.38 -2.96 8.43
CA THR B 37 -9.65 -3.70 8.60
C THR B 37 -10.73 -2.80 9.25
N THR B 38 -10.30 -1.71 9.93
CA THR B 38 -11.20 -0.79 10.66
C THR B 38 -10.95 0.67 10.25
N GLU B 39 -11.95 1.54 10.52
CA GLU B 39 -11.93 2.96 10.13
C GLU B 39 -10.88 3.75 10.92
N GLU B 40 -10.54 3.26 12.14
CA GLU B 40 -9.45 3.83 12.95
C GLU B 40 -8.12 3.68 12.21
N GLN B 41 -7.87 2.48 11.68
CA GLN B 41 -6.68 2.18 10.88
C GLN B 41 -6.66 3.01 9.59
N ALA B 42 -7.86 3.23 8.99
CA ALA B 42 -8.03 4.02 7.74
C ALA B 42 -7.64 5.49 7.94
N ARG B 43 -8.11 6.05 9.06
CA ARG B 43 -7.82 7.42 9.49
C ARG B 43 -6.30 7.62 9.65
N ARG B 44 -5.71 6.70 10.43
CA ARG B 44 -4.30 6.75 10.82
C ARG B 44 -3.38 6.41 9.64
N LEU B 45 -3.88 5.62 8.69
CA LEU B 45 -3.14 5.23 7.47
C LEU B 45 -3.14 6.37 6.46
N ILE B 46 -4.29 7.05 6.30
CA ILE B 46 -4.43 8.20 5.38
C ILE B 46 -3.50 9.34 5.80
N GLU B 47 -3.47 9.63 7.11
CA GLU B 47 -2.57 10.65 7.65
C GLU B 47 -1.12 10.15 7.67
N PHE B 48 -0.92 8.82 7.71
CA PHE B 48 0.41 8.21 7.66
C PHE B 48 1.07 8.44 6.27
N LEU B 49 0.40 7.98 5.18
CA LEU B 49 0.99 8.00 3.82
C LEU B 49 1.13 9.42 3.25
N ARG B 50 0.26 10.36 3.69
CA ARG B 50 0.37 11.78 3.29
C ARG B 50 1.60 12.45 3.95
N ARG B 51 2.13 11.79 5.00
CA ARG B 51 3.29 12.25 5.79
C ARG B 51 4.49 11.25 5.67
N PHE B 52 4.30 10.13 4.94
CA PHE B 52 5.32 9.06 4.85
C PHE B 52 6.19 9.26 3.58
N ILE B 53 7.24 10.08 3.74
CA ILE B 53 8.31 10.27 2.74
C ILE B 53 9.66 10.45 3.48
N SER A 1 -10.40 -9.81 13.24
CA SER A 1 -9.31 -9.32 14.12
C SER A 1 -7.99 -9.25 13.32
N GLY A 2 -7.59 -8.02 12.96
CA GLY A 2 -6.34 -7.78 12.22
C GLY A 2 -5.69 -6.49 12.68
N LEU A 3 -5.62 -6.32 14.01
CA LEU A 3 -5.10 -5.09 14.65
C LEU A 3 -3.56 -5.12 14.63
N VAL A 4 -2.99 -4.75 13.45
CA VAL A 4 -1.53 -4.69 13.25
C VAL A 4 -1.00 -3.31 13.72
N PRO A 5 0.35 -3.17 14.03
CA PRO A 5 0.99 -1.87 14.36
C PRO A 5 0.54 -0.71 13.42
N ARG A 6 0.18 0.42 14.05
CA ARG A 6 -0.51 1.55 13.39
C ARG A 6 0.43 2.45 12.54
N GLY A 7 1.71 2.04 12.40
CA GLY A 7 2.68 2.76 11.56
C GLY A 7 3.21 4.03 12.23
N SER A 8 4.02 3.84 13.29
CA SER A 8 4.70 4.93 14.02
C SER A 8 6.18 4.98 13.60
N HIS A 9 6.92 3.90 13.88
CA HIS A 9 8.33 3.73 13.47
C HIS A 9 8.38 2.67 12.35
N MET A 10 8.40 3.13 11.10
CA MET A 10 8.40 2.27 9.92
C MET A 10 9.60 2.65 9.04
N ASP A 11 10.53 1.70 8.83
CA ASP A 11 11.73 1.93 8.01
C ASP A 11 11.42 1.65 6.54
N LEU A 12 11.73 2.61 5.65
CA LEU A 12 11.55 2.44 4.19
C LEU A 12 12.54 1.39 3.65
N GLU A 13 13.74 1.35 4.22
CA GLU A 13 14.79 0.37 3.86
C GLU A 13 14.29 -1.08 4.07
N GLU A 14 13.38 -1.24 5.05
CA GLU A 14 12.72 -2.53 5.34
C GLU A 14 11.77 -2.91 4.20
N LEU A 15 11.02 -1.90 3.67
CA LEU A 15 10.05 -2.09 2.56
C LEU A 15 10.80 -2.30 1.23
N GLU A 16 11.97 -1.67 1.12
CA GLU A 16 12.86 -1.73 -0.05
C GLU A 16 13.34 -3.16 -0.29
N GLU A 17 13.86 -3.77 0.78
CA GLU A 17 14.30 -5.17 0.77
C GLU A 17 13.09 -6.13 0.77
N ASP A 18 11.95 -5.67 1.31
CA ASP A 18 10.69 -6.47 1.38
C ASP A 18 10.13 -6.76 -0.03
N LEU A 19 10.11 -5.74 -0.89
CA LEU A 19 9.64 -5.90 -2.28
C LEU A 19 10.65 -6.73 -3.09
N LYS A 20 11.95 -6.51 -2.84
CA LYS A 20 13.05 -7.26 -3.52
C LYS A 20 13.04 -8.77 -3.18
N GLN A 21 12.81 -9.10 -1.90
CA GLN A 21 12.80 -10.52 -1.47
C GLN A 21 11.54 -11.21 -2.02
N ALA A 22 10.44 -10.43 -2.16
CA ALA A 22 9.21 -10.89 -2.79
C ALA A 22 9.44 -11.23 -4.27
N LEU A 23 10.18 -10.33 -4.99
CA LEU A 23 10.49 -10.50 -6.43
C LEU A 23 11.18 -11.86 -6.71
N ARG A 24 12.28 -12.13 -5.97
CA ARG A 24 13.11 -13.32 -6.18
C ARG A 24 12.35 -14.64 -5.88
N GLU A 25 11.46 -14.62 -4.85
CA GLU A 25 10.65 -15.81 -4.51
C GLU A 25 9.31 -15.83 -5.29
N GLY A 26 9.08 -14.80 -6.13
CA GLY A 26 7.91 -14.75 -7.01
C GLY A 26 6.60 -14.44 -6.28
N ARG A 27 6.58 -13.29 -5.59
CA ARG A 27 5.43 -12.81 -4.81
C ARG A 27 5.10 -11.37 -5.22
N LYS A 28 3.80 -11.06 -5.27
CA LYS A 28 3.31 -9.73 -5.62
C LYS A 28 3.16 -8.86 -4.35
N VAL A 29 3.33 -7.54 -4.52
CA VAL A 29 3.21 -6.58 -3.41
C VAL A 29 1.87 -5.84 -3.59
N ASN A 30 0.99 -5.91 -2.59
CA ASN A 30 -0.29 -5.18 -2.61
C ASN A 30 -0.16 -3.91 -1.77
N ILE A 31 -0.11 -2.76 -2.46
CA ILE A 31 0.06 -1.43 -1.84
C ILE A 31 -1.05 -0.48 -2.27
N LEU A 32 -0.98 0.78 -1.79
CA LEU A 32 -1.98 1.83 -2.02
C LEU A 32 -2.32 2.02 -3.53
N GLY A 33 -3.39 1.34 -3.94
CA GLY A 33 -3.94 1.42 -5.30
C GLY A 33 -3.08 0.74 -6.39
N ILE A 34 -1.97 0.11 -5.97
CA ILE A 34 -0.94 -0.46 -6.89
C ILE A 34 -0.65 -1.93 -6.51
N GLU A 35 -0.22 -2.74 -7.49
CA GLU A 35 0.23 -4.13 -7.27
C GLU A 35 1.51 -4.39 -8.09
N VAL A 36 2.56 -4.80 -7.40
CA VAL A 36 3.87 -5.08 -7.98
C VAL A 36 4.02 -6.59 -8.23
N THR A 37 3.69 -7.02 -9.45
CA THR A 37 3.96 -8.39 -9.91
C THR A 37 5.34 -8.47 -10.62
N THR A 38 5.86 -7.33 -11.11
CA THR A 38 7.14 -7.27 -11.86
C THR A 38 8.14 -6.30 -11.19
N GLU A 39 9.44 -6.52 -11.44
CA GLU A 39 10.55 -5.75 -10.84
C GLU A 39 10.51 -4.25 -11.24
N GLU A 40 10.00 -3.98 -12.45
CA GLU A 40 9.84 -2.60 -12.96
C GLU A 40 8.87 -1.80 -12.06
N GLN A 41 7.80 -2.47 -11.59
CA GLN A 41 6.79 -1.87 -10.70
C GLN A 41 7.35 -1.71 -9.27
N ALA A 42 8.35 -2.54 -8.91
CA ALA A 42 8.98 -2.55 -7.57
C ALA A 42 9.88 -1.33 -7.36
N ARG A 43 10.70 -1.03 -8.37
CA ARG A 43 11.56 0.16 -8.35
C ARG A 43 10.71 1.42 -8.49
N ARG A 44 9.58 1.32 -9.25
CA ARG A 44 8.59 2.40 -9.38
C ARG A 44 7.77 2.59 -8.10
N LEU A 45 7.63 1.52 -7.29
CA LEU A 45 6.95 1.58 -5.98
C LEU A 45 7.74 2.56 -5.08
N ILE A 46 9.05 2.29 -4.98
CA ILE A 46 9.98 3.09 -4.16
C ILE A 46 10.05 4.54 -4.62
N GLU A 47 10.37 4.74 -5.91
CA GLU A 47 10.71 6.08 -6.43
C GLU A 47 9.48 7.01 -6.47
N PHE A 48 8.27 6.42 -6.54
CA PHE A 48 7.01 7.19 -6.49
C PHE A 48 6.68 7.60 -5.04
N LEU A 49 6.83 6.65 -4.07
CA LEU A 49 6.37 6.89 -2.67
C LEU A 49 7.26 7.92 -1.96
N ARG A 50 8.56 7.91 -2.31
CA ARG A 50 9.58 8.82 -1.75
C ARG A 50 9.44 10.24 -2.36
N ARG A 51 8.67 10.32 -3.45
CA ARG A 51 8.32 11.58 -4.14
C ARG A 51 6.88 12.02 -3.78
N PHE A 52 6.08 11.07 -3.25
CA PHE A 52 4.64 11.26 -2.98
C PHE A 52 4.41 12.21 -1.79
N ILE A 53 3.43 13.14 -1.97
CA ILE A 53 3.08 14.20 -1.01
C ILE A 53 4.31 15.06 -0.62
N SER B 1 -10.43 -10.45 -19.05
CA SER B 1 -11.73 -11.07 -18.86
C SER B 1 -12.73 -10.10 -18.19
N GLY B 2 -12.18 -9.11 -17.46
CA GLY B 2 -12.97 -8.09 -16.77
C GLY B 2 -12.11 -7.20 -15.89
N LEU B 3 -10.88 -6.94 -16.36
CA LEU B 3 -9.86 -6.17 -15.61
C LEU B 3 -10.05 -4.68 -15.89
N VAL B 4 -10.45 -3.91 -14.85
CA VAL B 4 -10.68 -2.46 -14.97
C VAL B 4 -9.40 -1.65 -14.59
N PRO B 5 -8.76 -0.93 -15.57
CA PRO B 5 -7.54 -0.12 -15.31
C PRO B 5 -7.89 1.23 -14.63
N ARG B 6 -6.97 1.73 -13.80
CA ARG B 6 -7.14 2.99 -13.04
C ARG B 6 -5.77 3.58 -12.65
N GLY B 7 -4.76 3.38 -13.54
CA GLY B 7 -3.40 3.91 -13.32
C GLY B 7 -3.26 5.35 -13.80
N SER B 8 -4.18 6.21 -13.34
CA SER B 8 -4.28 7.61 -13.74
C SER B 8 -5.16 8.36 -12.73
N HIS B 9 -4.92 9.69 -12.60
CA HIS B 9 -5.59 10.56 -11.60
C HIS B 9 -5.28 10.10 -10.16
N MET B 10 -4.04 9.61 -9.96
CA MET B 10 -3.54 9.22 -8.63
C MET B 10 -3.47 10.46 -7.71
N ASP B 11 -4.23 10.44 -6.61
CA ASP B 11 -4.35 11.59 -5.71
C ASP B 11 -4.67 11.09 -4.28
N LEU B 12 -4.53 12.00 -3.30
CA LEU B 12 -4.79 11.71 -1.87
C LEU B 12 -6.31 11.58 -1.62
N GLU B 13 -7.12 12.33 -2.41
CA GLU B 13 -8.60 12.26 -2.38
C GLU B 13 -9.08 10.85 -2.80
N GLU B 14 -8.36 10.27 -3.80
CA GLU B 14 -8.61 8.90 -4.30
C GLU B 14 -8.42 7.86 -3.18
N LEU B 15 -7.30 8.00 -2.42
CA LEU B 15 -6.94 7.08 -1.34
C LEU B 15 -7.96 7.09 -0.20
N GLU B 16 -8.44 8.30 0.15
CA GLU B 16 -9.44 8.49 1.21
C GLU B 16 -10.72 7.71 0.87
N GLU B 17 -11.27 7.99 -0.32
CA GLU B 17 -12.52 7.37 -0.79
C GLU B 17 -12.36 5.84 -0.94
N ASP B 18 -11.16 5.41 -1.39
CA ASP B 18 -10.84 3.99 -1.60
C ASP B 18 -10.98 3.19 -0.29
N LEU B 19 -10.28 3.64 0.78
CA LEU B 19 -10.26 2.92 2.07
C LEU B 19 -11.65 2.90 2.73
N LYS B 20 -12.43 3.96 2.48
CA LYS B 20 -13.83 4.06 2.96
C LYS B 20 -14.70 2.96 2.32
N GLN B 21 -14.59 2.82 0.98
CA GLN B 21 -15.38 1.85 0.20
C GLN B 21 -15.03 0.40 0.60
N ALA B 22 -13.73 0.16 0.86
CA ALA B 22 -13.22 -1.17 1.25
C ALA B 22 -13.81 -1.60 2.61
N LEU B 23 -13.80 -0.67 3.58
CA LEU B 23 -14.37 -0.91 4.92
C LEU B 23 -15.90 -1.12 4.85
N ARG B 24 -16.57 -0.40 3.92
CA ARG B 24 -18.04 -0.50 3.70
C ARG B 24 -18.44 -1.92 3.21
N GLU B 25 -17.67 -2.45 2.24
CA GLU B 25 -17.95 -3.76 1.61
C GLU B 25 -17.40 -4.93 2.46
N GLY B 26 -16.83 -4.60 3.64
CA GLY B 26 -16.41 -5.61 4.62
C GLY B 26 -14.98 -6.10 4.41
N ARG B 27 -14.30 -5.54 3.40
CA ARG B 27 -12.90 -5.86 3.08
C ARG B 27 -11.94 -4.94 3.84
N LYS B 28 -10.65 -5.21 3.66
CA LYS B 28 -9.56 -4.38 4.20
C LYS B 28 -8.77 -3.73 3.05
N VAL B 29 -7.81 -2.88 3.42
CA VAL B 29 -6.86 -2.28 2.46
C VAL B 29 -5.47 -2.80 2.81
N ASN B 30 -4.81 -3.47 1.87
CA ASN B 30 -3.44 -3.98 2.08
C ASN B 30 -2.46 -3.00 1.40
N ILE B 31 -1.49 -2.50 2.18
CA ILE B 31 -0.55 -1.45 1.77
C ILE B 31 0.87 -1.77 2.25
N LEU B 32 1.81 -0.81 2.02
CA LEU B 32 3.25 -0.97 2.29
C LEU B 32 3.53 -1.34 3.77
N GLY B 33 3.64 -2.66 4.00
CA GLY B 33 3.95 -3.23 5.32
C GLY B 33 2.84 -3.11 6.37
N ILE B 34 1.67 -2.58 5.97
CA ILE B 34 0.52 -2.30 6.88
C ILE B 34 -0.77 -2.88 6.24
N GLU B 35 -1.81 -3.15 7.04
CA GLU B 35 -3.14 -3.56 6.53
C GLU B 35 -4.26 -2.89 7.36
N VAL B 36 -4.99 -1.98 6.70
CA VAL B 36 -6.15 -1.29 7.26
C VAL B 36 -7.37 -2.23 7.33
N THR B 37 -7.56 -2.89 8.49
CA THR B 37 -8.75 -3.72 8.74
C THR B 37 -9.83 -2.90 9.46
N THR B 38 -9.43 -1.78 10.11
CA THR B 38 -10.33 -0.90 10.90
C THR B 38 -10.22 0.57 10.45
N GLU B 39 -11.22 1.37 10.87
CA GLU B 39 -11.30 2.82 10.59
C GLU B 39 -10.17 3.59 11.29
N GLU B 40 -9.73 3.08 12.46
CA GLU B 40 -8.60 3.64 13.20
C GLU B 40 -7.29 3.47 12.41
N GLN B 41 -7.10 2.29 11.83
CA GLN B 41 -5.93 1.99 10.98
C GLN B 41 -6.02 2.76 9.63
N ALA B 42 -7.25 3.15 9.23
CA ALA B 42 -7.51 3.97 8.02
C ALA B 42 -6.99 5.41 8.20
N ARG B 43 -7.34 6.03 9.34
CA ARG B 43 -6.87 7.41 9.67
C ARG B 43 -5.36 7.40 9.96
N ARG B 44 -4.86 6.26 10.48
CA ARG B 44 -3.43 6.04 10.75
C ARG B 44 -2.64 5.90 9.45
N LEU B 45 -3.24 5.25 8.43
CA LEU B 45 -2.62 5.12 7.10
C LEU B 45 -2.55 6.48 6.41
N ILE B 46 -3.67 7.23 6.49
CA ILE B 46 -3.80 8.56 5.89
C ILE B 46 -2.70 9.49 6.40
N GLU B 47 -2.59 9.63 7.74
CA GLU B 47 -1.60 10.52 8.37
C GLU B 47 -0.17 10.03 8.09
N PHE B 48 -0.03 8.69 7.96
CA PHE B 48 1.27 8.05 7.72
C PHE B 48 1.82 8.45 6.33
N LEU B 49 1.08 8.10 5.27
CA LEU B 49 1.57 8.26 3.87
C LEU B 49 1.73 9.73 3.46
N ARG B 50 0.94 10.62 4.09
CA ARG B 50 0.98 12.07 3.78
C ARG B 50 2.10 12.79 4.58
N ARG B 51 2.65 12.11 5.60
CA ARG B 51 3.77 12.67 6.42
C ARG B 51 5.03 11.78 6.35
N PHE B 52 4.99 10.67 5.57
CA PHE B 52 6.12 9.73 5.43
C PHE B 52 6.50 9.53 3.96
N ILE B 53 7.81 9.48 3.72
CA ILE B 53 8.41 9.13 2.42
C ILE B 53 9.66 8.24 2.66
N SER A 1 5.13 -19.80 15.50
CA SER A 1 3.68 -20.07 15.43
C SER A 1 2.90 -18.73 15.54
N GLY A 2 3.13 -18.00 16.64
CA GLY A 2 2.52 -16.70 16.86
C GLY A 2 3.19 -15.60 16.04
N LEU A 3 2.72 -15.41 14.80
CA LEU A 3 3.23 -14.38 13.88
C LEU A 3 2.94 -12.96 14.43
N VAL A 4 4.02 -12.24 14.81
CA VAL A 4 3.92 -10.87 15.34
C VAL A 4 3.80 -9.84 14.19
N PRO A 5 2.72 -8.99 14.16
CA PRO A 5 2.59 -7.88 13.20
C PRO A 5 3.72 -6.84 13.39
N ARG A 6 4.77 -6.97 12.55
CA ARG A 6 5.94 -6.09 12.57
C ARG A 6 5.69 -4.86 11.70
N GLY A 7 5.01 -3.85 12.29
CA GLY A 7 4.65 -2.62 11.58
C GLY A 7 4.43 -1.46 12.55
N SER A 8 5.39 -1.27 13.47
CA SER A 8 5.37 -0.15 14.43
C SER A 8 5.74 1.16 13.69
N HIS A 9 6.86 1.10 12.95
CA HIS A 9 7.30 2.16 12.03
C HIS A 9 7.91 1.50 10.79
N MET A 10 7.31 1.76 9.63
CA MET A 10 7.76 1.19 8.35
C MET A 10 8.73 2.18 7.68
N ASP A 11 9.92 1.70 7.26
CA ASP A 11 10.93 2.52 6.57
C ASP A 11 11.05 2.11 5.11
N LEU A 12 11.73 2.95 4.31
CA LEU A 12 11.86 2.77 2.85
C LEU A 12 12.80 1.62 2.51
N GLU A 13 13.81 1.42 3.39
CA GLU A 13 14.80 0.36 3.26
C GLU A 13 14.13 -0.99 3.54
N GLU A 14 13.22 -0.98 4.52
CA GLU A 14 12.43 -2.14 4.95
C GLU A 14 11.38 -2.51 3.88
N LEU A 15 10.74 -1.48 3.31
CA LEU A 15 9.73 -1.62 2.24
C LEU A 15 10.40 -2.17 0.97
N GLU A 16 11.62 -1.67 0.71
CA GLU A 16 12.44 -2.08 -0.43
C GLU A 16 12.77 -3.58 -0.33
N GLU A 17 13.34 -4.00 0.80
CA GLU A 17 13.74 -5.40 1.01
C GLU A 17 12.51 -6.34 1.07
N ASP A 18 11.35 -5.78 1.48
CA ASP A 18 10.07 -6.51 1.54
C ASP A 18 9.60 -6.92 0.13
N LEU A 19 9.57 -5.95 -0.81
CA LEU A 19 9.19 -6.23 -2.21
C LEU A 19 10.26 -7.11 -2.89
N LYS A 20 11.55 -6.88 -2.55
CA LYS A 20 12.70 -7.63 -3.12
C LYS A 20 12.63 -9.12 -2.78
N GLN A 21 12.30 -9.45 -1.51
CA GLN A 21 12.23 -10.85 -1.06
C GLN A 21 11.03 -11.58 -1.72
N ALA A 22 9.93 -10.82 -1.93
CA ALA A 22 8.75 -11.32 -2.66
C ALA A 22 9.09 -11.61 -4.14
N LEU A 23 9.88 -10.71 -4.75
CA LEU A 23 10.27 -10.80 -6.18
C LEU A 23 11.22 -12.00 -6.44
N ARG A 24 12.15 -12.26 -5.49
CA ARG A 24 13.17 -13.31 -5.66
C ARG A 24 12.58 -14.72 -5.40
N GLU A 25 11.45 -14.80 -4.65
CA GLU A 25 10.67 -16.07 -4.52
C GLU A 25 9.60 -16.17 -5.63
N GLY A 26 9.62 -15.20 -6.57
CA GLY A 26 8.74 -15.21 -7.77
C GLY A 26 7.28 -14.92 -7.43
N ARG A 27 7.06 -13.93 -6.57
CA ARG A 27 5.72 -13.52 -6.09
C ARG A 27 5.56 -11.99 -6.19
N LYS A 28 4.42 -11.50 -5.68
CA LYS A 28 4.03 -10.08 -5.72
C LYS A 28 3.85 -9.51 -4.31
N VAL A 29 3.60 -8.19 -4.29
CA VAL A 29 3.28 -7.40 -3.09
C VAL A 29 2.12 -6.43 -3.44
N ASN A 30 1.55 -5.83 -2.40
CA ASN A 30 0.45 -4.87 -2.50
C ASN A 30 0.79 -3.61 -1.71
N ILE A 31 0.43 -2.45 -2.28
CA ILE A 31 0.63 -1.12 -1.68
C ILE A 31 -0.63 -0.26 -1.88
N LEU A 32 -0.56 0.98 -1.37
CA LEU A 32 -1.65 1.98 -1.45
C LEU A 32 -2.11 2.23 -2.91
N GLY A 33 -3.31 1.67 -3.23
CA GLY A 33 -4.00 1.88 -4.52
C GLY A 33 -3.36 1.17 -5.71
N ILE A 34 -2.24 0.45 -5.47
CA ILE A 34 -1.38 -0.12 -6.53
C ILE A 34 -0.96 -1.56 -6.14
N GLU A 35 -0.54 -2.35 -7.14
CA GLU A 35 0.04 -3.69 -6.94
C GLU A 35 1.34 -3.79 -7.76
N VAL A 36 2.34 -4.51 -7.21
CA VAL A 36 3.64 -4.77 -7.86
C VAL A 36 3.86 -6.28 -8.00
N THR A 37 3.97 -6.77 -9.25
CA THR A 37 4.31 -8.17 -9.55
C THR A 37 5.77 -8.30 -10.06
N THR A 38 6.30 -7.22 -10.67
CA THR A 38 7.65 -7.21 -11.31
C THR A 38 8.56 -6.15 -10.66
N GLU A 39 9.90 -6.33 -10.82
CA GLU A 39 10.92 -5.40 -10.30
C GLU A 39 10.82 -4.02 -10.97
N GLU A 40 10.38 -4.01 -12.24
CA GLU A 40 10.14 -2.76 -12.99
C GLU A 40 9.15 -1.86 -12.24
N GLN A 41 8.03 -2.46 -11.83
CA GLN A 41 6.97 -1.78 -11.06
C GLN A 41 7.48 -1.41 -9.64
N ALA A 42 8.35 -2.29 -9.09
CA ALA A 42 8.85 -2.18 -7.70
C ALA A 42 9.76 -0.95 -7.49
N ARG A 43 10.70 -0.75 -8.42
CA ARG A 43 11.65 0.38 -8.40
C ARG A 43 10.92 1.70 -8.74
N ARG A 44 9.92 1.61 -9.66
CA ARG A 44 9.01 2.74 -9.97
C ARG A 44 8.13 3.08 -8.75
N LEU A 45 7.86 2.07 -7.91
CA LEU A 45 6.99 2.21 -6.73
C LEU A 45 7.76 2.89 -5.59
N ILE A 46 9.01 2.43 -5.35
CA ILE A 46 9.83 2.90 -4.22
C ILE A 46 10.16 4.41 -4.40
N GLU A 47 10.48 4.81 -5.66
CA GLU A 47 10.66 6.22 -5.99
C GLU A 47 9.32 6.97 -5.80
N PHE A 48 8.22 6.39 -6.35
CA PHE A 48 6.85 6.98 -6.34
C PHE A 48 6.43 7.42 -4.92
N LEU A 49 6.55 6.50 -3.95
CA LEU A 49 6.06 6.73 -2.59
C LEU A 49 6.85 7.83 -1.88
N ARG A 50 8.21 7.84 -2.06
CA ARG A 50 9.04 8.91 -1.45
C ARG A 50 9.06 10.19 -2.31
N ARG A 51 8.48 10.12 -3.52
CA ARG A 51 8.36 11.25 -4.47
C ARG A 51 6.97 11.92 -4.33
N PHE A 52 6.02 11.15 -3.78
CA PHE A 52 4.65 11.60 -3.51
C PHE A 52 4.62 12.27 -2.11
N ILE A 53 3.59 13.11 -1.85
CA ILE A 53 3.46 13.89 -0.60
C ILE A 53 4.68 14.81 -0.40
N SER B 1 -13.71 -16.61 -7.16
CA SER B 1 -14.09 -15.58 -8.11
C SER B 1 -13.14 -14.37 -8.00
N GLY B 2 -12.25 -14.22 -9.00
CA GLY B 2 -11.24 -13.15 -9.03
C GLY B 2 -11.72 -11.95 -9.84
N LEU B 3 -12.50 -11.07 -9.20
CA LEU B 3 -13.05 -9.85 -9.83
C LEU B 3 -11.94 -8.79 -9.98
N VAL B 4 -11.80 -8.24 -11.22
CA VAL B 4 -10.84 -7.18 -11.52
C VAL B 4 -11.29 -5.83 -10.87
N PRO B 5 -10.43 -5.19 -10.01
CA PRO B 5 -10.79 -3.92 -9.32
C PRO B 5 -10.43 -2.67 -10.16
N ARG B 6 -10.49 -1.49 -9.51
CA ARG B 6 -10.05 -0.21 -10.09
C ARG B 6 -8.56 0.05 -9.75
N GLY B 7 -8.04 1.18 -10.27
CA GLY B 7 -6.65 1.60 -10.04
C GLY B 7 -5.97 2.06 -11.31
N SER B 8 -6.72 2.79 -12.16
CA SER B 8 -6.18 3.40 -13.40
C SER B 8 -5.44 4.72 -13.07
N HIS B 9 -5.82 5.33 -11.93
CA HIS B 9 -5.23 6.57 -11.40
C HIS B 9 -4.87 6.39 -9.91
N MET B 10 -4.24 7.42 -9.33
CA MET B 10 -3.91 7.47 -7.90
C MET B 10 -3.96 8.94 -7.42
N ASP B 11 -4.67 9.18 -6.30
CA ASP B 11 -4.79 10.52 -5.66
C ASP B 11 -5.22 10.33 -4.20
N LEU B 12 -4.98 11.34 -3.34
CA LEU B 12 -5.27 11.29 -1.90
C LEU B 12 -6.81 11.13 -1.67
N GLU B 13 -7.58 12.05 -2.28
CA GLU B 13 -9.06 12.10 -2.14
C GLU B 13 -9.72 10.90 -2.83
N GLU B 14 -9.11 10.46 -3.94
CA GLU B 14 -9.57 9.30 -4.73
C GLU B 14 -9.38 7.99 -3.93
N LEU B 15 -8.26 7.92 -3.19
CA LEU B 15 -7.93 6.76 -2.34
C LEU B 15 -8.86 6.75 -1.11
N GLU B 16 -9.14 7.97 -0.58
CA GLU B 16 -9.96 8.18 0.62
C GLU B 16 -11.43 7.76 0.38
N GLU B 17 -11.98 8.17 -0.78
CA GLU B 17 -13.37 7.85 -1.15
C GLU B 17 -13.50 6.34 -1.44
N ASP B 18 -12.46 5.76 -2.04
CA ASP B 18 -12.45 4.34 -2.47
C ASP B 18 -12.36 3.40 -1.26
N LEU B 19 -11.57 3.79 -0.22
CA LEU B 19 -11.42 2.97 1.00
C LEU B 19 -12.71 3.00 1.83
N LYS B 20 -13.40 4.17 1.84
CA LYS B 20 -14.74 4.29 2.45
C LYS B 20 -15.72 3.32 1.78
N GLN B 21 -15.76 3.43 0.44
CA GLN B 21 -16.64 2.64 -0.45
C GLN B 21 -16.53 1.12 -0.21
N ALA B 22 -15.27 0.66 -0.13
CA ALA B 22 -14.93 -0.76 0.14
C ALA B 22 -15.49 -1.21 1.50
N LEU B 23 -15.27 -0.38 2.55
CA LEU B 23 -15.73 -0.69 3.92
C LEU B 23 -17.27 -0.56 4.06
N ARG B 24 -17.89 0.28 3.19
CA ARG B 24 -19.37 0.50 3.20
C ARG B 24 -20.11 -0.78 2.80
N GLU B 25 -19.57 -1.51 1.80
CA GLU B 25 -20.14 -2.80 1.39
C GLU B 25 -19.66 -3.96 2.29
N GLY B 26 -18.55 -3.74 3.04
CA GLY B 26 -18.06 -4.70 4.04
C GLY B 26 -16.84 -5.49 3.58
N ARG B 27 -15.84 -4.76 3.06
CA ARG B 27 -14.52 -5.34 2.69
C ARG B 27 -13.45 -4.95 3.74
N LYS B 28 -12.19 -5.18 3.38
CA LYS B 28 -11.01 -4.66 4.09
C LYS B 28 -10.05 -4.10 3.01
N VAL B 29 -9.53 -2.90 3.26
CA VAL B 29 -8.67 -2.19 2.29
C VAL B 29 -7.20 -2.55 2.55
N ASN B 30 -6.59 -3.20 1.56
CA ASN B 30 -5.17 -3.56 1.60
C ASN B 30 -4.35 -2.45 0.93
N ILE B 31 -3.43 -1.86 1.73
CA ILE B 31 -2.55 -0.76 1.32
C ILE B 31 -1.08 -1.08 1.72
N LEU B 32 -0.18 -0.07 1.61
CA LEU B 32 1.27 -0.21 1.86
C LEU B 32 1.58 -0.79 3.26
N GLY B 33 1.89 -2.11 3.29
CA GLY B 33 2.29 -2.83 4.52
C GLY B 33 1.21 -2.90 5.61
N ILE B 34 -0.01 -2.44 5.28
CA ILE B 34 -1.14 -2.31 6.24
C ILE B 34 -2.42 -2.89 5.59
N GLU B 35 -3.37 -3.32 6.43
CA GLU B 35 -4.71 -3.74 6.01
C GLU B 35 -5.73 -3.13 7.00
N VAL B 36 -6.47 -2.10 6.57
CA VAL B 36 -7.48 -1.42 7.41
C VAL B 36 -8.86 -2.05 7.19
N THR B 37 -9.47 -2.51 8.28
CA THR B 37 -10.73 -3.26 8.26
C THR B 37 -11.90 -2.37 8.73
N THR B 38 -11.61 -1.41 9.65
CA THR B 38 -12.64 -0.49 10.20
C THR B 38 -12.36 0.97 9.76
N GLU B 39 -13.38 1.82 9.98
CA GLU B 39 -13.34 3.25 9.63
C GLU B 39 -12.34 4.03 10.53
N GLU B 40 -12.14 3.54 11.78
CA GLU B 40 -11.16 4.11 12.73
C GLU B 40 -9.74 3.92 12.18
N GLN B 41 -9.48 2.68 11.73
CA GLN B 41 -8.19 2.29 11.13
C GLN B 41 -7.96 3.05 9.79
N ALA B 42 -9.07 3.26 9.04
CA ALA B 42 -9.04 3.85 7.70
C ALA B 42 -8.71 5.37 7.73
N ARG B 43 -9.26 6.09 8.73
CA ARG B 43 -9.00 7.54 8.90
C ARG B 43 -7.58 7.76 9.49
N ARG B 44 -7.13 6.81 10.33
CA ARG B 44 -5.74 6.77 10.84
C ARG B 44 -4.75 6.48 9.72
N LEU B 45 -5.19 5.69 8.73
CA LEU B 45 -4.40 5.33 7.55
C LEU B 45 -4.28 6.52 6.59
N ILE B 46 -5.38 7.27 6.41
CA ILE B 46 -5.39 8.48 5.56
C ILE B 46 -4.42 9.52 6.10
N GLU B 47 -4.55 9.83 7.40
CA GLU B 47 -3.70 10.84 8.04
C GLU B 47 -2.23 10.36 8.13
N PHE B 48 -2.05 9.03 8.10
CA PHE B 48 -0.72 8.40 8.04
C PHE B 48 -0.07 8.72 6.68
N LEU B 49 -0.69 8.26 5.56
CA LEU B 49 -0.05 8.31 4.22
C LEU B 49 0.02 9.72 3.63
N ARG B 50 -0.79 10.67 4.16
CA ARG B 50 -0.74 12.09 3.72
C ARG B 50 0.37 12.86 4.46
N ARG B 51 0.95 12.21 5.49
CA ARG B 51 2.11 12.72 6.24
C ARG B 51 3.31 11.76 6.14
N PHE B 52 3.10 10.61 5.47
CA PHE B 52 4.11 9.56 5.30
C PHE B 52 4.49 9.45 3.81
N ILE B 53 5.69 8.95 3.57
CA ILE B 53 6.24 8.68 2.25
C ILE B 53 6.81 7.25 2.27
N SER A 1 16.32 -11.49 6.49
CA SER A 1 15.79 -10.15 6.82
C SER A 1 14.64 -9.81 5.85
N GLY A 2 13.64 -9.05 6.33
CA GLY A 2 12.41 -8.83 5.58
C GLY A 2 11.31 -9.79 6.05
N LEU A 3 10.19 -9.23 6.55
CA LEU A 3 9.03 -9.99 7.09
C LEU A 3 9.39 -10.81 8.36
N VAL A 4 10.53 -10.47 8.98
CA VAL A 4 11.06 -11.24 10.12
C VAL A 4 10.35 -10.85 11.44
N PRO A 5 10.25 -11.80 12.43
CA PRO A 5 9.71 -11.49 13.78
C PRO A 5 10.69 -10.59 14.54
N ARG A 6 10.15 -9.59 15.26
CA ARG A 6 10.92 -8.54 15.93
C ARG A 6 11.70 -7.67 14.91
N GLY A 7 11.07 -7.45 13.74
CA GLY A 7 11.55 -6.46 12.75
C GLY A 7 11.54 -5.04 13.31
N SER A 8 12.12 -4.08 12.57
CA SER A 8 12.31 -2.70 13.06
C SER A 8 10.96 -2.06 13.47
N HIS A 9 10.07 -1.92 12.47
CA HIS A 9 8.67 -1.47 12.64
C HIS A 9 8.06 -1.40 11.25
N MET A 10 8.48 -0.36 10.51
CA MET A 10 8.06 -0.10 9.13
C MET A 10 8.95 1.02 8.63
N ASP A 11 10.11 0.64 8.08
CA ASP A 11 11.06 1.57 7.46
C ASP A 11 10.90 1.50 5.95
N LEU A 12 11.36 2.53 5.23
CA LEU A 12 11.45 2.49 3.77
C LEU A 12 12.63 1.61 3.34
N GLU A 13 13.70 1.66 4.15
CA GLU A 13 14.91 0.84 3.97
C GLU A 13 14.56 -0.65 4.11
N GLU A 14 13.60 -0.93 5.01
CA GLU A 14 13.10 -2.27 5.30
C GLU A 14 12.10 -2.71 4.21
N LEU A 15 11.13 -1.81 3.90
CA LEU A 15 10.04 -2.09 2.91
C LEU A 15 10.62 -2.35 1.51
N GLU A 16 11.66 -1.59 1.15
CA GLU A 16 12.35 -1.72 -0.15
C GLU A 16 12.91 -3.14 -0.29
N GLU A 17 13.48 -3.65 0.80
CA GLU A 17 14.05 -5.00 0.85
C GLU A 17 12.92 -6.08 0.93
N ASP A 18 11.80 -5.75 1.61
CA ASP A 18 10.61 -6.64 1.73
C ASP A 18 10.06 -6.99 0.34
N LEU A 19 9.90 -5.95 -0.49
CA LEU A 19 9.35 -6.11 -1.85
C LEU A 19 10.38 -6.76 -2.78
N LYS A 20 11.69 -6.50 -2.55
CA LYS A 20 12.79 -7.19 -3.27
C LYS A 20 12.73 -8.72 -3.01
N GLN A 21 12.46 -9.08 -1.73
CA GLN A 21 12.28 -10.49 -1.32
C GLN A 21 11.06 -11.10 -2.03
N ALA A 22 9.96 -10.31 -2.09
CA ALA A 22 8.70 -10.72 -2.72
C ALA A 22 8.91 -11.08 -4.21
N LEU A 23 9.62 -10.19 -4.93
CA LEU A 23 9.91 -10.34 -6.37
C LEU A 23 10.64 -11.67 -6.65
N ARG A 24 11.74 -11.89 -5.91
CA ARG A 24 12.66 -13.02 -6.12
C ARG A 24 12.05 -14.37 -5.65
N GLU A 25 11.11 -14.33 -4.68
CA GLU A 25 10.41 -15.56 -4.21
C GLU A 25 9.15 -15.84 -5.06
N GLY A 26 8.77 -14.87 -5.91
CA GLY A 26 7.69 -15.05 -6.89
C GLY A 26 6.31 -14.55 -6.43
N ARG A 27 6.29 -13.79 -5.33
CA ARG A 27 5.06 -13.18 -4.78
C ARG A 27 4.98 -11.69 -5.18
N LYS A 28 3.76 -11.17 -5.37
CA LYS A 28 3.53 -9.76 -5.77
C LYS A 28 3.41 -8.85 -4.52
N VAL A 29 3.71 -7.57 -4.71
CA VAL A 29 3.73 -6.56 -3.65
C VAL A 29 2.40 -5.81 -3.66
N ASN A 30 1.65 -5.89 -2.55
CA ASN A 30 0.36 -5.20 -2.43
C ASN A 30 0.50 -3.97 -1.51
N ILE A 31 0.50 -2.80 -2.15
CA ILE A 31 0.63 -1.48 -1.51
C ILE A 31 -0.61 -0.62 -1.86
N LEU A 32 -0.57 0.67 -1.45
CA LEU A 32 -1.69 1.64 -1.63
C LEU A 32 -2.15 1.74 -3.11
N GLY A 33 -3.23 0.97 -3.43
CA GLY A 33 -3.90 0.99 -4.74
C GLY A 33 -3.05 0.48 -5.90
N ILE A 34 -1.89 -0.11 -5.58
CA ILE A 34 -0.88 -0.57 -6.58
C ILE A 34 -0.44 -2.00 -6.23
N GLU A 35 -0.06 -2.77 -7.27
CA GLU A 35 0.40 -4.16 -7.15
C GLU A 35 1.59 -4.37 -8.08
N VAL A 36 2.71 -4.79 -7.51
CA VAL A 36 3.97 -4.97 -8.22
C VAL A 36 4.22 -6.46 -8.48
N THR A 37 4.00 -6.90 -9.72
CA THR A 37 4.26 -8.28 -10.15
C THR A 37 5.68 -8.42 -10.73
N THR A 38 6.28 -7.30 -11.19
CA THR A 38 7.62 -7.27 -11.83
C THR A 38 8.50 -6.18 -11.19
N GLU A 39 9.84 -6.38 -11.22
CA GLU A 39 10.81 -5.44 -10.61
C GLU A 39 10.80 -4.06 -11.31
N GLU A 40 10.32 -4.02 -12.57
CA GLU A 40 10.16 -2.77 -13.34
C GLU A 40 9.15 -1.85 -12.62
N GLN A 41 8.05 -2.47 -12.16
CA GLN A 41 7.01 -1.78 -11.38
C GLN A 41 7.51 -1.47 -9.96
N ALA A 42 8.46 -2.28 -9.44
CA ALA A 42 9.03 -2.12 -8.08
C ALA A 42 9.92 -0.88 -7.95
N ARG A 43 10.78 -0.68 -8.97
CA ARG A 43 11.68 0.49 -9.01
C ARG A 43 10.86 1.77 -9.18
N ARG A 44 9.79 1.68 -10.01
CA ARG A 44 8.83 2.79 -10.19
C ARG A 44 8.01 3.04 -8.89
N LEU A 45 7.67 1.96 -8.18
CA LEU A 45 6.84 2.00 -6.97
C LEU A 45 7.59 2.69 -5.81
N ILE A 46 8.83 2.25 -5.58
CA ILE A 46 9.68 2.78 -4.51
C ILE A 46 9.94 4.27 -4.70
N GLU A 47 10.32 4.66 -5.93
CA GLU A 47 10.64 6.06 -6.24
C GLU A 47 9.36 6.94 -6.19
N PHE A 48 8.20 6.31 -6.46
CA PHE A 48 6.88 6.95 -6.37
C PHE A 48 6.57 7.33 -4.92
N LEU A 49 6.55 6.34 -4.01
CA LEU A 49 6.03 6.55 -2.63
C LEU A 49 7.01 7.30 -1.72
N ARG A 50 8.31 7.32 -2.10
CA ARG A 50 9.33 8.08 -1.37
C ARG A 50 9.34 9.56 -1.81
N ARG A 51 8.68 9.83 -2.97
CA ARG A 51 8.52 11.18 -3.54
C ARG A 51 7.09 11.70 -3.24
N PHE A 52 6.13 10.78 -3.15
CA PHE A 52 4.69 11.08 -3.00
C PHE A 52 4.21 10.64 -1.61
N ILE A 53 3.69 11.60 -0.85
CA ILE A 53 3.15 11.37 0.50
C ILE A 53 1.78 10.64 0.44
N SER B 1 -7.60 -12.61 -15.09
CA SER B 1 -6.63 -12.96 -14.07
C SER B 1 -7.00 -12.30 -12.73
N GLY B 2 -6.41 -12.82 -11.63
CA GLY B 2 -6.60 -12.25 -10.29
C GLY B 2 -5.54 -11.21 -9.94
N LEU B 3 -5.36 -10.25 -10.86
CA LEU B 3 -4.35 -9.18 -10.76
C LEU B 3 -5.01 -7.83 -11.02
N VAL B 4 -4.81 -6.85 -10.12
CA VAL B 4 -5.40 -5.49 -10.27
C VAL B 4 -4.50 -4.64 -11.22
N PRO B 5 -5.02 -4.20 -12.42
CA PRO B 5 -4.25 -3.36 -13.38
C PRO B 5 -3.90 -1.97 -12.80
N ARG B 6 -2.64 -1.53 -13.02
CA ARG B 6 -2.13 -0.24 -12.51
C ARG B 6 -2.28 0.85 -13.61
N GLY B 7 -3.54 1.28 -13.82
CA GLY B 7 -3.87 2.28 -14.85
C GLY B 7 -4.40 3.56 -14.23
N SER B 8 -3.59 4.16 -13.33
CA SER B 8 -3.94 5.41 -12.62
C SER B 8 -2.67 6.14 -12.18
N HIS B 9 -2.79 7.47 -11.99
CA HIS B 9 -1.71 8.31 -11.43
C HIS B 9 -1.56 8.00 -9.92
N MET B 10 -2.70 7.57 -9.32
CA MET B 10 -2.82 7.13 -7.92
C MET B 10 -2.48 8.29 -6.95
N ASP B 11 -3.45 9.18 -6.77
CA ASP B 11 -3.30 10.38 -5.94
C ASP B 11 -3.99 10.21 -4.57
N LEU B 12 -3.78 11.20 -3.68
CA LEU B 12 -4.22 11.15 -2.27
C LEU B 12 -5.75 11.35 -2.16
N GLU B 13 -6.35 12.15 -3.07
CA GLU B 13 -7.81 12.44 -3.05
C GLU B 13 -8.58 11.16 -3.37
N GLU B 14 -8.13 10.47 -4.44
CA GLU B 14 -8.72 9.20 -4.88
C GLU B 14 -8.56 8.13 -3.81
N LEU B 15 -7.34 8.02 -3.24
CA LEU B 15 -7.03 7.04 -2.18
C LEU B 15 -7.98 7.19 -0.98
N GLU B 16 -8.16 8.45 -0.53
CA GLU B 16 -8.97 8.79 0.66
C GLU B 16 -10.43 8.31 0.50
N GLU B 17 -11.08 8.73 -0.60
CA GLU B 17 -12.49 8.38 -0.87
C GLU B 17 -12.66 6.90 -1.25
N ASP B 18 -11.60 6.29 -1.81
CA ASP B 18 -11.64 4.88 -2.28
C ASP B 18 -11.57 3.91 -1.09
N LEU B 19 -10.76 4.25 -0.06
CA LEU B 19 -10.63 3.41 1.14
C LEU B 19 -11.91 3.51 2.00
N LYS B 20 -12.48 4.72 2.11
CA LYS B 20 -13.76 4.97 2.83
C LYS B 20 -14.92 4.24 2.14
N GLN B 21 -14.86 4.19 0.79
CA GLN B 21 -15.83 3.46 -0.06
C GLN B 21 -15.84 1.96 0.32
N ALA B 22 -14.63 1.37 0.33
CA ALA B 22 -14.43 -0.05 0.65
C ALA B 22 -14.94 -0.38 2.06
N LEU B 23 -14.57 0.46 3.03
CA LEU B 23 -14.89 0.23 4.45
C LEU B 23 -16.41 0.33 4.74
N ARG B 24 -17.11 1.28 4.05
CA ARG B 24 -18.56 1.50 4.27
C ARG B 24 -19.42 0.41 3.60
N GLU B 25 -18.84 -0.31 2.61
CA GLU B 25 -19.50 -1.49 1.99
C GLU B 25 -19.07 -2.81 2.65
N GLY B 26 -18.15 -2.75 3.63
CA GLY B 26 -17.75 -3.93 4.42
C GLY B 26 -16.57 -4.70 3.83
N ARG B 27 -15.65 -3.96 3.20
CA ARG B 27 -14.39 -4.49 2.62
C ARG B 27 -13.21 -3.88 3.39
N LYS B 28 -12.08 -4.62 3.50
CA LYS B 28 -10.83 -4.07 4.07
C LYS B 28 -9.99 -3.43 2.95
N VAL B 29 -8.97 -2.66 3.34
CA VAL B 29 -8.09 -1.92 2.44
C VAL B 29 -6.63 -2.29 2.74
N ASN B 30 -5.98 -2.99 1.80
CA ASN B 30 -4.55 -3.33 1.89
C ASN B 30 -3.71 -2.23 1.21
N ILE B 31 -2.88 -1.57 2.01
CA ILE B 31 -2.01 -0.46 1.58
C ILE B 31 -0.54 -0.74 1.96
N LEU B 32 0.34 0.27 1.76
CA LEU B 32 1.79 0.18 2.01
C LEU B 32 2.12 -0.28 3.47
N GLY B 33 2.39 -1.61 3.59
CA GLY B 33 2.82 -2.24 4.85
C GLY B 33 1.76 -2.29 5.95
N ILE B 34 0.51 -1.94 5.62
CA ILE B 34 -0.62 -1.82 6.59
C ILE B 34 -1.90 -2.43 5.98
N GLU B 35 -2.81 -2.94 6.85
CA GLU B 35 -4.17 -3.35 6.45
C GLU B 35 -5.21 -2.64 7.34
N VAL B 36 -5.97 -1.73 6.73
CA VAL B 36 -7.07 -0.99 7.37
C VAL B 36 -8.39 -1.77 7.23
N THR B 37 -8.92 -2.30 8.34
CA THR B 37 -10.19 -3.05 8.35
C THR B 37 -11.37 -2.13 8.81
N THR B 38 -11.04 -1.01 9.49
CA THR B 38 -12.04 -0.07 10.05
C THR B 38 -11.67 1.39 9.73
N GLU B 39 -12.67 2.30 9.70
CA GLU B 39 -12.48 3.71 9.27
C GLU B 39 -11.63 4.53 10.28
N GLU B 40 -11.58 4.07 11.53
CA GLU B 40 -10.69 4.64 12.58
C GLU B 40 -9.21 4.46 12.17
N GLN B 41 -8.88 3.27 11.61
CA GLN B 41 -7.52 2.97 11.11
C GLN B 41 -7.25 3.74 9.80
N ALA B 42 -8.34 4.08 9.08
CA ALA B 42 -8.29 4.80 7.79
C ALA B 42 -7.85 6.26 7.95
N ARG B 43 -8.42 6.96 8.95
CA ARG B 43 -8.06 8.35 9.29
C ARG B 43 -6.62 8.39 9.86
N ARG B 44 -6.24 7.32 10.59
CA ARG B 44 -4.85 7.14 11.07
C ARG B 44 -3.89 6.90 9.90
N LEU B 45 -4.36 6.16 8.87
CA LEU B 45 -3.54 5.77 7.70
C LEU B 45 -3.29 6.98 6.78
N ILE B 46 -4.36 7.75 6.49
CA ILE B 46 -4.29 8.98 5.70
C ILE B 46 -3.26 9.94 6.32
N GLU B 47 -3.39 10.13 7.64
CA GLU B 47 -2.49 11.00 8.40
C GLU B 47 -1.05 10.44 8.39
N PHE B 48 -0.94 9.10 8.48
CA PHE B 48 0.36 8.41 8.52
C PHE B 48 1.18 8.69 7.25
N LEU B 49 0.64 8.28 6.09
CA LEU B 49 1.39 8.31 4.81
C LEU B 49 1.56 9.73 4.27
N ARG B 50 0.70 10.70 4.68
CA ARG B 50 0.82 12.10 4.22
C ARG B 50 2.00 12.82 4.92
N ARG B 51 2.67 12.13 5.86
CA ARG B 51 3.93 12.58 6.48
C ARG B 51 5.06 11.54 6.27
N PHE B 52 4.67 10.26 6.16
CA PHE B 52 5.61 9.13 6.04
C PHE B 52 5.84 8.79 4.57
N ILE B 53 7.11 8.53 4.23
CA ILE B 53 7.55 8.21 2.86
C ILE B 53 8.67 7.13 2.89
N SER A 1 -1.28 -19.18 4.00
CA SER A 1 -0.62 -18.74 5.26
C SER A 1 0.20 -17.47 5.00
N GLY A 2 0.19 -16.56 5.99
CA GLY A 2 0.94 -15.29 5.91
C GLY A 2 0.44 -14.30 6.96
N LEU A 3 1.29 -13.97 7.93
CA LEU A 3 0.95 -13.03 9.03
C LEU A 3 1.61 -11.65 8.78
N VAL A 4 0.91 -10.57 9.22
CA VAL A 4 1.44 -9.21 9.14
C VAL A 4 1.95 -8.79 10.55
N PRO A 5 3.21 -8.27 10.66
CA PRO A 5 3.78 -7.80 11.93
C PRO A 5 3.29 -6.38 12.31
N ARG A 6 3.29 -6.07 13.61
CA ARG A 6 3.00 -4.73 14.14
C ARG A 6 4.32 -3.94 14.31
N GLY A 7 4.20 -2.61 14.40
CA GLY A 7 5.37 -1.74 14.56
C GLY A 7 5.00 -0.27 14.51
N SER A 8 5.82 0.57 15.16
CA SER A 8 5.60 2.03 15.21
C SER A 8 6.33 2.71 14.03
N HIS A 9 7.68 2.65 14.04
CA HIS A 9 8.52 3.30 13.01
C HIS A 9 8.41 2.53 11.69
N MET A 10 7.51 3.02 10.82
CA MET A 10 7.27 2.46 9.49
C MET A 10 8.26 3.14 8.50
N ASP A 11 9.15 2.35 7.86
CA ASP A 11 10.31 2.89 7.11
C ASP A 11 10.35 2.31 5.67
N LEU A 12 10.84 3.15 4.72
CA LEU A 12 10.85 2.85 3.27
C LEU A 12 11.99 1.91 2.85
N GLU A 13 13.13 1.96 3.56
CA GLU A 13 14.29 1.07 3.29
C GLU A 13 13.89 -0.39 3.52
N GLU A 14 13.05 -0.60 4.55
CA GLU A 14 12.50 -1.91 4.89
C GLU A 14 11.59 -2.42 3.76
N LEU A 15 10.78 -1.49 3.21
CA LEU A 15 9.88 -1.78 2.06
C LEU A 15 10.69 -2.31 0.88
N GLU A 16 11.78 -1.59 0.53
CA GLU A 16 12.63 -1.92 -0.63
C GLU A 16 13.15 -3.35 -0.54
N GLU A 17 13.81 -3.65 0.57
CA GLU A 17 14.47 -4.95 0.79
C GLU A 17 13.44 -6.10 0.84
N ASP A 18 12.26 -5.80 1.42
CA ASP A 18 11.17 -6.79 1.58
C ASP A 18 10.50 -7.13 0.25
N LEU A 19 10.29 -6.09 -0.61
CA LEU A 19 9.62 -6.30 -1.92
C LEU A 19 10.54 -7.06 -2.88
N LYS A 20 11.86 -6.77 -2.81
CA LYS A 20 12.89 -7.48 -3.63
C LYS A 20 12.86 -8.98 -3.32
N GLN A 21 12.71 -9.28 -2.02
CA GLN A 21 12.61 -10.66 -1.49
C GLN A 21 11.36 -11.36 -2.08
N ALA A 22 10.20 -10.68 -1.96
CA ALA A 22 8.90 -11.20 -2.40
C ALA A 22 8.88 -11.52 -3.92
N LEU A 23 9.41 -10.59 -4.72
CA LEU A 23 9.35 -10.67 -6.19
C LEU A 23 10.28 -11.75 -6.76
N ARG A 24 11.48 -11.92 -6.14
CA ARG A 24 12.48 -12.91 -6.60
C ARG A 24 12.04 -14.35 -6.27
N GLU A 25 11.22 -14.53 -5.22
CA GLU A 25 10.65 -15.86 -4.85
C GLU A 25 9.28 -16.08 -5.53
N GLY A 26 8.74 -15.04 -6.20
CA GLY A 26 7.52 -15.16 -6.98
C GLY A 26 6.24 -14.80 -6.22
N ARG A 27 6.21 -13.56 -5.70
CA ARG A 27 5.02 -12.97 -5.03
C ARG A 27 4.75 -11.59 -5.64
N LYS A 28 3.96 -10.77 -4.94
CA LYS A 28 3.64 -9.38 -5.34
C LYS A 28 3.59 -8.47 -4.12
N VAL A 29 3.48 -7.15 -4.38
CA VAL A 29 3.48 -6.11 -3.35
C VAL A 29 2.13 -5.38 -3.42
N ASN A 30 1.24 -5.63 -2.46
CA ASN A 30 -0.07 -4.97 -2.38
C ASN A 30 0.01 -3.73 -1.48
N ILE A 31 0.13 -2.57 -2.14
CA ILE A 31 0.14 -1.24 -1.49
C ILE A 31 -1.13 -0.46 -1.92
N LEU A 32 -1.18 0.85 -1.58
CA LEU A 32 -2.36 1.73 -1.83
C LEU A 32 -2.81 1.74 -3.32
N GLY A 33 -3.82 0.87 -3.62
CA GLY A 33 -4.42 0.77 -4.96
C GLY A 33 -3.46 0.29 -6.07
N ILE A 34 -2.30 -0.25 -5.66
CA ILE A 34 -1.22 -0.68 -6.59
C ILE A 34 -0.77 -2.11 -6.20
N GLU A 35 -0.45 -2.94 -7.21
CA GLU A 35 0.12 -4.29 -7.03
C GLU A 35 1.33 -4.48 -7.96
N VAL A 36 2.53 -4.49 -7.35
CA VAL A 36 3.81 -4.70 -8.05
C VAL A 36 4.11 -6.20 -8.15
N THR A 37 4.15 -6.73 -9.37
CA THR A 37 4.41 -8.17 -9.63
C THR A 37 5.85 -8.41 -10.16
N THR A 38 6.51 -7.34 -10.66
CA THR A 38 7.91 -7.42 -11.17
C THR A 38 8.77 -6.26 -10.63
N GLU A 39 10.10 -6.46 -10.55
CA GLU A 39 11.05 -5.49 -9.93
C GLU A 39 11.14 -4.16 -10.73
N GLU A 40 10.78 -4.19 -12.03
CA GLU A 40 10.68 -2.96 -12.85
C GLU A 40 9.59 -2.01 -12.27
N GLN A 41 8.47 -2.61 -11.85
CA GLN A 41 7.35 -1.88 -11.22
C GLN A 41 7.72 -1.48 -9.78
N ALA A 42 8.67 -2.22 -9.19
CA ALA A 42 9.14 -2.02 -7.81
C ALA A 42 10.08 -0.82 -7.68
N ARG A 43 10.90 -0.58 -8.71
CA ARG A 43 11.79 0.60 -8.74
C ARG A 43 10.97 1.86 -9.08
N ARG A 44 9.88 1.67 -9.87
CA ARG A 44 8.85 2.71 -10.10
C ARG A 44 8.08 2.98 -8.79
N LEU A 45 7.84 1.90 -8.01
CA LEU A 45 7.14 1.99 -6.71
C LEU A 45 8.00 2.71 -5.68
N ILE A 46 9.33 2.41 -5.72
CA ILE A 46 10.31 2.97 -4.77
C ILE A 46 10.39 4.48 -4.91
N GLU A 47 10.57 4.94 -6.16
CA GLU A 47 10.68 6.36 -6.45
C GLU A 47 9.35 7.09 -6.21
N PHE A 48 8.24 6.32 -6.29
CA PHE A 48 6.88 6.79 -5.96
C PHE A 48 6.71 7.00 -4.43
N LEU A 49 7.10 5.98 -3.62
CA LEU A 49 6.80 5.96 -2.16
C LEU A 49 7.71 6.93 -1.38
N ARG A 50 8.92 7.21 -1.92
CA ARG A 50 9.85 8.19 -1.34
C ARG A 50 9.42 9.64 -1.71
N ARG A 51 8.54 9.75 -2.71
CA ARG A 51 8.05 11.03 -3.24
C ARG A 51 6.54 11.20 -2.93
N PHE A 52 5.94 10.18 -2.30
CA PHE A 52 4.51 10.17 -1.93
C PHE A 52 4.24 11.22 -0.83
N ILE A 53 3.68 12.38 -1.25
CA ILE A 53 3.48 13.56 -0.39
C ILE A 53 4.83 14.11 0.08
N SER B 1 -5.01 -15.83 -20.17
CA SER B 1 -5.93 -14.69 -20.28
C SER B 1 -5.57 -13.63 -19.23
N GLY B 2 -5.11 -12.46 -19.70
CA GLY B 2 -4.91 -11.30 -18.83
C GLY B 2 -6.21 -10.54 -18.59
N LEU B 3 -6.26 -9.79 -17.48
CA LEU B 3 -7.44 -8.97 -17.11
C LEU B 3 -7.31 -7.51 -17.63
N VAL B 4 -6.27 -7.26 -18.45
CA VAL B 4 -5.93 -5.94 -19.03
C VAL B 4 -5.52 -4.91 -17.94
N PRO B 5 -4.23 -4.40 -17.95
CA PRO B 5 -3.77 -3.32 -17.03
C PRO B 5 -4.71 -2.09 -17.04
N ARG B 6 -5.44 -1.93 -15.93
CA ARG B 6 -6.46 -0.88 -15.76
C ARG B 6 -6.06 0.06 -14.59
N GLY B 7 -6.44 1.34 -14.70
CA GLY B 7 -6.04 2.35 -13.72
C GLY B 7 -4.64 2.88 -14.00
N SER B 8 -4.46 4.21 -13.89
CA SER B 8 -3.19 4.88 -14.18
C SER B 8 -3.04 6.12 -13.28
N HIS B 9 -4.07 6.97 -13.27
CA HIS B 9 -4.12 8.18 -12.44
C HIS B 9 -4.74 7.85 -11.07
N MET B 10 -3.97 7.15 -10.22
CA MET B 10 -4.38 6.79 -8.85
C MET B 10 -4.03 7.95 -7.91
N ASP B 11 -4.98 8.34 -7.05
CA ASP B 11 -4.83 9.48 -6.11
C ASP B 11 -5.37 9.12 -4.72
N LEU B 12 -5.22 10.09 -3.79
CA LEU B 12 -5.57 9.92 -2.37
C LEU B 12 -7.09 10.01 -2.12
N GLU B 13 -7.78 10.86 -2.89
CA GLU B 13 -9.23 11.11 -2.70
C GLU B 13 -10.03 9.87 -3.09
N GLU B 14 -9.64 9.24 -4.23
CA GLU B 14 -10.26 8.00 -4.70
C GLU B 14 -9.81 6.80 -3.82
N LEU B 15 -8.60 6.90 -3.23
CA LEU B 15 -8.07 5.88 -2.31
C LEU B 15 -8.96 5.75 -1.07
N GLU B 16 -9.35 6.90 -0.48
CA GLU B 16 -10.13 6.92 0.77
C GLU B 16 -11.51 6.30 0.58
N GLU B 17 -12.26 6.78 -0.45
CA GLU B 17 -13.61 6.25 -0.75
C GLU B 17 -13.57 4.76 -1.13
N ASP B 18 -12.43 4.33 -1.71
CA ASP B 18 -12.20 2.91 -2.06
C ASP B 18 -12.14 2.04 -0.80
N LEU B 19 -11.23 2.39 0.14
CA LEU B 19 -10.99 1.59 1.35
C LEU B 19 -12.21 1.62 2.30
N LYS B 20 -12.93 2.75 2.35
CA LYS B 20 -14.15 2.89 3.18
C LYS B 20 -15.30 2.01 2.63
N GLN B 21 -15.37 1.90 1.28
CA GLN B 21 -16.36 1.05 0.60
C GLN B 21 -16.05 -0.44 0.86
N ALA B 22 -14.75 -0.76 0.90
CA ALA B 22 -14.26 -2.11 1.22
C ALA B 22 -14.70 -2.51 2.64
N LEU B 23 -14.59 -1.55 3.59
CA LEU B 23 -14.97 -1.76 5.01
C LEU B 23 -16.48 -2.09 5.16
N ARG B 24 -17.34 -1.32 4.45
CA ARG B 24 -18.81 -1.43 4.60
C ARG B 24 -19.34 -2.78 4.03
N GLU B 25 -18.65 -3.33 3.00
CA GLU B 25 -18.99 -4.66 2.42
C GLU B 25 -18.31 -5.80 3.19
N GLY B 26 -17.39 -5.45 4.12
CA GLY B 26 -16.76 -6.42 5.03
C GLY B 26 -15.46 -6.99 4.49
N ARG B 27 -14.60 -6.11 3.98
CA ARG B 27 -13.32 -6.45 3.32
C ARG B 27 -12.20 -5.60 3.94
N LYS B 28 -11.08 -6.24 4.30
CA LYS B 28 -9.89 -5.53 4.80
C LYS B 28 -9.02 -5.08 3.61
N VAL B 29 -8.24 -4.00 3.81
CA VAL B 29 -7.45 -3.38 2.74
C VAL B 29 -5.95 -3.55 3.02
N ASN B 30 -5.22 -4.06 2.01
CA ASN B 30 -3.76 -4.24 2.09
C ASN B 30 -3.05 -3.05 1.43
N ILE B 31 -2.28 -2.33 2.24
CA ILE B 31 -1.49 -1.15 1.84
C ILE B 31 -0.02 -1.33 2.30
N LEU B 32 0.78 -0.24 2.20
CA LEU B 32 2.23 -0.22 2.50
C LEU B 32 2.58 -0.82 3.90
N GLY B 33 2.85 -2.15 3.93
CA GLY B 33 3.28 -2.86 5.15
C GLY B 33 2.21 -2.96 6.24
N ILE B 34 0.99 -2.51 5.90
CA ILE B 34 -0.13 -2.39 6.86
C ILE B 34 -1.38 -3.06 6.24
N GLU B 35 -2.25 -3.62 7.09
CA GLU B 35 -3.53 -4.23 6.65
C GLU B 35 -4.64 -3.75 7.60
N VAL B 36 -5.51 -2.85 7.11
CA VAL B 36 -6.57 -2.21 7.91
C VAL B 36 -7.90 -2.99 7.79
N THR B 37 -8.42 -3.47 8.94
CA THR B 37 -9.66 -4.27 9.01
C THR B 37 -10.88 -3.40 9.38
N THR B 38 -10.66 -2.40 10.28
CA THR B 38 -11.73 -1.49 10.74
C THR B 38 -11.53 -0.07 10.20
N GLU B 39 -12.58 0.76 10.35
CA GLU B 39 -12.56 2.18 9.95
C GLU B 39 -11.58 2.99 10.80
N GLU B 40 -11.44 2.57 12.08
CA GLU B 40 -10.50 3.18 13.03
C GLU B 40 -9.06 3.10 12.49
N GLN B 41 -8.70 1.91 12.00
CA GLN B 41 -7.38 1.63 11.43
C GLN B 41 -7.21 2.40 10.09
N ALA B 42 -8.30 2.44 9.30
CA ALA B 42 -8.31 3.01 7.93
C ALA B 42 -8.19 4.55 7.92
N ARG B 43 -8.80 5.22 8.91
CA ARG B 43 -8.75 6.69 9.04
C ARG B 43 -7.38 7.11 9.57
N ARG B 44 -6.82 6.30 10.51
CA ARG B 44 -5.46 6.50 11.01
C ARG B 44 -4.42 6.25 9.91
N LEU B 45 -4.75 5.33 8.98
CA LEU B 45 -3.89 4.96 7.84
C LEU B 45 -3.86 6.09 6.79
N ILE B 46 -5.04 6.61 6.44
CA ILE B 46 -5.19 7.68 5.44
C ILE B 46 -4.40 8.92 5.86
N GLU B 47 -4.61 9.34 7.12
CA GLU B 47 -3.94 10.52 7.65
C GLU B 47 -2.43 10.26 7.85
N PHE B 48 -2.05 8.98 8.08
CA PHE B 48 -0.64 8.56 8.25
C PHE B 48 0.17 8.78 6.96
N LEU B 49 -0.26 8.13 5.85
CA LEU B 49 0.51 8.14 4.59
C LEU B 49 0.50 9.51 3.92
N ARG B 50 -0.57 10.32 4.14
CA ARG B 50 -0.65 11.69 3.61
C ARG B 50 0.14 12.67 4.50
N ARG B 51 0.53 12.23 5.70
CA ARG B 51 1.38 13.00 6.65
C ARG B 51 2.84 12.49 6.61
N PHE B 52 3.04 11.35 5.93
CA PHE B 52 4.37 10.75 5.73
C PHE B 52 5.08 11.49 4.56
N ILE B 53 6.44 11.50 4.60
CA ILE B 53 7.31 12.22 3.65
C ILE B 53 7.15 13.77 3.80
N SER A 1 -8.26 -10.12 23.18
CA SER A 1 -7.46 -10.65 24.30
C SER A 1 -6.47 -11.70 23.81
N GLY A 2 -5.53 -12.11 24.70
CA GLY A 2 -4.58 -13.17 24.42
C GLY A 2 -3.49 -12.74 23.44
N LEU A 3 -3.73 -12.97 22.14
CA LEU A 3 -2.77 -12.69 21.06
C LEU A 3 -2.99 -11.27 20.51
N VAL A 4 -2.06 -10.37 20.82
CA VAL A 4 -2.02 -9.00 20.28
C VAL A 4 -0.56 -8.63 19.93
N PRO A 5 -0.29 -8.10 18.69
CA PRO A 5 1.06 -7.65 18.28
C PRO A 5 1.57 -6.46 19.15
N ARG A 6 2.28 -6.79 20.23
CA ARG A 6 2.87 -5.79 21.12
C ARG A 6 4.26 -5.39 20.58
N GLY A 7 4.31 -4.26 19.86
CA GLY A 7 5.54 -3.77 19.24
C GLY A 7 5.37 -3.60 17.74
N SER A 8 5.82 -2.45 17.22
CA SER A 8 5.69 -2.08 15.80
C SER A 8 6.83 -1.11 15.43
N HIS A 9 7.52 -1.42 14.31
CA HIS A 9 8.66 -0.61 13.82
C HIS A 9 8.71 -0.70 12.27
N MET A 10 8.24 0.36 11.61
CA MET A 10 8.22 0.48 10.15
C MET A 10 9.48 1.22 9.66
N ASP A 11 10.14 0.67 8.64
CA ASP A 11 11.32 1.30 8.00
C ASP A 11 11.13 1.29 6.47
N LEU A 12 11.62 2.35 5.79
CA LEU A 12 11.49 2.50 4.33
C LEU A 12 12.41 1.50 3.63
N GLU A 13 13.66 1.38 4.12
CA GLU A 13 14.67 0.44 3.59
C GLU A 13 14.21 -1.01 3.74
N GLU A 14 13.50 -1.29 4.85
CA GLU A 14 12.92 -2.61 5.14
C GLU A 14 11.80 -2.92 4.14
N LEU A 15 10.95 -1.90 3.86
CA LEU A 15 9.87 -2.00 2.87
C LEU A 15 10.45 -2.32 1.47
N GLU A 16 11.54 -1.61 1.11
CA GLU A 16 12.24 -1.80 -0.16
C GLU A 16 12.69 -3.24 -0.31
N GLU A 17 13.51 -3.67 0.66
CA GLU A 17 14.21 -4.95 0.58
C GLU A 17 13.22 -6.12 0.68
N ASP A 18 12.08 -5.87 1.36
CA ASP A 18 10.98 -6.83 1.50
C ASP A 18 10.32 -7.13 0.16
N LEU A 19 9.93 -6.06 -0.58
CA LEU A 19 9.21 -6.19 -1.86
C LEU A 19 10.15 -6.64 -2.99
N LYS A 20 11.44 -6.30 -2.86
CA LYS A 20 12.50 -6.78 -3.77
C LYS A 20 12.78 -8.27 -3.54
N GLN A 21 12.70 -8.68 -2.27
CA GLN A 21 12.80 -10.09 -1.86
C GLN A 21 11.57 -10.87 -2.36
N ALA A 22 10.40 -10.19 -2.36
CA ALA A 22 9.13 -10.74 -2.86
C ALA A 22 9.27 -11.13 -4.33
N LEU A 23 9.94 -10.26 -5.11
CA LEU A 23 10.22 -10.48 -6.55
C LEU A 23 10.98 -11.79 -6.77
N ARG A 24 12.18 -11.89 -6.14
CA ARG A 24 13.12 -13.02 -6.37
C ARG A 24 12.55 -14.37 -5.86
N GLU A 25 11.61 -14.33 -4.88
CA GLU A 25 10.99 -15.56 -4.34
C GLU A 25 9.70 -15.92 -5.12
N GLY A 26 9.10 -14.93 -5.80
CA GLY A 26 7.92 -15.15 -6.65
C GLY A 26 6.61 -14.75 -5.96
N ARG A 27 6.53 -13.47 -5.58
CA ARG A 27 5.35 -12.86 -4.90
C ARG A 27 5.13 -11.44 -5.45
N LYS A 28 3.97 -10.85 -5.12
CA LYS A 28 3.62 -9.47 -5.52
C LYS A 28 3.72 -8.52 -4.30
N VAL A 29 3.38 -7.24 -4.54
CA VAL A 29 3.38 -6.17 -3.54
C VAL A 29 1.99 -5.52 -3.52
N ASN A 30 1.34 -5.45 -2.36
CA ASN A 30 0.01 -4.81 -2.23
C ASN A 30 0.14 -3.52 -1.42
N ILE A 31 -0.03 -2.39 -2.12
CA ILE A 31 0.07 -1.03 -1.58
C ILE A 31 -1.21 -0.23 -1.96
N LEU A 32 -1.17 1.10 -1.68
CA LEU A 32 -2.28 2.05 -1.90
C LEU A 32 -2.86 1.99 -3.34
N GLY A 33 -3.89 1.13 -3.52
CA GLY A 33 -4.63 0.97 -4.79
C GLY A 33 -3.77 0.43 -5.96
N ILE A 34 -2.58 -0.12 -5.63
CA ILE A 34 -1.59 -0.60 -6.62
C ILE A 34 -1.11 -2.00 -6.22
N GLU A 35 -0.85 -2.87 -7.23
CA GLU A 35 -0.18 -4.16 -7.04
C GLU A 35 1.00 -4.27 -8.02
N VAL A 36 2.15 -4.77 -7.51
CA VAL A 36 3.41 -4.88 -8.25
C VAL A 36 3.86 -6.34 -8.28
N THR A 37 4.04 -6.90 -9.49
CA THR A 37 4.50 -8.27 -9.67
C THR A 37 5.96 -8.33 -10.17
N THR A 38 6.39 -7.33 -10.97
CA THR A 38 7.74 -7.32 -11.59
C THR A 38 8.65 -6.21 -11.02
N GLU A 39 9.98 -6.38 -11.22
CA GLU A 39 11.02 -5.50 -10.64
C GLU A 39 10.98 -4.08 -11.22
N GLU A 40 10.61 -3.97 -12.51
CA GLU A 40 10.42 -2.66 -13.17
C GLU A 40 9.37 -1.81 -12.42
N GLN A 41 8.26 -2.47 -12.03
CA GLN A 41 7.17 -1.84 -11.29
C GLN A 41 7.57 -1.60 -9.81
N ALA A 42 8.49 -2.45 -9.29
CA ALA A 42 8.91 -2.42 -7.87
C ALA A 42 9.85 -1.24 -7.57
N ARG A 43 10.84 -1.03 -8.45
CA ARG A 43 11.76 0.11 -8.36
C ARG A 43 10.95 1.41 -8.59
N ARG A 44 9.98 1.35 -9.53
CA ARG A 44 9.05 2.46 -9.80
C ARG A 44 8.13 2.74 -8.62
N LEU A 45 7.75 1.69 -7.88
CA LEU A 45 6.80 1.78 -6.76
C LEU A 45 7.46 2.48 -5.57
N ILE A 46 8.67 2.02 -5.24
CA ILE A 46 9.47 2.58 -4.15
C ILE A 46 9.80 4.04 -4.41
N GLU A 47 10.30 4.34 -5.62
CA GLU A 47 10.72 5.69 -5.95
C GLU A 47 9.49 6.61 -6.05
N PHE A 48 8.33 6.05 -6.49
CA PHE A 48 7.03 6.77 -6.53
C PHE A 48 6.65 7.27 -5.13
N LEU A 49 6.60 6.35 -4.15
CA LEU A 49 6.07 6.67 -2.80
C LEU A 49 7.00 7.62 -2.03
N ARG A 50 8.33 7.46 -2.23
CA ARG A 50 9.36 8.24 -1.48
C ARG A 50 9.61 9.62 -2.15
N ARG A 51 9.31 9.72 -3.46
CA ARG A 51 9.40 11.00 -4.21
C ARG A 51 8.12 11.81 -3.98
N PHE A 52 6.99 11.10 -3.86
CA PHE A 52 5.65 11.70 -3.64
C PHE A 52 5.63 12.38 -2.27
N ILE A 53 4.65 13.29 -2.04
CA ILE A 53 4.54 14.08 -0.79
C ILE A 53 5.79 14.95 -0.59
N SER B 1 -21.93 -5.87 -23.93
CA SER B 1 -20.89 -4.98 -24.41
C SER B 1 -20.90 -3.67 -23.58
N GLY B 2 -19.77 -3.37 -22.93
CA GLY B 2 -19.63 -2.15 -22.11
C GLY B 2 -18.23 -2.01 -21.55
N LEU B 3 -17.23 -2.25 -22.42
CA LEU B 3 -15.79 -2.22 -22.07
C LEU B 3 -15.33 -0.76 -21.90
N VAL B 4 -15.46 -0.22 -20.67
CA VAL B 4 -15.08 1.16 -20.33
C VAL B 4 -13.83 1.17 -19.41
N PRO B 5 -13.09 2.33 -19.30
CA PRO B 5 -12.05 2.51 -18.27
C PRO B 5 -12.62 2.41 -16.83
N ARG B 6 -12.55 1.19 -16.26
CA ARG B 6 -13.03 0.89 -14.91
C ARG B 6 -11.95 1.31 -13.89
N GLY B 7 -12.27 2.36 -13.11
CA GLY B 7 -11.29 3.07 -12.28
C GLY B 7 -11.10 4.49 -12.78
N SER B 8 -10.54 5.37 -11.94
CA SER B 8 -10.34 6.79 -12.26
C SER B 8 -8.88 7.03 -12.75
N HIS B 9 -7.93 7.00 -11.80
CA HIS B 9 -6.50 7.23 -12.05
C HIS B 9 -5.71 6.91 -10.75
N MET B 10 -5.55 7.93 -9.89
CA MET B 10 -4.76 7.89 -8.64
C MET B 10 -4.64 9.32 -8.10
N ASP B 11 -5.14 9.56 -6.89
CA ASP B 11 -5.06 10.87 -6.21
C ASP B 11 -5.02 10.64 -4.68
N LEU B 12 -4.38 11.55 -3.94
CA LEU B 12 -4.12 11.41 -2.48
C LEU B 12 -5.43 11.60 -1.67
N GLU B 13 -6.18 12.67 -2.00
CA GLU B 13 -7.44 13.02 -1.32
C GLU B 13 -8.55 12.00 -1.67
N GLU B 14 -8.54 11.57 -2.95
CA GLU B 14 -9.43 10.51 -3.46
C GLU B 14 -9.11 9.16 -2.80
N LEU B 15 -7.80 8.92 -2.53
CA LEU B 15 -7.31 7.70 -1.86
C LEU B 15 -7.96 7.59 -0.48
N GLU B 16 -7.94 8.70 0.27
CA GLU B 16 -8.56 8.81 1.60
C GLU B 16 -10.04 8.45 1.53
N GLU B 17 -10.74 9.11 0.59
CA GLU B 17 -12.19 8.92 0.38
C GLU B 17 -12.52 7.47 -0.02
N ASP B 18 -11.62 6.85 -0.79
CA ASP B 18 -11.80 5.49 -1.35
C ASP B 18 -11.65 4.43 -0.26
N LEU B 19 -10.60 4.56 0.59
CA LEU B 19 -10.32 3.59 1.68
C LEU B 19 -11.39 3.66 2.79
N LYS B 20 -12.02 4.84 2.93
CA LYS B 20 -13.21 5.02 3.78
C LYS B 20 -14.35 4.12 3.28
N GLN B 21 -14.74 4.32 1.99
CA GLN B 21 -15.87 3.62 1.36
C GLN B 21 -15.62 2.10 1.28
N ALA B 22 -14.32 1.72 1.21
CA ALA B 22 -13.88 0.32 1.24
C ALA B 22 -14.30 -0.34 2.58
N LEU B 23 -13.96 0.31 3.68
CA LEU B 23 -14.30 -0.17 5.04
C LEU B 23 -15.81 -0.16 5.29
N ARG B 24 -16.50 0.84 4.71
CA ARG B 24 -17.95 1.03 4.88
C ARG B 24 -18.77 -0.04 4.13
N GLU B 25 -18.21 -0.58 3.03
CA GLU B 25 -18.84 -1.71 2.31
C GLU B 25 -18.39 -3.06 2.92
N GLY B 26 -17.22 -3.06 3.60
CA GLY B 26 -16.65 -4.26 4.21
C GLY B 26 -15.46 -4.79 3.43
N ARG B 27 -14.42 -3.95 3.29
CA ARG B 27 -13.15 -4.28 2.61
C ARG B 27 -11.98 -3.74 3.44
N LYS B 28 -11.03 -4.61 3.81
CA LYS B 28 -9.79 -4.18 4.48
C LYS B 28 -8.79 -3.67 3.44
N VAL B 29 -8.18 -2.52 3.74
CA VAL B 29 -7.26 -1.81 2.84
C VAL B 29 -5.82 -2.31 3.07
N ASN B 30 -5.27 -3.05 2.10
CA ASN B 30 -3.88 -3.52 2.13
C ASN B 30 -2.94 -2.50 1.47
N ILE B 31 -2.00 -1.98 2.27
CA ILE B 31 -1.01 -0.96 1.87
C ILE B 31 0.40 -1.39 2.35
N LEU B 32 1.37 -0.43 2.32
CA LEU B 32 2.81 -0.64 2.64
C LEU B 32 3.05 -1.39 3.99
N GLY B 33 3.00 -2.74 3.94
CA GLY B 33 3.24 -3.61 5.11
C GLY B 33 2.14 -3.57 6.18
N ILE B 34 1.03 -2.87 5.87
CA ILE B 34 -0.08 -2.61 6.83
C ILE B 34 -1.41 -3.09 6.21
N GLU B 35 -2.37 -3.49 7.06
CA GLU B 35 -3.74 -3.85 6.62
C GLU B 35 -4.77 -3.14 7.53
N VAL B 36 -5.40 -2.08 7.00
CA VAL B 36 -6.47 -1.33 7.67
C VAL B 36 -7.78 -2.14 7.68
N THR B 37 -8.22 -2.57 8.86
CA THR B 37 -9.49 -3.30 9.03
C THR B 37 -10.63 -2.38 9.50
N THR B 38 -10.29 -1.26 10.20
CA THR B 38 -11.30 -0.31 10.76
C THR B 38 -10.96 1.15 10.40
N GLU B 39 -11.98 2.05 10.52
CA GLU B 39 -11.88 3.48 10.11
C GLU B 39 -10.87 4.27 10.98
N GLU B 40 -10.72 3.85 12.24
CA GLU B 40 -9.73 4.42 13.17
C GLU B 40 -8.30 4.15 12.65
N GLN B 41 -8.08 2.93 12.10
CA GLN B 41 -6.81 2.54 11.46
C GLN B 41 -6.59 3.32 10.16
N ALA B 42 -7.70 3.62 9.45
CA ALA B 42 -7.69 4.32 8.14
C ALA B 42 -7.15 5.74 8.27
N ARG B 43 -7.65 6.48 9.27
CA ARG B 43 -7.25 7.88 9.50
C ARG B 43 -5.80 7.97 10.03
N ARG B 44 -5.39 6.98 10.85
CA ARG B 44 -4.00 6.89 11.35
C ARG B 44 -3.01 6.53 10.21
N LEU B 45 -3.47 5.67 9.30
CA LEU B 45 -2.68 5.21 8.16
C LEU B 45 -2.63 6.27 7.05
N ILE B 46 -3.72 7.02 6.86
CA ILE B 46 -3.79 8.03 5.79
C ILE B 46 -2.88 9.22 6.19
N GLU B 47 -2.93 9.63 7.49
CA GLU B 47 -2.05 10.69 8.03
C GLU B 47 -0.58 10.23 8.04
N PHE B 48 -0.38 8.89 8.11
CA PHE B 48 0.94 8.28 8.00
C PHE B 48 1.49 8.46 6.57
N LEU B 49 0.82 7.88 5.55
CA LEU B 49 1.38 7.80 4.16
C LEU B 49 1.46 9.18 3.48
N ARG B 50 0.57 10.12 3.88
CA ARG B 50 0.49 11.47 3.28
C ARG B 50 1.57 12.40 3.87
N ARG B 51 2.30 11.90 4.89
CA ARG B 51 3.38 12.64 5.57
C ARG B 51 4.71 11.81 5.61
N PHE B 52 4.62 10.48 5.37
CA PHE B 52 5.76 9.54 5.59
C PHE B 52 6.31 9.06 4.24
N ILE B 53 7.57 9.44 3.95
CA ILE B 53 8.25 9.14 2.67
C ILE B 53 9.76 8.87 2.91
N SER A 1 -4.22 -13.08 5.16
CA SER A 1 -3.59 -11.77 5.42
C SER A 1 -2.24 -11.68 4.69
N GLY A 2 -1.74 -10.45 4.56
CA GLY A 2 -0.45 -10.18 3.94
C GLY A 2 -0.08 -8.71 4.07
N LEU A 3 1.24 -8.42 4.15
CA LEU A 3 1.76 -7.06 4.37
C LEU A 3 1.20 -6.47 5.69
N VAL A 4 1.79 -6.85 6.83
CA VAL A 4 1.36 -6.37 8.16
C VAL A 4 2.60 -5.97 8.99
N PRO A 5 2.52 -4.86 9.82
CA PRO A 5 3.63 -4.45 10.69
C PRO A 5 3.70 -5.31 11.97
N ARG A 6 4.52 -6.38 11.92
CA ARG A 6 4.71 -7.34 13.03
C ARG A 6 5.32 -6.66 14.27
N GLY A 7 6.56 -6.16 14.11
CA GLY A 7 7.28 -5.54 15.22
C GLY A 7 8.67 -5.10 14.79
N SER A 8 8.70 -4.33 13.69
CA SER A 8 9.94 -3.78 13.12
C SER A 8 9.68 -2.33 12.67
N HIS A 9 10.73 -1.49 12.73
CA HIS A 9 10.66 -0.08 12.33
C HIS A 9 10.25 0.04 10.85
N MET A 10 9.06 0.61 10.61
CA MET A 10 8.52 0.79 9.26
C MET A 10 9.23 1.95 8.57
N ASP A 11 10.14 1.61 7.62
CA ASP A 11 10.90 2.58 6.83
C ASP A 11 11.02 2.11 5.37
N LEU A 12 11.62 2.97 4.53
CA LEU A 12 11.69 2.77 3.06
C LEU A 12 12.68 1.66 2.67
N GLU A 13 13.79 1.55 3.43
CA GLU A 13 14.87 0.58 3.14
C GLU A 13 14.42 -0.85 3.51
N GLU A 14 13.66 -0.94 4.63
CA GLU A 14 13.02 -2.17 5.10
C GLU A 14 11.94 -2.61 4.11
N LEU A 15 11.14 -1.62 3.66
CA LEU A 15 10.05 -1.81 2.68
C LEU A 15 10.64 -2.25 1.33
N GLU A 16 11.83 -1.73 0.99
CA GLU A 16 12.52 -2.00 -0.28
C GLU A 16 12.97 -3.47 -0.33
N GLU A 17 13.72 -3.91 0.69
CA GLU A 17 14.22 -5.31 0.77
C GLU A 17 13.06 -6.31 0.94
N ASP A 18 11.95 -5.85 1.53
CA ASP A 18 10.70 -6.63 1.68
C ASP A 18 10.08 -6.98 0.31
N LEU A 19 9.89 -5.95 -0.54
CA LEU A 19 9.29 -6.15 -1.88
C LEU A 19 10.29 -6.84 -2.83
N LYS A 20 11.60 -6.62 -2.61
CA LYS A 20 12.68 -7.21 -3.44
C LYS A 20 12.85 -8.71 -3.16
N GLN A 21 12.70 -9.12 -1.88
CA GLN A 21 12.81 -10.55 -1.51
C GLN A 21 11.59 -11.32 -2.07
N ALA A 22 10.43 -10.62 -2.11
CA ALA A 22 9.20 -11.12 -2.74
C ALA A 22 9.45 -11.43 -4.24
N LEU A 23 10.09 -10.47 -4.94
CA LEU A 23 10.40 -10.57 -6.39
C LEU A 23 11.22 -11.83 -6.72
N ARG A 24 12.31 -12.05 -5.95
CA ARG A 24 13.28 -13.13 -6.20
C ARG A 24 12.71 -14.52 -5.85
N GLU A 25 11.66 -14.58 -5.00
CA GLU A 25 10.93 -15.85 -4.69
C GLU A 25 9.62 -15.96 -5.51
N GLY A 26 9.35 -14.98 -6.39
CA GLY A 26 8.20 -15.03 -7.32
C GLY A 26 6.86 -14.67 -6.67
N ARG A 27 6.88 -13.57 -5.89
CA ARG A 27 5.70 -13.09 -5.12
C ARG A 27 5.52 -11.59 -5.37
N LYS A 28 4.37 -11.05 -4.96
CA LYS A 28 4.02 -9.63 -5.18
C LYS A 28 3.79 -8.89 -3.84
N VAL A 29 3.58 -7.57 -3.96
CA VAL A 29 3.16 -6.68 -2.85
C VAL A 29 2.03 -5.77 -3.39
N ASN A 30 1.17 -5.27 -2.50
CA ASN A 30 0.04 -4.38 -2.88
C ASN A 30 0.03 -3.13 -2.00
N ILE A 31 -0.20 -1.98 -2.64
CA ILE A 31 -0.08 -0.64 -2.05
C ILE A 31 -1.31 0.24 -2.41
N LEU A 32 -1.17 1.60 -2.33
CA LEU A 32 -2.27 2.60 -2.39
C LEU A 32 -3.08 2.48 -3.72
N GLY A 33 -4.05 1.53 -3.78
CA GLY A 33 -4.85 1.29 -5.00
C GLY A 33 -4.03 0.81 -6.20
N ILE A 34 -2.81 0.32 -5.91
CA ILE A 34 -1.81 -0.15 -6.91
C ILE A 34 -1.29 -1.53 -6.46
N GLU A 35 -0.79 -2.35 -7.40
CA GLU A 35 -0.11 -3.62 -7.07
C GLU A 35 1.20 -3.72 -7.89
N VAL A 36 2.16 -4.48 -7.36
CA VAL A 36 3.50 -4.67 -7.93
C VAL A 36 3.85 -6.16 -7.93
N THR A 37 3.99 -6.76 -9.12
CA THR A 37 4.32 -8.18 -9.27
C THR A 37 5.76 -8.37 -9.79
N THR A 38 6.21 -7.44 -10.66
CA THR A 38 7.53 -7.52 -11.33
C THR A 38 8.49 -6.44 -10.79
N GLU A 39 9.80 -6.62 -11.07
CA GLU A 39 10.89 -5.75 -10.58
C GLU A 39 10.75 -4.32 -11.14
N GLU A 40 10.36 -4.21 -12.42
CA GLU A 40 10.13 -2.89 -13.06
C GLU A 40 9.07 -2.06 -12.30
N GLN A 41 8.02 -2.76 -11.85
CA GLN A 41 6.94 -2.17 -11.05
C GLN A 41 7.46 -1.77 -9.65
N ALA A 42 8.40 -2.56 -9.11
CA ALA A 42 8.94 -2.39 -7.74
C ALA A 42 9.88 -1.18 -7.62
N ARG A 43 10.76 -1.01 -8.62
CA ARG A 43 11.74 0.09 -8.64
C ARG A 43 11.01 1.44 -8.84
N ARG A 44 10.05 1.45 -9.79
CA ARG A 44 9.22 2.65 -10.05
C ARG A 44 8.27 2.93 -8.86
N LEU A 45 7.97 1.87 -8.08
CA LEU A 45 7.12 1.99 -6.89
C LEU A 45 7.87 2.66 -5.74
N ILE A 46 9.08 2.17 -5.45
CA ILE A 46 9.82 2.60 -4.26
C ILE A 46 10.17 4.11 -4.39
N GLU A 47 10.52 4.55 -5.63
CA GLU A 47 10.72 6.00 -5.91
C GLU A 47 9.38 6.79 -5.82
N PHE A 48 8.27 6.16 -6.24
CA PHE A 48 6.91 6.74 -6.17
C PHE A 48 6.50 7.06 -4.73
N LEU A 49 6.54 6.05 -3.85
CA LEU A 49 5.98 6.16 -2.47
C LEU A 49 6.87 7.02 -1.56
N ARG A 50 8.19 7.08 -1.87
CA ARG A 50 9.16 7.90 -1.10
C ARG A 50 9.13 9.37 -1.55
N ARG A 51 8.45 9.65 -2.68
CA ARG A 51 8.32 11.01 -3.25
C ARG A 51 6.90 11.55 -3.04
N PHE A 52 5.91 10.65 -3.13
CA PHE A 52 4.48 11.02 -3.13
C PHE A 52 3.82 10.59 -1.79
N ILE A 53 2.77 11.33 -1.43
CA ILE A 53 2.08 11.18 -0.13
C ILE A 53 1.15 9.96 -0.11
N SER B 1 5.06 -12.94 -10.12
CA SER B 1 4.06 -13.78 -10.74
C SER B 1 2.90 -12.92 -11.29
N GLY B 2 2.64 -13.02 -12.61
CA GLY B 2 1.57 -12.30 -13.29
C GLY B 2 1.83 -10.80 -13.41
N LEU B 3 0.75 -10.01 -13.50
CA LEU B 3 0.78 -8.53 -13.49
C LEU B 3 -0.63 -7.99 -13.15
N VAL B 4 -0.75 -6.66 -13.01
CA VAL B 4 -2.03 -5.99 -12.67
C VAL B 4 -2.40 -4.95 -13.78
N PRO B 5 -3.13 -5.40 -14.85
CA PRO B 5 -3.57 -4.49 -15.95
C PRO B 5 -4.65 -3.48 -15.51
N ARG B 6 -5.55 -3.91 -14.60
CA ARG B 6 -6.67 -3.09 -14.12
C ARG B 6 -6.24 -2.23 -12.92
N GLY B 7 -5.97 -0.95 -13.19
CA GLY B 7 -5.74 0.06 -12.15
C GLY B 7 -6.94 1.00 -12.06
N SER B 8 -7.57 1.10 -10.87
CA SER B 8 -8.77 1.92 -10.68
C SER B 8 -8.43 3.43 -10.79
N HIS B 9 -7.82 3.99 -9.72
CA HIS B 9 -7.38 5.40 -9.63
C HIS B 9 -6.82 5.62 -8.22
N MET B 10 -5.92 6.61 -8.08
CA MET B 10 -5.37 6.98 -6.78
C MET B 10 -5.48 8.50 -6.60
N ASP B 11 -6.32 8.91 -5.64
CA ASP B 11 -6.38 10.28 -5.10
C ASP B 11 -6.48 10.14 -3.59
N LEU B 12 -6.02 11.14 -2.81
CA LEU B 12 -5.89 11.02 -1.34
C LEU B 12 -7.28 10.92 -0.67
N GLU B 13 -8.20 11.81 -1.08
CA GLU B 13 -9.55 11.90 -0.49
C GLU B 13 -10.43 10.76 -1.04
N GLU B 14 -10.22 10.43 -2.32
CA GLU B 14 -10.93 9.33 -3.03
C GLU B 14 -10.60 7.98 -2.40
N LEU B 15 -9.30 7.74 -2.16
CA LEU B 15 -8.79 6.52 -1.53
C LEU B 15 -9.33 6.40 -0.11
N GLU B 16 -9.43 7.55 0.60
CA GLU B 16 -9.92 7.64 1.98
C GLU B 16 -11.33 7.02 2.11
N GLU B 17 -12.27 7.52 1.29
CA GLU B 17 -13.66 7.03 1.31
C GLU B 17 -13.74 5.58 0.77
N ASP B 18 -12.83 5.24 -0.14
CA ASP B 18 -12.79 3.93 -0.82
C ASP B 18 -12.34 2.81 0.13
N LEU B 19 -11.31 3.08 0.96
CA LEU B 19 -10.75 2.08 1.90
C LEU B 19 -11.72 1.82 3.06
N LYS B 20 -12.37 2.88 3.54
CA LYS B 20 -13.44 2.78 4.56
C LYS B 20 -14.64 1.99 4.01
N GLN B 21 -14.97 2.25 2.72
CA GLN B 21 -16.06 1.56 2.01
C GLN B 21 -15.77 0.05 1.93
N ALA B 22 -14.51 -0.31 1.66
CA ALA B 22 -14.06 -1.71 1.58
C ALA B 22 -14.26 -2.45 2.91
N LEU B 23 -13.94 -1.76 4.01
CA LEU B 23 -14.01 -2.35 5.37
C LEU B 23 -15.46 -2.67 5.77
N ARG B 24 -16.38 -1.70 5.54
CA ARG B 24 -17.79 -1.82 5.95
C ARG B 24 -18.52 -2.92 5.13
N GLU B 25 -18.11 -3.11 3.86
CA GLU B 25 -18.71 -4.13 2.97
C GLU B 25 -18.07 -5.52 3.23
N GLY B 26 -16.98 -5.57 4.03
CA GLY B 26 -16.37 -6.84 4.48
C GLY B 26 -15.14 -7.23 3.68
N ARG B 27 -14.23 -6.28 3.51
CA ARG B 27 -12.94 -6.47 2.80
C ARG B 27 -11.80 -5.79 3.59
N LYS B 28 -10.56 -5.99 3.13
CA LYS B 28 -9.37 -5.30 3.66
C LYS B 28 -8.64 -4.60 2.52
N VAL B 29 -7.80 -3.63 2.89
CA VAL B 29 -7.02 -2.81 1.96
C VAL B 29 -5.53 -2.97 2.28
N ASN B 30 -4.77 -3.48 1.31
CA ASN B 30 -3.31 -3.62 1.41
C ASN B 30 -2.65 -2.35 0.88
N ILE B 31 -1.74 -1.82 1.69
CA ILE B 31 -0.96 -0.62 1.40
C ILE B 31 0.52 -0.88 1.79
N LEU B 32 1.35 0.19 1.75
CA LEU B 32 2.79 0.11 2.03
C LEU B 32 3.11 -0.54 3.41
N GLY B 33 3.40 -1.88 3.36
CA GLY B 33 3.80 -2.67 4.54
C GLY B 33 2.70 -2.85 5.60
N ILE B 34 1.47 -2.41 5.30
CA ILE B 34 0.33 -2.40 6.24
C ILE B 34 -0.91 -2.99 5.54
N GLU B 35 -1.74 -3.77 6.28
CA GLU B 35 -3.04 -4.25 5.79
C GLU B 35 -4.13 -3.76 6.75
N VAL B 36 -4.92 -2.77 6.30
CA VAL B 36 -6.05 -2.22 7.06
C VAL B 36 -7.25 -3.17 6.99
N THR B 37 -7.62 -3.77 8.13
CA THR B 37 -8.81 -4.64 8.26
C THR B 37 -9.90 -3.95 9.10
N THR B 38 -9.53 -2.95 9.91
CA THR B 38 -10.46 -2.20 10.79
C THR B 38 -10.39 -0.69 10.48
N GLU B 39 -11.48 0.05 10.79
CA GLU B 39 -11.63 1.47 10.44
C GLU B 39 -10.66 2.38 11.23
N GLU B 40 -10.31 1.93 12.45
CA GLU B 40 -9.31 2.61 13.30
C GLU B 40 -7.94 2.67 12.57
N GLN B 41 -7.56 1.54 11.95
CA GLN B 41 -6.33 1.45 11.14
C GLN B 41 -6.44 2.41 9.94
N ALA B 42 -7.63 2.44 9.31
CA ALA B 42 -7.91 3.20 8.07
C ALA B 42 -7.63 4.70 8.22
N ARG B 43 -8.24 5.31 9.24
CA ARG B 43 -8.15 6.76 9.49
C ARG B 43 -6.71 7.16 9.90
N ARG B 44 -6.05 6.31 10.70
CA ARG B 44 -4.65 6.52 11.14
C ARG B 44 -3.65 6.27 9.99
N LEU B 45 -4.04 5.40 9.04
CA LEU B 45 -3.20 5.01 7.88
C LEU B 45 -3.23 6.11 6.81
N ILE B 46 -4.40 6.70 6.59
CA ILE B 46 -4.56 7.86 5.68
C ILE B 46 -3.69 9.02 6.19
N GLU B 47 -3.80 9.26 7.50
CA GLU B 47 -2.98 10.25 8.22
C GLU B 47 -1.48 9.93 8.08
N PHE B 48 -1.15 8.62 8.14
CA PHE B 48 0.24 8.12 8.08
C PHE B 48 0.87 8.40 6.71
N LEU B 49 0.26 7.87 5.62
CA LEU B 49 0.84 7.88 4.27
C LEU B 49 0.99 9.32 3.73
N ARG B 50 0.06 10.21 4.11
CA ARG B 50 0.08 11.61 3.62
C ARG B 50 1.06 12.48 4.43
N ARG B 51 1.69 11.89 5.47
CA ARG B 51 2.79 12.53 6.24
C ARG B 51 4.14 11.79 6.00
N PHE B 52 4.07 10.56 5.48
CA PHE B 52 5.24 9.66 5.33
C PHE B 52 5.79 9.67 3.88
N ILE B 53 7.01 10.19 3.73
CA ILE B 53 7.80 10.14 2.47
C ILE B 53 9.28 9.88 2.81
N SER A 1 -12.76 2.57 16.07
CA SER A 1 -13.25 1.19 16.18
C SER A 1 -12.16 0.20 15.73
N GLY A 2 -11.95 -0.86 16.56
CA GLY A 2 -10.92 -1.87 16.32
C GLY A 2 -9.83 -1.82 17.38
N LEU A 3 -9.89 -2.75 18.36
CA LEU A 3 -8.92 -2.83 19.47
C LEU A 3 -7.62 -3.51 18.98
N VAL A 4 -6.80 -2.74 18.25
CA VAL A 4 -5.56 -3.25 17.62
C VAL A 4 -4.33 -2.80 18.46
N PRO A 5 -3.29 -3.69 18.62
CA PRO A 5 -2.02 -3.32 19.29
C PRO A 5 -1.34 -2.14 18.56
N ARG A 6 -1.01 -1.08 19.32
CA ARG A 6 -0.56 0.21 18.75
C ARG A 6 0.89 0.09 18.23
N GLY A 7 1.13 0.66 17.05
CA GLY A 7 2.44 0.61 16.40
C GLY A 7 2.54 1.62 15.27
N SER A 8 3.77 1.83 14.81
CA SER A 8 4.10 2.74 13.69
C SER A 8 5.39 2.24 13.00
N HIS A 9 5.73 0.96 13.26
CA HIS A 9 6.95 0.31 12.74
C HIS A 9 6.80 0.01 11.24
N MET A 10 7.54 0.78 10.43
CA MET A 10 7.73 0.52 8.99
C MET A 10 8.85 1.43 8.49
N ASP A 11 10.06 0.87 8.27
CA ASP A 11 11.21 1.62 7.73
C ASP A 11 11.15 1.63 6.20
N LEU A 12 11.69 2.69 5.57
CA LEU A 12 11.79 2.79 4.09
C LEU A 12 12.78 1.74 3.54
N GLU A 13 13.83 1.48 4.34
CA GLU A 13 14.84 0.45 4.04
C GLU A 13 14.21 -0.95 4.11
N GLU A 14 13.41 -1.16 5.17
CA GLU A 14 12.65 -2.41 5.40
C GLU A 14 11.60 -2.63 4.29
N LEU A 15 11.04 -1.53 3.78
CA LEU A 15 10.05 -1.51 2.69
C LEU A 15 10.72 -1.96 1.39
N GLU A 16 11.91 -1.38 1.11
CA GLU A 16 12.65 -1.62 -0.12
C GLU A 16 13.04 -3.11 -0.23
N GLU A 17 13.67 -3.64 0.85
CA GLU A 17 14.10 -5.04 0.89
C GLU A 17 12.90 -6.02 0.91
N ASP A 18 11.75 -5.55 1.43
CA ASP A 18 10.49 -6.35 1.50
C ASP A 18 10.02 -6.76 0.10
N LEU A 19 9.88 -5.75 -0.80
CA LEU A 19 9.43 -5.98 -2.17
C LEU A 19 10.51 -6.72 -2.99
N LYS A 20 11.79 -6.44 -2.71
CA LYS A 20 12.93 -7.06 -3.43
C LYS A 20 13.01 -8.58 -3.15
N GLN A 21 12.94 -8.97 -1.86
CA GLN A 21 13.03 -10.38 -1.43
C GLN A 21 11.82 -11.19 -1.96
N ALA A 22 10.65 -10.49 -2.07
CA ALA A 22 9.42 -11.04 -2.67
C ALA A 22 9.66 -11.45 -4.14
N LEU A 23 10.19 -10.49 -4.93
CA LEU A 23 10.49 -10.69 -6.38
C LEU A 23 11.46 -11.85 -6.61
N ARG A 24 12.45 -11.96 -5.71
CA ARG A 24 13.50 -13.00 -5.76
C ARG A 24 12.94 -14.41 -5.54
N GLU A 25 11.94 -14.53 -4.63
CA GLU A 25 11.27 -15.82 -4.35
C GLU A 25 10.00 -15.98 -5.23
N GLY A 26 9.69 -14.95 -6.04
CA GLY A 26 8.59 -15.01 -7.01
C GLY A 26 7.24 -14.66 -6.40
N ARG A 27 7.14 -13.45 -5.82
CA ARG A 27 5.90 -12.94 -5.20
C ARG A 27 5.67 -11.47 -5.60
N LYS A 28 4.39 -11.06 -5.55
CA LYS A 28 3.98 -9.66 -5.78
C LYS A 28 3.81 -8.93 -4.45
N VAL A 29 3.59 -7.60 -4.51
CA VAL A 29 3.36 -6.74 -3.33
C VAL A 29 2.23 -5.74 -3.65
N ASN A 30 1.45 -5.42 -2.60
CA ASN A 30 0.30 -4.50 -2.71
C ASN A 30 0.61 -3.19 -1.97
N ILE A 31 0.11 -2.07 -2.53
CA ILE A 31 0.26 -0.70 -2.01
C ILE A 31 -1.03 0.11 -2.31
N LEU A 32 -1.02 1.41 -1.97
CA LEU A 32 -2.18 2.33 -2.13
C LEU A 32 -2.72 2.35 -3.58
N GLY A 33 -3.87 1.65 -3.78
CA GLY A 33 -4.58 1.60 -5.07
C GLY A 33 -3.84 0.87 -6.20
N ILE A 34 -2.66 0.30 -5.88
CA ILE A 34 -1.74 -0.31 -6.87
C ILE A 34 -1.35 -1.73 -6.39
N GLU A 35 -1.21 -2.66 -7.34
CA GLU A 35 -0.63 -3.99 -7.07
C GLU A 35 0.57 -4.20 -8.00
N VAL A 36 1.78 -4.08 -7.44
CA VAL A 36 3.02 -4.38 -8.17
C VAL A 36 3.14 -5.90 -8.36
N THR A 37 3.19 -6.33 -9.61
CA THR A 37 3.30 -7.75 -9.99
C THR A 37 4.68 -8.06 -10.60
N THR A 38 5.42 -7.01 -11.03
CA THR A 38 6.73 -7.17 -11.72
C THR A 38 7.84 -6.37 -11.01
N GLU A 39 9.11 -6.74 -11.28
CA GLU A 39 10.31 -6.04 -10.73
C GLU A 39 10.35 -4.59 -11.25
N GLU A 40 9.99 -4.43 -12.53
CA GLU A 40 9.93 -3.12 -13.21
C GLU A 40 9.02 -2.13 -12.44
N GLN A 41 7.81 -2.60 -12.10
CA GLN A 41 6.84 -1.82 -11.32
C GLN A 41 7.36 -1.55 -9.89
N ALA A 42 8.09 -2.53 -9.31
CA ALA A 42 8.54 -2.50 -7.90
C ALA A 42 9.59 -1.42 -7.62
N ARG A 43 10.60 -1.37 -8.49
CA ARG A 43 11.71 -0.39 -8.39
C ARG A 43 11.19 1.04 -8.64
N ARG A 44 10.25 1.16 -9.61
CA ARG A 44 9.61 2.45 -9.93
C ARG A 44 8.55 2.81 -8.89
N LEU A 45 8.05 1.80 -8.13
CA LEU A 45 7.10 2.02 -7.03
C LEU A 45 7.86 2.53 -5.81
N ILE A 46 9.10 2.01 -5.58
CA ILE A 46 9.91 2.39 -4.40
C ILE A 46 10.28 3.91 -4.51
N GLU A 47 10.61 4.36 -5.75
CA GLU A 47 10.87 5.80 -6.00
C GLU A 47 9.55 6.62 -5.95
N PHE A 48 8.43 5.98 -6.33
CA PHE A 48 7.08 6.60 -6.29
C PHE A 48 6.65 6.90 -4.84
N LEU A 49 6.80 5.92 -3.93
CA LEU A 49 6.25 6.01 -2.55
C LEU A 49 7.13 6.88 -1.63
N ARG A 50 8.44 6.98 -1.96
CA ARG A 50 9.38 7.86 -1.22
C ARG A 50 9.30 9.32 -1.72
N ARG A 51 8.48 9.56 -2.74
CA ARG A 51 8.32 10.89 -3.37
C ARG A 51 6.86 11.38 -3.20
N PHE A 52 5.93 10.42 -3.25
CA PHE A 52 4.48 10.68 -3.22
C PHE A 52 3.88 9.88 -2.07
N ILE A 53 2.84 10.45 -1.44
CA ILE A 53 2.24 9.92 -0.22
C ILE A 53 1.44 8.61 -0.47
N SER B 1 -6.74 -9.98 -15.66
CA SER B 1 -7.71 -9.59 -14.64
C SER B 1 -7.73 -8.07 -14.41
N GLY B 2 -6.61 -7.40 -14.77
CA GLY B 2 -6.49 -5.95 -14.66
C GLY B 2 -7.44 -5.22 -15.61
N LEU B 3 -7.04 -5.14 -16.90
CA LEU B 3 -7.84 -4.52 -17.99
C LEU B 3 -8.17 -3.03 -17.71
N VAL B 4 -7.31 -2.39 -16.90
CA VAL B 4 -7.48 -0.99 -16.44
C VAL B 4 -6.16 -0.21 -16.62
N PRO B 5 -6.19 1.18 -16.64
CA PRO B 5 -4.95 1.99 -16.59
C PRO B 5 -4.23 1.84 -15.22
N ARG B 6 -2.96 2.29 -15.18
CA ARG B 6 -2.15 2.30 -13.95
C ARG B 6 -2.75 3.31 -12.95
N GLY B 7 -3.37 2.78 -11.86
CA GLY B 7 -4.03 3.61 -10.85
C GLY B 7 -3.06 4.25 -9.87
N SER B 8 -2.20 5.12 -10.41
CA SER B 8 -1.17 5.86 -9.67
C SER B 8 -1.46 7.36 -9.76
N HIS B 9 -0.70 8.18 -8.99
CA HIS B 9 -0.87 9.66 -8.91
C HIS B 9 -2.23 10.04 -8.25
N MET B 10 -2.92 9.02 -7.68
CA MET B 10 -4.30 9.13 -7.17
C MET B 10 -4.38 10.11 -5.98
N ASP B 11 -5.51 10.81 -5.88
CA ASP B 11 -5.75 11.80 -4.81
C ASP B 11 -6.01 11.09 -3.48
N LEU B 12 -5.62 11.77 -2.37
CA LEU B 12 -5.78 11.23 -1.02
C LEU B 12 -7.26 11.11 -0.61
N GLU B 13 -8.12 11.95 -1.25
CA GLU B 13 -9.58 11.92 -1.05
C GLU B 13 -10.19 10.59 -1.57
N GLU B 14 -9.64 10.10 -2.70
CA GLU B 14 -10.08 8.84 -3.34
C GLU B 14 -9.62 7.64 -2.50
N LEU B 15 -8.41 7.78 -1.91
CA LEU B 15 -7.81 6.77 -1.03
C LEU B 15 -8.64 6.66 0.27
N GLU B 16 -9.03 7.83 0.81
CA GLU B 16 -9.75 7.95 2.09
C GLU B 16 -11.17 7.35 1.99
N GLU B 17 -11.87 7.65 0.87
CA GLU B 17 -13.22 7.10 0.65
C GLU B 17 -13.14 5.59 0.32
N ASP B 18 -12.05 5.18 -0.38
CA ASP B 18 -11.85 3.78 -0.82
C ASP B 18 -11.74 2.84 0.39
N LEU B 19 -10.87 3.20 1.35
CA LEU B 19 -10.65 2.38 2.56
C LEU B 19 -11.91 2.32 3.44
N LYS B 20 -12.69 3.43 3.46
CA LYS B 20 -13.99 3.45 4.14
C LYS B 20 -14.96 2.43 3.51
N GLN B 21 -15.12 2.49 2.17
CA GLN B 21 -16.04 1.60 1.43
C GLN B 21 -15.64 0.12 1.62
N ALA B 22 -14.32 -0.14 1.66
CA ALA B 22 -13.74 -1.48 1.85
C ALA B 22 -14.14 -2.06 3.22
N LEU B 23 -13.99 -1.25 4.27
CA LEU B 23 -14.29 -1.68 5.66
C LEU B 23 -15.80 -1.87 5.89
N ARG B 24 -16.62 -1.07 5.15
CA ARG B 24 -18.09 -1.12 5.21
C ARG B 24 -18.63 -2.40 4.53
N GLU B 25 -17.93 -2.89 3.49
CA GLU B 25 -18.33 -4.12 2.76
C GLU B 25 -17.63 -5.38 3.34
N GLY B 26 -16.75 -5.18 4.35
CA GLY B 26 -16.09 -6.30 5.07
C GLY B 26 -14.79 -6.76 4.42
N ARG B 27 -14.22 -5.90 3.56
CA ARG B 27 -12.89 -6.11 2.93
C ARG B 27 -11.80 -5.35 3.70
N LYS B 28 -10.55 -5.44 3.19
CA LYS B 28 -9.37 -4.75 3.72
C LYS B 28 -8.64 -4.01 2.59
N VAL B 29 -7.70 -3.15 2.97
CA VAL B 29 -6.82 -2.43 2.02
C VAL B 29 -5.38 -2.84 2.31
N ASN B 30 -4.73 -3.44 1.30
CA ASN B 30 -3.32 -3.86 1.40
C ASN B 30 -2.41 -2.76 0.83
N ILE B 31 -1.58 -2.21 1.72
CA ILE B 31 -0.63 -1.11 1.41
C ILE B 31 0.80 -1.50 1.83
N LEU B 32 1.74 -0.51 1.76
CA LEU B 32 3.18 -0.68 2.06
C LEU B 32 3.45 -1.40 3.41
N GLY B 33 3.56 -2.75 3.33
CA GLY B 33 3.86 -3.62 4.49
C GLY B 33 2.77 -3.67 5.57
N ILE B 34 1.64 -2.99 5.31
CA ILE B 34 0.53 -2.82 6.28
C ILE B 34 -0.77 -3.28 5.60
N GLU B 35 -1.76 -3.72 6.41
CA GLU B 35 -3.08 -4.13 5.92
C GLU B 35 -4.16 -3.49 6.81
N VAL B 36 -4.86 -2.47 6.25
CA VAL B 36 -6.01 -1.82 6.90
C VAL B 36 -7.19 -2.82 7.02
N THR B 37 -7.37 -3.36 8.23
CA THR B 37 -8.47 -4.29 8.53
C THR B 37 -9.55 -3.60 9.38
N THR B 38 -9.16 -2.57 10.16
CA THR B 38 -10.09 -1.79 11.02
C THR B 38 -10.03 -0.29 10.68
N GLU B 39 -11.00 0.47 11.22
CA GLU B 39 -11.19 1.91 10.95
C GLU B 39 -10.07 2.76 11.58
N GLU B 40 -9.61 2.37 12.77
CA GLU B 40 -8.49 3.06 13.45
C GLU B 40 -7.19 2.91 12.65
N GLN B 41 -6.98 1.71 12.07
CA GLN B 41 -5.84 1.44 11.17
C GLN B 41 -5.94 2.30 9.92
N ALA B 42 -7.18 2.50 9.43
CA ALA B 42 -7.48 3.20 8.18
C ALA B 42 -7.05 4.68 8.21
N ARG B 43 -7.60 5.42 9.19
CA ARG B 43 -7.36 6.87 9.32
C ARG B 43 -5.93 7.18 9.77
N ARG B 44 -5.33 6.27 10.57
CA ARG B 44 -3.93 6.39 11.00
C ARG B 44 -2.95 5.97 9.90
N LEU B 45 -3.42 5.15 8.94
CA LEU B 45 -2.63 4.81 7.75
C LEU B 45 -2.66 6.00 6.76
N ILE B 46 -3.79 6.74 6.75
CA ILE B 46 -3.90 8.02 6.02
C ILE B 46 -2.85 9.01 6.52
N GLU B 47 -2.84 9.21 7.86
CA GLU B 47 -1.94 10.19 8.48
C GLU B 47 -0.47 9.72 8.41
N PHE B 48 -0.29 8.38 8.34
CA PHE B 48 1.03 7.74 8.21
C PHE B 48 1.64 8.08 6.84
N LEU B 49 0.94 7.68 5.75
CA LEU B 49 1.47 7.80 4.38
C LEU B 49 1.61 9.28 3.96
N ARG B 50 0.71 10.16 4.50
CA ARG B 50 0.68 11.59 4.11
C ARG B 50 1.93 12.34 4.63
N ARG B 51 2.72 11.70 5.50
CA ARG B 51 4.01 12.23 5.98
C ARG B 51 5.17 11.25 5.68
N PHE B 52 4.84 9.95 5.42
CA PHE B 52 5.83 8.89 5.12
C PHE B 52 6.30 9.02 3.67
N ILE B 53 7.53 9.51 3.50
CA ILE B 53 8.21 9.64 2.20
C ILE B 53 9.75 9.68 2.44
N SER A 1 6.24 -7.82 24.04
CA SER A 1 6.47 -7.63 25.48
C SER A 1 6.85 -6.17 25.77
N GLY A 2 7.87 -5.67 25.06
CA GLY A 2 8.38 -4.31 25.22
C GLY A 2 7.45 -3.25 24.61
N LEU A 3 7.15 -2.19 25.39
CA LEU A 3 6.30 -1.07 24.96
C LEU A 3 7.05 -0.17 23.96
N VAL A 4 6.79 -0.39 22.67
CA VAL A 4 7.27 0.48 21.58
C VAL A 4 6.07 1.30 21.03
N PRO A 5 6.29 2.56 20.51
CA PRO A 5 5.22 3.36 19.86
C PRO A 5 4.70 2.66 18.57
N ARG A 6 3.65 1.83 18.73
CA ARG A 6 3.08 1.00 17.66
C ARG A 6 2.37 1.89 16.62
N GLY A 7 2.60 1.59 15.32
CA GLY A 7 2.08 2.37 14.20
C GLY A 7 3.10 3.37 13.67
N SER A 8 3.99 3.87 14.56
CA SER A 8 5.03 4.86 14.21
C SER A 8 6.22 4.19 13.46
N HIS A 9 6.43 2.87 13.70
CA HIS A 9 7.50 2.10 13.04
C HIS A 9 7.07 1.71 11.61
N MET A 10 7.76 2.31 10.62
CA MET A 10 7.66 1.94 9.22
C MET A 10 8.87 2.55 8.48
N ASP A 11 9.96 1.76 8.40
CA ASP A 11 11.22 2.19 7.75
C ASP A 11 11.14 1.98 6.23
N LEU A 12 11.76 2.92 5.49
CA LEU A 12 11.72 2.96 4.02
C LEU A 12 12.67 1.93 3.38
N GLU A 13 13.85 1.75 3.99
CA GLU A 13 14.85 0.75 3.55
C GLU A 13 14.32 -0.66 3.80
N GLU A 14 13.64 -0.81 4.95
CA GLU A 14 12.92 -2.02 5.38
C GLU A 14 11.77 -2.36 4.40
N LEU A 15 11.09 -1.32 3.90
CA LEU A 15 10.01 -1.43 2.89
C LEU A 15 10.60 -1.93 1.55
N GLU A 16 11.76 -1.35 1.17
CA GLU A 16 12.43 -1.63 -0.11
C GLU A 16 12.90 -3.09 -0.18
N GLU A 17 13.60 -3.54 0.88
CA GLU A 17 14.15 -4.92 0.96
C GLU A 17 13.02 -5.96 1.08
N ASP A 18 11.86 -5.55 1.65
CA ASP A 18 10.67 -6.41 1.78
C ASP A 18 10.07 -6.73 0.40
N LEU A 19 9.93 -5.69 -0.46
CA LEU A 19 9.31 -5.86 -1.79
C LEU A 19 10.27 -6.58 -2.77
N LYS A 20 11.59 -6.36 -2.59
CA LYS A 20 12.64 -6.98 -3.44
C LYS A 20 12.74 -8.49 -3.19
N GLN A 21 12.70 -8.88 -1.89
CA GLN A 21 12.74 -10.31 -1.52
C GLN A 21 11.44 -11.00 -1.92
N ALA A 22 10.33 -10.21 -1.97
CA ALA A 22 9.01 -10.67 -2.47
C ALA A 22 9.11 -11.05 -3.95
N LEU A 23 9.80 -10.21 -4.74
CA LEU A 23 9.99 -10.43 -6.19
C LEU A 23 10.70 -11.76 -6.48
N ARG A 24 11.80 -12.04 -5.75
CA ARG A 24 12.62 -13.25 -6.00
C ARG A 24 11.91 -14.55 -5.56
N GLU A 25 11.09 -14.47 -4.48
CA GLU A 25 10.30 -15.63 -3.98
C GLU A 25 9.00 -15.82 -4.79
N GLY A 26 8.82 -15.02 -5.86
CA GLY A 26 7.72 -15.19 -6.83
C GLY A 26 6.42 -14.58 -6.38
N ARG A 27 6.51 -13.45 -5.67
CA ARG A 27 5.35 -12.77 -5.06
C ARG A 27 5.26 -11.32 -5.56
N LYS A 28 4.07 -10.74 -5.45
CA LYS A 28 3.77 -9.38 -5.88
C LYS A 28 3.82 -8.43 -4.67
N VAL A 29 3.88 -7.13 -4.96
CA VAL A 29 3.89 -6.08 -3.93
C VAL A 29 2.48 -5.51 -3.82
N ASN A 30 1.85 -5.68 -2.66
CA ASN A 30 0.52 -5.12 -2.39
C ASN A 30 0.67 -3.84 -1.54
N ILE A 31 0.34 -2.70 -2.17
CA ILE A 31 0.47 -1.36 -1.58
C ILE A 31 -0.83 -0.54 -1.82
N LEU A 32 -0.78 0.77 -1.47
CA LEU A 32 -1.92 1.71 -1.61
C LEU A 32 -2.55 1.70 -3.03
N GLY A 33 -3.62 0.88 -3.17
CA GLY A 33 -4.43 0.79 -4.41
C GLY A 33 -3.70 0.17 -5.60
N ILE A 34 -2.47 -0.32 -5.38
CA ILE A 34 -1.56 -0.78 -6.46
C ILE A 34 -1.05 -2.21 -6.15
N GLU A 35 -0.76 -2.98 -7.22
CA GLU A 35 -0.10 -4.28 -7.16
C GLU A 35 1.03 -4.30 -8.22
N VAL A 36 2.22 -4.72 -7.81
CA VAL A 36 3.40 -4.81 -8.67
C VAL A 36 3.81 -6.28 -8.82
N THR A 37 3.68 -6.82 -10.04
CA THR A 37 4.04 -8.20 -10.34
C THR A 37 5.46 -8.30 -10.93
N THR A 38 5.85 -7.33 -11.78
CA THR A 38 7.19 -7.30 -12.43
C THR A 38 8.10 -6.23 -11.79
N GLU A 39 9.41 -6.51 -11.73
CA GLU A 39 10.43 -5.72 -10.99
C GLU A 39 10.62 -4.28 -11.55
N GLU A 40 10.34 -4.10 -12.85
CA GLU A 40 10.36 -2.76 -13.51
C GLU A 40 9.46 -1.76 -12.75
N GLN A 41 8.25 -2.24 -12.40
CA GLN A 41 7.24 -1.46 -11.69
C GLN A 41 7.63 -1.30 -10.21
N ALA A 42 8.45 -2.24 -9.67
CA ALA A 42 8.82 -2.31 -8.22
C ALA A 42 9.88 -1.26 -7.84
N ARG A 43 10.89 -1.10 -8.70
CA ARG A 43 11.91 -0.07 -8.53
C ARG A 43 11.26 1.32 -8.75
N ARG A 44 10.37 1.41 -9.76
CA ARG A 44 9.57 2.64 -10.01
C ARG A 44 8.54 2.88 -8.89
N LEU A 45 8.15 1.81 -8.19
CA LEU A 45 7.20 1.87 -7.07
C LEU A 45 7.85 2.48 -5.84
N ILE A 46 9.08 2.04 -5.52
CA ILE A 46 9.75 2.43 -4.28
C ILE A 46 10.15 3.93 -4.36
N GLU A 47 10.61 4.37 -5.56
CA GLU A 47 10.95 5.79 -5.80
C GLU A 47 9.66 6.66 -5.84
N PHE A 48 8.55 6.04 -6.28
CA PHE A 48 7.20 6.64 -6.27
C PHE A 48 6.78 6.93 -4.82
N LEU A 49 6.78 5.90 -3.96
CA LEU A 49 6.13 5.98 -2.61
C LEU A 49 6.94 6.84 -1.63
N ARG A 50 8.27 6.97 -1.87
CA ARG A 50 9.14 7.86 -1.05
C ARG A 50 9.10 9.31 -1.54
N ARG A 51 8.48 9.53 -2.72
CA ARG A 51 8.34 10.89 -3.31
C ARG A 51 6.85 11.23 -3.54
N PHE A 52 5.95 10.34 -3.11
CA PHE A 52 4.49 10.52 -3.22
C PHE A 52 3.85 10.32 -1.85
N ILE A 53 2.89 11.18 -1.55
CA ILE A 53 2.21 11.22 -0.25
C ILE A 53 1.01 10.25 -0.21
N SER B 1 6.56 -10.75 -19.00
CA SER B 1 6.77 -9.35 -19.34
C SER B 1 5.54 -8.75 -20.09
N GLY B 2 4.42 -9.50 -20.08
CA GLY B 2 3.17 -9.06 -20.71
C GLY B 2 2.38 -8.03 -19.88
N LEU B 3 2.78 -7.84 -18.60
CA LEU B 3 2.12 -6.89 -17.68
C LEU B 3 2.74 -5.49 -17.90
N VAL B 4 2.18 -4.76 -18.87
CA VAL B 4 2.65 -3.42 -19.24
C VAL B 4 2.13 -2.35 -18.25
N PRO B 5 2.97 -1.32 -17.89
CA PRO B 5 2.53 -0.17 -17.07
C PRO B 5 1.57 0.74 -17.87
N ARG B 6 0.27 0.70 -17.51
CA ARG B 6 -0.80 1.40 -18.24
C ARG B 6 -0.70 2.92 -18.04
N GLY B 7 -0.18 3.32 -16.86
CA GLY B 7 0.02 4.72 -16.52
C GLY B 7 -1.29 5.41 -16.20
N SER B 8 -1.71 5.31 -14.93
CA SER B 8 -2.96 5.91 -14.44
C SER B 8 -2.68 6.66 -13.12
N HIS B 9 -3.58 7.59 -12.78
CA HIS B 9 -3.52 8.35 -11.52
C HIS B 9 -3.85 7.46 -10.32
N MET B 10 -3.20 7.72 -9.18
CA MET B 10 -3.46 7.04 -7.90
C MET B 10 -3.41 8.10 -6.80
N ASP B 11 -4.43 8.96 -6.77
CA ASP B 11 -4.51 10.09 -5.83
C ASP B 11 -5.23 9.70 -4.53
N LEU B 12 -5.16 10.60 -3.55
CA LEU B 12 -5.61 10.37 -2.17
C LEU B 12 -7.13 10.36 -2.05
N GLU B 13 -7.78 11.13 -2.92
CA GLU B 13 -9.23 11.34 -2.90
C GLU B 13 -9.95 10.05 -3.32
N GLU B 14 -9.46 9.45 -4.41
CA GLU B 14 -9.98 8.16 -4.92
C GLU B 14 -9.53 7.00 -4.02
N LEU B 15 -8.35 7.17 -3.36
CA LEU B 15 -7.78 6.16 -2.44
C LEU B 15 -8.71 5.97 -1.23
N GLU B 16 -9.24 7.09 -0.72
CA GLU B 16 -10.07 7.10 0.49
C GLU B 16 -11.42 6.40 0.23
N GLU B 17 -12.13 6.81 -0.84
CA GLU B 17 -13.41 6.16 -1.22
C GLU B 17 -13.20 4.70 -1.67
N ASP B 18 -11.99 4.39 -2.18
CA ASP B 18 -11.60 3.01 -2.60
C ASP B 18 -11.58 2.08 -1.37
N LEU B 19 -10.90 2.52 -0.29
CA LEU B 19 -10.79 1.73 0.94
C LEU B 19 -12.13 1.69 1.70
N LYS B 20 -12.87 2.82 1.68
CA LYS B 20 -14.20 2.91 2.32
C LYS B 20 -15.23 2.03 1.60
N GLN B 21 -15.01 1.81 0.28
CA GLN B 21 -15.82 0.91 -0.54
C GLN B 21 -15.68 -0.53 0.00
N ALA B 22 -14.41 -0.95 0.17
CA ALA B 22 -14.07 -2.26 0.73
C ALA B 22 -14.66 -2.43 2.14
N LEU B 23 -14.42 -1.46 3.02
CA LEU B 23 -14.82 -1.53 4.45
C LEU B 23 -16.36 -1.68 4.63
N ARG B 24 -17.14 -0.97 3.78
CA ARG B 24 -18.62 -0.97 3.88
C ARG B 24 -19.22 -2.28 3.34
N GLU B 25 -18.50 -2.97 2.42
CA GLU B 25 -18.93 -4.31 1.91
C GLU B 25 -18.28 -5.45 2.74
N GLY B 26 -17.55 -5.09 3.82
CA GLY B 26 -17.01 -6.07 4.79
C GLY B 26 -15.68 -6.68 4.37
N ARG B 27 -14.91 -5.92 3.59
CA ARG B 27 -13.57 -6.33 3.11
C ARG B 27 -12.52 -5.42 3.78
N LYS B 28 -11.47 -6.04 4.33
CA LYS B 28 -10.30 -5.31 4.86
C LYS B 28 -9.45 -4.73 3.71
N VAL B 29 -8.66 -3.70 4.00
CA VAL B 29 -7.81 -3.05 3.00
C VAL B 29 -6.34 -3.21 3.38
N ASN B 30 -5.61 -3.95 2.55
CA ASN B 30 -4.17 -4.13 2.69
C ASN B 30 -3.44 -3.13 1.79
N ILE B 31 -2.50 -2.41 2.38
CA ILE B 31 -1.70 -1.34 1.74
C ILE B 31 -0.21 -1.52 2.11
N LEU B 32 0.62 -0.49 1.83
CA LEU B 32 2.10 -0.52 2.01
C LEU B 32 2.49 -0.99 3.44
N GLY B 33 2.76 -2.32 3.55
CA GLY B 33 3.19 -2.97 4.80
C GLY B 33 2.13 -3.05 5.91
N ILE B 34 0.97 -2.40 5.70
CA ILE B 34 -0.04 -2.17 6.76
C ILE B 34 -1.38 -2.81 6.34
N GLU B 35 -2.21 -3.21 7.31
CA GLU B 35 -3.60 -3.68 7.07
C GLU B 35 -4.58 -2.84 7.91
N VAL B 36 -5.72 -2.45 7.31
CA VAL B 36 -6.76 -1.64 7.97
C VAL B 36 -8.17 -2.29 7.75
N THR B 37 -8.64 -3.00 8.79
CA THR B 37 -9.97 -3.65 8.81
C THR B 37 -11.10 -2.65 9.14
N THR B 38 -10.80 -1.61 9.94
CA THR B 38 -11.79 -0.61 10.40
C THR B 38 -11.51 0.76 9.78
N GLU B 39 -12.54 1.66 9.79
CA GLU B 39 -12.39 3.06 9.34
C GLU B 39 -11.48 3.84 10.28
N GLU B 40 -11.39 3.40 11.56
CA GLU B 40 -10.48 3.96 12.58
C GLU B 40 -9.03 3.95 12.07
N GLN B 41 -8.58 2.74 11.71
CA GLN B 41 -7.21 2.50 11.24
C GLN B 41 -7.01 3.08 9.83
N ALA B 42 -8.09 3.03 9.00
CA ALA B 42 -8.05 3.41 7.57
C ALA B 42 -7.92 4.92 7.37
N ARG B 43 -8.57 5.70 8.26
CA ARG B 43 -8.48 7.17 8.23
C ARG B 43 -7.13 7.61 8.81
N ARG B 44 -6.64 6.85 9.83
CA ARG B 44 -5.28 7.02 10.37
C ARG B 44 -4.22 6.71 9.31
N LEU B 45 -4.55 5.76 8.42
CA LEU B 45 -3.67 5.34 7.32
C LEU B 45 -3.62 6.43 6.23
N ILE B 46 -4.80 6.98 5.87
CA ILE B 46 -4.90 8.07 4.88
C ILE B 46 -4.09 9.29 5.32
N GLU B 47 -4.29 9.73 6.57
CA GLU B 47 -3.61 10.92 7.10
C GLU B 47 -2.10 10.65 7.30
N PHE B 48 -1.74 9.37 7.55
CA PHE B 48 -0.35 8.93 7.72
C PHE B 48 0.43 9.09 6.40
N LEU B 49 -0.06 8.42 5.33
CA LEU B 49 0.64 8.38 4.03
C LEU B 49 0.69 9.77 3.38
N ARG B 50 -0.39 10.57 3.56
CA ARG B 50 -0.48 11.92 2.94
C ARG B 50 0.40 12.95 3.69
N ARG B 51 0.84 12.57 4.90
CA ARG B 51 1.81 13.33 5.71
C ARG B 51 3.24 12.76 5.52
N PHE B 52 3.32 11.47 5.10
CA PHE B 52 4.58 10.73 4.94
C PHE B 52 5.47 11.39 3.87
N ILE B 53 6.54 12.05 4.35
CA ILE B 53 7.54 12.77 3.54
C ILE B 53 6.89 14.00 2.83
N SER A 1 -8.89 -18.42 21.43
CA SER A 1 -8.29 -17.86 20.21
C SER A 1 -8.14 -16.33 20.32
N GLY A 2 -7.01 -15.79 19.82
CA GLY A 2 -6.77 -14.35 19.83
C GLY A 2 -5.34 -14.02 19.43
N LEU A 3 -4.92 -14.52 18.24
CA LEU A 3 -3.57 -14.29 17.69
C LEU A 3 -3.40 -12.78 17.38
N VAL A 4 -2.57 -12.10 18.17
CA VAL A 4 -2.28 -10.66 18.01
C VAL A 4 -1.06 -10.45 17.09
N PRO A 5 -1.14 -9.53 16.08
CA PRO A 5 0.04 -9.09 15.30
C PRO A 5 1.01 -8.29 16.21
N ARG A 6 2.23 -8.82 16.40
CA ARG A 6 3.21 -8.26 17.35
C ARG A 6 4.64 -8.57 16.87
N GLY A 7 5.62 -7.72 17.28
CA GLY A 7 7.03 -7.90 16.93
C GLY A 7 7.29 -7.70 15.44
N SER A 8 6.49 -6.82 14.82
CA SER A 8 6.55 -6.54 13.37
C SER A 8 6.43 -5.02 13.14
N HIS A 9 7.58 -4.37 12.95
CA HIS A 9 7.65 -2.92 12.62
C HIS A 9 7.45 -2.71 11.10
N MET A 10 7.49 -1.44 10.66
CA MET A 10 7.29 -1.07 9.25
C MET A 10 7.97 0.27 8.96
N ASP A 11 8.89 0.28 7.99
CA ASP A 11 9.59 1.50 7.53
C ASP A 11 9.91 1.44 6.02
N LEU A 12 10.58 2.50 5.53
CA LEU A 12 10.72 2.80 4.09
C LEU A 12 11.72 1.84 3.41
N GLU A 13 12.94 1.74 3.97
CA GLU A 13 14.02 0.92 3.38
C GLU A 13 13.73 -0.58 3.57
N GLU A 14 13.04 -0.92 4.67
CA GLU A 14 12.54 -2.29 4.91
C GLU A 14 11.52 -2.67 3.82
N LEU A 15 10.63 -1.74 3.48
CA LEU A 15 9.62 -1.92 2.42
C LEU A 15 10.29 -2.26 1.10
N GLU A 16 11.43 -1.61 0.81
CA GLU A 16 12.21 -1.86 -0.42
C GLU A 16 12.72 -3.31 -0.48
N GLU A 17 13.44 -3.76 0.57
CA GLU A 17 13.99 -5.13 0.61
C GLU A 17 12.86 -6.19 0.66
N ASP A 18 11.71 -5.77 1.22
CA ASP A 18 10.50 -6.61 1.38
C ASP A 18 9.81 -6.85 0.02
N LEU A 19 9.70 -5.77 -0.80
CA LEU A 19 9.04 -5.85 -2.10
C LEU A 19 9.94 -6.59 -3.11
N LYS A 20 11.26 -6.39 -2.98
CA LYS A 20 12.26 -7.04 -3.83
C LYS A 20 12.32 -8.56 -3.56
N GLN A 21 12.32 -8.94 -2.25
CA GLN A 21 12.38 -10.36 -1.84
C GLN A 21 11.06 -11.08 -2.20
N ALA A 22 9.93 -10.33 -2.20
CA ALA A 22 8.61 -10.83 -2.60
C ALA A 22 8.62 -11.31 -4.05
N LEU A 23 9.29 -10.53 -4.91
CA LEU A 23 9.46 -10.87 -6.34
C LEU A 23 10.44 -12.05 -6.52
N ARG A 24 11.45 -12.15 -5.64
CA ARG A 24 12.47 -13.24 -5.67
C ARG A 24 11.82 -14.61 -5.36
N GLU A 25 10.84 -14.61 -4.45
CA GLU A 25 10.11 -15.85 -4.04
C GLU A 25 8.88 -16.11 -4.93
N GLY A 26 8.81 -15.42 -6.09
CA GLY A 26 7.80 -15.68 -7.12
C GLY A 26 6.40 -15.19 -6.74
N ARG A 27 6.35 -14.09 -5.99
CA ARG A 27 5.10 -13.46 -5.52
C ARG A 27 5.02 -12.00 -6.01
N LYS A 28 3.92 -11.33 -5.65
CA LYS A 28 3.72 -9.89 -5.94
C LYS A 28 3.85 -9.10 -4.64
N VAL A 29 3.63 -7.78 -4.72
CA VAL A 29 3.71 -6.85 -3.58
C VAL A 29 2.36 -6.15 -3.44
N ASN A 30 1.74 -6.26 -2.26
CA ASN A 30 0.48 -5.60 -1.94
C ASN A 30 0.77 -4.30 -1.16
N ILE A 31 0.81 -3.18 -1.89
CA ILE A 31 1.05 -1.83 -1.32
C ILE A 31 -0.18 -0.93 -1.52
N LEU A 32 -0.03 0.34 -1.07
CA LEU A 32 -1.07 1.38 -1.10
C LEU A 32 -1.67 1.59 -2.51
N GLY A 33 -2.82 0.90 -2.75
CA GLY A 33 -3.61 1.02 -3.98
C GLY A 33 -2.92 0.47 -5.25
N ILE A 34 -1.81 -0.27 -5.07
CA ILE A 34 -0.93 -0.75 -6.17
C ILE A 34 -0.49 -2.20 -5.89
N GLU A 35 -0.16 -2.95 -6.96
CA GLU A 35 0.41 -4.31 -6.85
C GLU A 35 1.60 -4.45 -7.82
N VAL A 36 2.82 -4.59 -7.25
CA VAL A 36 4.07 -4.77 -7.99
C VAL A 36 4.30 -6.28 -8.25
N THR A 37 4.16 -6.68 -9.52
CA THR A 37 4.35 -8.08 -9.95
C THR A 37 5.76 -8.30 -10.58
N THR A 38 6.40 -7.20 -11.05
CA THR A 38 7.76 -7.26 -11.68
C THR A 38 8.66 -6.12 -11.15
N GLU A 39 10.00 -6.28 -11.30
CA GLU A 39 10.99 -5.36 -10.68
C GLU A 39 11.05 -3.97 -11.37
N GLU A 40 10.53 -3.89 -12.60
CA GLU A 40 10.32 -2.58 -13.29
C GLU A 40 9.37 -1.70 -12.44
N GLN A 41 8.34 -2.35 -11.87
CA GLN A 41 7.35 -1.69 -11.01
C GLN A 41 7.90 -1.48 -9.60
N ALA A 42 8.88 -2.32 -9.19
CA ALA A 42 9.51 -2.27 -7.85
C ALA A 42 10.34 -0.99 -7.67
N ARG A 43 11.20 -0.72 -8.67
CA ARG A 43 12.01 0.53 -8.70
C ARG A 43 11.08 1.74 -8.84
N ARG A 44 9.99 1.60 -9.65
CA ARG A 44 8.98 2.66 -9.82
C ARG A 44 8.19 2.90 -8.53
N LEU A 45 7.98 1.85 -7.72
CA LEU A 45 7.17 1.93 -6.49
C LEU A 45 7.91 2.79 -5.46
N ILE A 46 9.18 2.47 -5.26
CA ILE A 46 10.05 3.16 -4.30
C ILE A 46 10.22 4.64 -4.68
N GLU A 47 10.51 4.93 -5.95
CA GLU A 47 10.76 6.30 -6.40
C GLU A 47 9.46 7.13 -6.39
N PHE A 48 8.30 6.46 -6.53
CA PHE A 48 6.98 7.10 -6.51
C PHE A 48 6.64 7.58 -5.09
N LEU A 49 6.82 6.70 -4.09
CA LEU A 49 6.33 6.96 -2.71
C LEU A 49 7.16 8.04 -1.97
N ARG A 50 8.49 8.06 -2.23
CA ARG A 50 9.41 9.05 -1.62
C ARG A 50 9.23 10.44 -2.29
N ARG A 51 8.65 10.42 -3.50
CA ARG A 51 8.38 11.61 -4.32
C ARG A 51 6.91 12.08 -4.13
N PHE A 52 6.05 11.16 -3.67
CA PHE A 52 4.64 11.42 -3.37
C PHE A 52 4.57 12.23 -2.08
N ILE A 53 3.53 13.09 -1.97
CA ILE A 53 3.33 14.04 -0.85
C ILE A 53 4.46 15.08 -0.81
N SER B 1 -19.81 -4.90 -18.85
CA SER B 1 -18.45 -5.22 -18.39
C SER B 1 -17.46 -4.16 -18.89
N GLY B 2 -16.53 -3.75 -18.01
CA GLY B 2 -15.58 -2.66 -18.31
C GLY B 2 -16.18 -1.30 -17.91
N LEU B 3 -16.24 -0.35 -18.89
CA LEU B 3 -16.81 1.01 -18.72
C LEU B 3 -16.12 1.73 -17.54
N VAL B 4 -14.81 1.99 -17.70
CA VAL B 4 -13.96 2.63 -16.65
C VAL B 4 -13.60 4.08 -17.07
N PRO B 5 -13.18 4.96 -16.09
CA PRO B 5 -12.55 6.26 -16.41
C PRO B 5 -11.26 6.06 -17.26
N ARG B 6 -11.39 6.28 -18.58
CA ARG B 6 -10.29 6.13 -19.54
C ARG B 6 -9.26 7.26 -19.32
N GLY B 7 -8.07 6.88 -18.81
CA GLY B 7 -7.02 7.83 -18.46
C GLY B 7 -7.19 8.37 -17.05
N SER B 8 -7.14 7.47 -16.07
CA SER B 8 -7.23 7.80 -14.63
C SER B 8 -5.89 7.51 -13.95
N HIS B 9 -5.54 8.34 -12.95
CA HIS B 9 -4.25 8.24 -12.21
C HIS B 9 -4.51 8.03 -10.71
N MET B 10 -3.56 7.37 -10.02
CA MET B 10 -3.62 7.16 -8.56
C MET B 10 -3.52 8.53 -7.84
N ASP B 11 -4.38 8.73 -6.82
CA ASP B 11 -4.48 9.99 -6.08
C ASP B 11 -4.66 9.70 -4.57
N LEU B 12 -4.20 10.65 -3.74
CA LEU B 12 -4.25 10.57 -2.26
C LEU B 12 -5.70 10.44 -1.74
N GLU B 13 -6.56 11.37 -2.19
CA GLU B 13 -7.97 11.43 -1.77
C GLU B 13 -8.78 10.30 -2.41
N GLU B 14 -8.31 9.82 -3.58
CA GLU B 14 -8.93 8.67 -4.28
C GLU B 14 -8.65 7.36 -3.51
N LEU B 15 -7.47 7.29 -2.88
CA LEU B 15 -7.09 6.18 -1.99
C LEU B 15 -7.91 6.26 -0.70
N GLU B 16 -8.07 7.51 -0.17
CA GLU B 16 -8.78 7.77 1.08
C GLU B 16 -10.26 7.34 0.99
N GLU B 17 -10.95 7.80 -0.08
CA GLU B 17 -12.37 7.47 -0.31
C GLU B 17 -12.55 5.96 -0.55
N ASP B 18 -11.55 5.34 -1.21
CA ASP B 18 -11.53 3.88 -1.47
C ASP B 18 -11.48 3.09 -0.15
N LEU B 19 -10.54 3.47 0.75
CA LEU B 19 -10.31 2.73 2.02
C LEU B 19 -11.49 2.90 2.98
N LYS B 20 -12.15 4.08 2.92
CA LYS B 20 -13.36 4.35 3.69
C LYS B 20 -14.51 3.42 3.25
N GLN B 21 -14.71 3.32 1.92
CA GLN B 21 -15.74 2.45 1.31
C GLN B 21 -15.48 0.97 1.65
N ALA B 22 -14.19 0.58 1.62
CA ALA B 22 -13.74 -0.81 1.88
C ALA B 22 -14.11 -1.25 3.31
N LEU B 23 -13.82 -0.38 4.29
CA LEU B 23 -14.08 -0.65 5.70
C LEU B 23 -15.58 -0.73 6.02
N ARG B 24 -16.37 0.20 5.45
CA ARG B 24 -17.82 0.30 5.74
C ARG B 24 -18.65 -0.77 4.98
N GLU B 25 -18.04 -1.46 4.00
CA GLU B 25 -18.66 -2.67 3.36
C GLU B 25 -18.18 -3.97 4.04
N GLY B 26 -17.35 -3.82 5.11
CA GLY B 26 -16.92 -4.95 5.95
C GLY B 26 -15.71 -5.70 5.39
N ARG B 27 -14.75 -4.95 4.86
CA ARG B 27 -13.48 -5.48 4.30
C ARG B 27 -12.30 -4.68 4.86
N LYS B 28 -11.14 -5.33 4.98
CA LYS B 28 -9.90 -4.67 5.39
C LYS B 28 -9.21 -3.99 4.21
N VAL B 29 -8.43 -2.96 4.51
CA VAL B 29 -7.58 -2.26 3.55
C VAL B 29 -6.14 -2.74 3.74
N ASN B 30 -5.61 -3.48 2.78
CA ASN B 30 -4.22 -3.95 2.81
C ASN B 30 -3.36 -3.02 1.95
N ILE B 31 -2.34 -2.43 2.58
CA ILE B 31 -1.48 -1.39 1.99
C ILE B 31 0.02 -1.66 2.31
N LEU B 32 0.89 -0.66 2.00
CA LEU B 32 2.36 -0.74 2.17
C LEU B 32 2.77 -1.16 3.61
N GLY B 33 3.10 -2.47 3.76
CA GLY B 33 3.62 -3.06 5.00
C GLY B 33 2.64 -3.08 6.18
N ILE B 34 1.39 -2.66 5.94
CA ILE B 34 0.36 -2.50 6.99
C ILE B 34 -0.97 -3.08 6.46
N GLU B 35 -1.82 -3.59 7.37
CA GLU B 35 -3.18 -4.03 7.02
C GLU B 35 -4.19 -3.39 7.99
N VAL B 36 -4.84 -2.32 7.50
CA VAL B 36 -5.93 -1.63 8.19
C VAL B 36 -7.16 -2.55 8.25
N THR B 37 -7.54 -3.02 9.44
CA THR B 37 -8.78 -3.80 9.64
C THR B 37 -9.86 -2.93 10.34
N THR B 38 -9.44 -1.81 10.96
CA THR B 38 -10.34 -0.85 11.66
C THR B 38 -10.08 0.58 11.16
N GLU B 39 -11.09 1.48 11.28
CA GLU B 39 -10.99 2.87 10.77
C GLU B 39 -9.97 3.71 11.57
N GLU B 40 -9.71 3.31 12.82
CA GLU B 40 -8.66 3.93 13.65
C GLU B 40 -7.27 3.71 13.02
N GLN B 41 -7.07 2.48 12.47
CA GLN B 41 -5.86 2.17 11.68
C GLN B 41 -5.83 2.97 10.37
N ALA B 42 -7.00 3.19 9.76
CA ALA B 42 -7.14 3.91 8.47
C ALA B 42 -6.69 5.38 8.56
N ARG B 43 -7.12 6.05 9.64
CA ARG B 43 -6.83 7.48 9.85
C ARG B 43 -5.33 7.69 10.18
N ARG B 44 -4.76 6.77 11.00
CA ARG B 44 -3.32 6.83 11.35
C ARG B 44 -2.44 6.38 10.20
N LEU B 45 -3.00 5.58 9.27
CA LEU B 45 -2.30 5.14 8.04
C LEU B 45 -2.28 6.28 7.02
N ILE B 46 -3.41 7.00 6.90
CA ILE B 46 -3.54 8.15 5.99
C ILE B 46 -2.55 9.25 6.40
N GLU B 47 -2.49 9.55 7.72
CA GLU B 47 -1.54 10.55 8.22
C GLU B 47 -0.11 10.01 8.19
N PHE B 48 0.05 8.66 8.27
CA PHE B 48 1.37 8.01 8.19
C PHE B 48 2.01 8.32 6.84
N LEU B 49 1.38 7.86 5.73
CA LEU B 49 1.97 7.98 4.38
C LEU B 49 2.05 9.47 3.91
N ARG B 50 1.15 10.34 4.44
CA ARG B 50 1.14 11.79 4.08
C ARG B 50 2.13 12.59 4.96
N ARG B 51 2.72 11.94 5.98
CA ARG B 51 3.80 12.53 6.82
C ARG B 51 5.07 11.65 6.80
N PHE B 52 5.07 10.57 5.99
CA PHE B 52 6.18 9.59 5.90
C PHE B 52 6.59 9.37 4.44
N ILE B 53 7.83 9.78 4.10
CA ILE B 53 8.42 9.62 2.76
C ILE B 53 9.91 9.23 2.87
N SER A 1 -3.95 -6.52 10.53
CA SER A 1 -2.81 -5.63 10.81
C SER A 1 -3.29 -4.17 10.99
N GLY A 2 -2.33 -3.26 11.29
CA GLY A 2 -2.60 -1.84 11.50
C GLY A 2 -1.38 -1.15 12.08
N LEU A 3 -1.34 -1.02 13.42
CA LEU A 3 -0.19 -0.45 14.14
C LEU A 3 0.81 -1.59 14.44
N VAL A 4 1.76 -1.82 13.51
CA VAL A 4 2.77 -2.89 13.63
C VAL A 4 3.91 -2.49 14.60
N PRO A 5 4.37 -3.42 15.50
CA PRO A 5 5.49 -3.15 16.44
C PRO A 5 6.84 -3.10 15.69
N ARG A 6 7.49 -1.92 15.73
CA ARG A 6 8.77 -1.68 15.01
C ARG A 6 9.56 -0.55 15.70
N GLY A 7 10.90 -0.58 15.54
CA GLY A 7 11.80 0.40 16.18
C GLY A 7 11.75 1.76 15.51
N SER A 8 12.02 1.78 14.20
CA SER A 8 11.90 2.98 13.37
C SER A 8 10.42 3.31 13.17
N HIS A 9 10.07 4.63 13.16
CA HIS A 9 8.67 5.08 13.00
C HIS A 9 8.08 4.55 11.68
N MET A 10 8.94 4.52 10.66
CA MET A 10 8.71 3.90 9.36
C MET A 10 9.92 4.21 8.48
N ASP A 11 10.46 3.19 7.82
CA ASP A 11 11.64 3.34 6.93
C ASP A 11 11.39 2.62 5.60
N LEU A 12 11.98 3.18 4.55
CA LEU A 12 11.86 2.69 3.16
C LEU A 12 12.72 1.43 2.97
N GLU A 13 13.76 1.29 3.81
CA GLU A 13 14.68 0.14 3.79
C GLU A 13 13.91 -1.17 4.02
N GLU A 14 12.97 -1.14 4.99
CA GLU A 14 12.08 -2.25 5.33
C GLU A 14 11.24 -2.65 4.11
N LEU A 15 10.58 -1.63 3.53
CA LEU A 15 9.68 -1.78 2.39
C LEU A 15 10.42 -2.34 1.18
N GLU A 16 11.61 -1.79 0.91
CA GLU A 16 12.38 -2.08 -0.31
C GLU A 16 12.92 -3.50 -0.30
N GLU A 17 13.62 -3.88 0.79
CA GLU A 17 14.25 -5.21 0.91
C GLU A 17 13.18 -6.31 0.91
N ASP A 18 11.98 -5.96 1.42
CA ASP A 18 10.83 -6.87 1.45
C ASP A 18 10.21 -7.07 0.06
N LEU A 19 9.99 -5.96 -0.70
CA LEU A 19 9.34 -6.04 -2.02
C LEU A 19 10.27 -6.72 -3.04
N LYS A 20 11.59 -6.50 -2.90
CA LYS A 20 12.62 -7.15 -3.72
C LYS A 20 12.69 -8.65 -3.40
N GLN A 21 12.54 -8.97 -2.10
CA GLN A 21 12.49 -10.34 -1.58
C GLN A 21 11.31 -11.12 -2.22
N ALA A 22 10.15 -10.44 -2.29
CA ALA A 22 8.92 -10.98 -2.89
C ALA A 22 9.15 -11.37 -4.35
N LEU A 23 9.76 -10.46 -5.12
CA LEU A 23 10.03 -10.65 -6.57
C LEU A 23 10.90 -11.89 -6.85
N ARG A 24 11.99 -12.03 -6.07
CA ARG A 24 13.01 -13.08 -6.29
C ARG A 24 12.56 -14.45 -5.76
N GLU A 25 11.48 -14.49 -4.94
CA GLU A 25 10.88 -15.78 -4.49
C GLU A 25 9.56 -16.07 -5.25
N GLY A 26 9.01 -15.06 -5.96
CA GLY A 26 7.81 -15.24 -6.81
C GLY A 26 6.54 -14.58 -6.28
N ARG A 27 6.59 -14.01 -5.06
CA ARG A 27 5.46 -13.27 -4.46
C ARG A 27 5.33 -11.85 -5.09
N LYS A 28 4.23 -11.16 -4.74
CA LYS A 28 3.91 -9.81 -5.23
C LYS A 28 3.72 -8.85 -4.04
N VAL A 29 3.54 -7.55 -4.36
CA VAL A 29 3.36 -6.47 -3.36
C VAL A 29 1.98 -5.84 -3.54
N ASN A 30 1.30 -5.54 -2.43
CA ASN A 30 -0.03 -4.90 -2.44
C ASN A 30 -0.01 -3.65 -1.56
N ILE A 31 0.08 -2.49 -2.22
CA ILE A 31 0.14 -1.16 -1.59
C ILE A 31 -1.06 -0.30 -2.05
N LEU A 32 -1.03 1.00 -1.66
CA LEU A 32 -2.09 2.00 -1.96
C LEU A 32 -2.52 2.01 -3.45
N GLY A 33 -3.59 1.22 -3.73
CA GLY A 33 -4.21 1.13 -5.07
C GLY A 33 -3.32 0.56 -6.17
N ILE A 34 -2.14 0.02 -5.78
CA ILE A 34 -1.08 -0.42 -6.72
C ILE A 34 -0.61 -1.84 -6.32
N GLU A 35 -0.17 -2.61 -7.34
CA GLU A 35 0.38 -3.96 -7.16
C GLU A 35 1.68 -4.08 -7.97
N VAL A 36 2.67 -4.77 -7.38
CA VAL A 36 3.98 -5.02 -7.99
C VAL A 36 4.22 -6.53 -8.11
N THR A 37 3.96 -7.07 -9.30
CA THR A 37 4.29 -8.47 -9.65
C THR A 37 5.73 -8.56 -10.21
N THR A 38 6.24 -7.46 -10.81
CA THR A 38 7.54 -7.45 -11.52
C THR A 38 8.44 -6.30 -11.03
N GLU A 39 9.77 -6.42 -11.29
CA GLU A 39 10.80 -5.52 -10.74
C GLU A 39 10.72 -4.09 -11.31
N GLU A 40 10.22 -3.94 -12.54
CA GLU A 40 10.03 -2.61 -13.16
C GLU A 40 8.99 -1.78 -12.39
N GLN A 41 7.94 -2.47 -11.92
CA GLN A 41 6.91 -1.85 -11.08
C GLN A 41 7.48 -1.51 -9.68
N ALA A 42 8.46 -2.34 -9.22
CA ALA A 42 9.10 -2.21 -7.88
C ALA A 42 9.98 -0.98 -7.78
N ARG A 43 10.85 -0.78 -8.80
CA ARG A 43 11.77 0.38 -8.85
C ARG A 43 10.93 1.67 -8.91
N ARG A 44 9.84 1.62 -9.69
CA ARG A 44 8.91 2.75 -9.83
C ARG A 44 8.10 2.97 -8.55
N LEU A 45 7.80 1.89 -7.81
CA LEU A 45 7.00 1.95 -6.58
C LEU A 45 7.78 2.66 -5.46
N ILE A 46 9.08 2.32 -5.34
CA ILE A 46 9.99 2.93 -4.35
C ILE A 46 10.15 4.44 -4.60
N GLU A 47 10.48 4.82 -5.84
CA GLU A 47 10.71 6.23 -6.18
C GLU A 47 9.40 7.05 -6.12
N PHE A 48 8.28 6.35 -6.30
CA PHE A 48 6.93 6.92 -6.19
C PHE A 48 6.61 7.28 -4.73
N LEU A 49 6.79 6.33 -3.78
CA LEU A 49 6.32 6.52 -2.38
C LEU A 49 7.23 7.50 -1.60
N ARG A 50 8.50 7.62 -2.03
CA ARG A 50 9.47 8.53 -1.39
C ARG A 50 9.34 9.96 -1.92
N ARG A 51 8.61 10.12 -3.04
CA ARG A 51 8.40 11.43 -3.68
C ARG A 51 6.94 11.92 -3.47
N PHE A 52 6.00 10.96 -3.48
CA PHE A 52 4.55 11.26 -3.42
C PHE A 52 4.02 10.90 -2.03
N ILE A 53 3.36 11.87 -1.41
CA ILE A 53 2.87 11.77 -0.03
C ILE A 53 1.62 10.86 0.08
N SER B 1 3.84 -9.50 -17.51
CA SER B 1 5.11 -8.93 -17.06
C SER B 1 5.06 -7.39 -17.09
N GLY B 2 4.33 -6.82 -18.05
CA GLY B 2 4.24 -5.37 -18.22
C GLY B 2 2.89 -4.96 -18.77
N LEU B 3 1.84 -5.29 -18.01
CA LEU B 3 0.44 -4.98 -18.38
C LEU B 3 -0.22 -4.20 -17.22
N VAL B 4 -0.16 -2.87 -17.33
CA VAL B 4 -0.72 -1.93 -16.33
C VAL B 4 -1.73 -0.96 -17.01
N PRO B 5 -2.77 -0.46 -16.27
CA PRO B 5 -3.71 0.57 -16.79
C PRO B 5 -2.99 1.88 -17.17
N ARG B 6 -3.55 2.58 -18.16
CA ARG B 6 -3.02 3.88 -18.63
C ARG B 6 -3.66 5.06 -17.84
N GLY B 7 -3.88 4.83 -16.53
CA GLY B 7 -4.43 5.85 -15.62
C GLY B 7 -3.42 6.95 -15.32
N SER B 8 -2.17 6.52 -15.00
CA SER B 8 -1.01 7.41 -14.77
C SER B 8 -1.20 8.35 -13.54
N HIS B 9 -2.24 8.07 -12.73
CA HIS B 9 -2.65 8.93 -11.60
C HIS B 9 -3.22 8.09 -10.44
N MET B 10 -2.45 8.03 -9.35
CA MET B 10 -2.91 7.55 -8.04
C MET B 10 -2.69 8.70 -7.05
N ASP B 11 -3.77 9.45 -6.75
CA ASP B 11 -3.70 10.71 -5.99
C ASP B 11 -4.19 10.52 -4.55
N LEU B 12 -3.99 11.57 -3.72
CA LEU B 12 -4.27 11.52 -2.26
C LEU B 12 -5.79 11.52 -1.98
N GLU B 13 -6.53 12.40 -2.68
CA GLU B 13 -8.00 12.48 -2.56
C GLU B 13 -8.63 11.15 -3.02
N GLU B 14 -8.04 10.57 -4.08
CA GLU B 14 -8.44 9.27 -4.64
C GLU B 14 -8.27 8.14 -3.59
N LEU B 15 -7.15 8.22 -2.86
CA LEU B 15 -6.77 7.26 -1.80
C LEU B 15 -7.77 7.36 -0.63
N GLU B 16 -8.15 8.61 -0.29
CA GLU B 16 -9.06 8.89 0.83
C GLU B 16 -10.47 8.33 0.56
N GLU B 17 -11.00 8.59 -0.65
CA GLU B 17 -12.33 8.10 -1.05
C GLU B 17 -12.34 6.56 -1.14
N ASP B 18 -11.17 5.99 -1.50
CA ASP B 18 -10.98 4.54 -1.62
C ASP B 18 -11.13 3.84 -0.26
N LEU B 19 -10.45 4.36 0.79
CA LEU B 19 -10.52 3.77 2.14
C LEU B 19 -11.89 3.99 2.78
N LYS B 20 -12.57 5.11 2.43
CA LYS B 20 -13.93 5.40 2.92
C LYS B 20 -14.91 4.31 2.46
N GLN B 21 -14.98 4.10 1.13
CA GLN B 21 -15.94 3.16 0.51
C GLN B 21 -15.65 1.71 0.93
N ALA B 22 -14.35 1.37 1.08
CA ALA B 22 -13.91 0.03 1.49
C ALA B 22 -14.41 -0.31 2.90
N LEU B 23 -14.09 0.55 3.88
CA LEU B 23 -14.38 0.30 5.30
C LEU B 23 -15.90 0.28 5.58
N ARG B 24 -16.65 1.20 4.93
CA ARG B 24 -18.10 1.35 5.18
C ARG B 24 -18.91 0.16 4.63
N GLU B 25 -18.43 -0.49 3.54
CA GLU B 25 -19.07 -1.70 2.99
C GLU B 25 -18.63 -2.96 3.77
N GLY B 26 -17.42 -2.91 4.36
CA GLY B 26 -16.89 -4.02 5.17
C GLY B 26 -15.68 -4.69 4.53
N ARG B 27 -14.72 -3.87 4.10
CA ARG B 27 -13.46 -4.30 3.46
C ARG B 27 -12.30 -3.49 4.08
N LYS B 28 -11.04 -3.97 3.91
CA LYS B 28 -9.85 -3.24 4.40
C LYS B 28 -8.95 -2.80 3.22
N VAL B 29 -8.07 -1.83 3.48
CA VAL B 29 -7.13 -1.30 2.47
C VAL B 29 -5.69 -1.61 2.90
N ASN B 30 -4.97 -2.31 2.01
CA ASN B 30 -3.53 -2.55 2.20
C ASN B 30 -2.72 -1.46 1.50
N ILE B 31 -1.82 -0.86 2.26
CA ILE B 31 -0.94 0.24 1.83
C ILE B 31 0.51 -0.09 2.25
N LEU B 32 1.44 0.84 1.99
CA LEU B 32 2.88 0.67 2.27
C LEU B 32 3.14 0.29 3.76
N GLY B 33 3.38 -1.04 3.97
CA GLY B 33 3.77 -1.60 5.28
C GLY B 33 2.68 -1.57 6.37
N ILE B 34 1.47 -1.13 6.00
CA ILE B 34 0.34 -0.94 6.95
C ILE B 34 -0.94 -1.52 6.32
N GLU B 35 -1.91 -1.91 7.16
CA GLU B 35 -3.25 -2.34 6.72
C GLU B 35 -4.33 -1.60 7.53
N VAL B 36 -5.14 -0.79 6.85
CA VAL B 36 -6.27 -0.09 7.43
C VAL B 36 -7.48 -1.03 7.52
N THR B 37 -7.75 -1.56 8.73
CA THR B 37 -8.92 -2.42 8.99
C THR B 37 -10.08 -1.58 9.59
N THR B 38 -9.76 -0.51 10.34
CA THR B 38 -10.77 0.39 10.95
C THR B 38 -10.64 1.83 10.39
N GLU B 39 -11.68 2.65 10.61
CA GLU B 39 -11.71 4.08 10.20
C GLU B 39 -10.73 4.92 11.04
N GLU B 40 -10.44 4.44 12.26
CA GLU B 40 -9.44 5.04 13.14
C GLU B 40 -8.03 4.87 12.52
N GLN B 41 -7.80 3.69 11.94
CA GLN B 41 -6.55 3.38 11.21
C GLN B 41 -6.49 4.14 9.88
N ALA B 42 -7.66 4.47 9.30
CA ALA B 42 -7.76 5.23 8.03
C ALA B 42 -7.31 6.67 8.19
N ARG B 43 -7.85 7.34 9.23
CA ARG B 43 -7.58 8.76 9.49
C ARG B 43 -6.10 8.98 9.87
N ARG B 44 -5.54 8.04 10.70
CA ARG B 44 -4.14 8.13 11.13
C ARG B 44 -3.19 7.81 9.96
N LEU B 45 -3.67 6.99 9.01
CA LEU B 45 -2.89 6.60 7.82
C LEU B 45 -2.83 7.77 6.83
N ILE B 46 -3.95 8.51 6.68
CA ILE B 46 -4.00 9.71 5.81
C ILE B 46 -3.02 10.76 6.32
N GLU B 47 -3.07 11.05 7.63
CA GLU B 47 -2.17 12.05 8.23
C GLU B 47 -0.71 11.52 8.27
N PHE B 48 -0.56 10.18 8.28
CA PHE B 48 0.75 9.52 8.25
C PHE B 48 1.48 9.78 6.93
N LEU B 49 0.86 9.35 5.80
CA LEU B 49 1.54 9.36 4.49
C LEU B 49 1.67 10.77 3.90
N ARG B 50 0.73 11.69 4.26
CA ARG B 50 0.84 13.10 3.83
C ARG B 50 2.05 13.78 4.51
N ARG B 51 2.46 13.21 5.65
CA ARG B 51 3.59 13.66 6.46
C ARG B 51 4.87 12.88 6.06
N PHE B 52 4.70 11.60 5.71
CA PHE B 52 5.79 10.63 5.49
C PHE B 52 6.16 10.51 4.01
N ILE B 53 7.47 10.62 3.72
CA ILE B 53 8.09 10.33 2.40
C ILE B 53 9.58 9.94 2.58
N SER A 1 -6.22 -13.14 10.00
CA SER A 1 -5.98 -12.53 11.32
C SER A 1 -5.80 -13.61 12.40
N GLY A 2 -5.22 -13.22 13.55
CA GLY A 2 -4.99 -14.14 14.67
C GLY A 2 -4.47 -13.41 15.89
N LEU A 3 -3.27 -12.81 15.74
CA LEU A 3 -2.62 -12.01 16.80
C LEU A 3 -1.64 -11.01 16.17
N VAL A 4 -1.61 -9.78 16.72
CA VAL A 4 -0.75 -8.68 16.22
C VAL A 4 0.65 -8.74 16.88
N PRO A 5 1.74 -8.35 16.12
CA PRO A 5 3.09 -8.26 16.70
C PRO A 5 3.22 -7.07 17.66
N ARG A 6 3.92 -7.29 18.79
CA ARG A 6 4.13 -6.27 19.82
C ARG A 6 5.24 -5.31 19.36
N GLY A 7 4.83 -4.18 18.75
CA GLY A 7 5.76 -3.19 18.21
C GLY A 7 5.56 -3.02 16.70
N SER A 8 4.87 -1.94 16.31
CA SER A 8 4.64 -1.62 14.89
C SER A 8 5.69 -0.61 14.40
N HIS A 9 6.76 -1.14 13.78
CA HIS A 9 7.82 -0.31 13.15
C HIS A 9 7.82 -0.59 11.64
N MET A 10 7.91 0.48 10.83
CA MET A 10 7.98 0.38 9.37
C MET A 10 9.00 1.41 8.86
N ASP A 11 9.78 1.03 7.84
CA ASP A 11 10.90 1.85 7.31
C ASP A 11 10.92 1.78 5.77
N LEU A 12 11.62 2.75 5.15
CA LEU A 12 11.76 2.83 3.68
C LEU A 12 12.59 1.66 3.13
N GLU A 13 13.72 1.36 3.78
CA GLU A 13 14.59 0.21 3.40
C GLU A 13 13.90 -1.12 3.73
N GLU A 14 13.04 -1.12 4.77
CA GLU A 14 12.20 -2.29 5.10
C GLU A 14 11.28 -2.63 3.93
N LEU A 15 10.62 -1.57 3.42
CA LEU A 15 9.65 -1.64 2.31
C LEU A 15 10.36 -2.07 1.03
N GLU A 16 11.57 -1.50 0.79
CA GLU A 16 12.36 -1.78 -0.42
C GLU A 16 12.82 -3.24 -0.45
N GLU A 17 13.52 -3.68 0.61
CA GLU A 17 14.01 -5.06 0.71
C GLU A 17 12.85 -6.05 0.62
N ASP A 18 11.70 -5.69 1.25
CA ASP A 18 10.48 -6.51 1.25
C ASP A 18 9.98 -6.77 -0.19
N LEU A 19 9.85 -5.70 -1.00
CA LEU A 19 9.34 -5.82 -2.38
C LEU A 19 10.32 -6.60 -3.27
N LYS A 20 11.63 -6.46 -2.99
CA LYS A 20 12.69 -7.20 -3.70
C LYS A 20 12.62 -8.71 -3.37
N GLN A 21 12.39 -9.03 -2.08
CA GLN A 21 12.28 -10.41 -1.59
C GLN A 21 11.07 -11.10 -2.22
N ALA A 22 9.93 -10.39 -2.19
CA ALA A 22 8.64 -10.89 -2.71
C ALA A 22 8.78 -11.37 -4.17
N LEU A 23 9.30 -10.48 -5.03
CA LEU A 23 9.43 -10.75 -6.47
C LEU A 23 10.40 -11.91 -6.75
N ARG A 24 11.47 -12.03 -5.93
CA ARG A 24 12.51 -13.06 -6.15
C ARG A 24 12.10 -14.45 -5.57
N GLU A 25 11.06 -14.49 -4.70
CA GLU A 25 10.58 -15.75 -4.08
C GLU A 25 9.21 -16.20 -4.62
N GLY A 26 8.71 -15.53 -5.67
CA GLY A 26 7.43 -15.90 -6.29
C GLY A 26 6.23 -15.35 -5.53
N ARG A 27 6.27 -14.04 -5.25
CA ARG A 27 5.21 -13.29 -4.55
C ARG A 27 5.06 -11.89 -5.19
N LYS A 28 3.91 -11.23 -4.95
CA LYS A 28 3.65 -9.86 -5.43
C LYS A 28 3.49 -8.90 -4.24
N VAL A 29 3.66 -7.61 -4.51
CA VAL A 29 3.70 -6.57 -3.47
C VAL A 29 2.39 -5.79 -3.51
N ASN A 30 1.55 -6.02 -2.52
CA ASN A 30 0.24 -5.37 -2.41
C ASN A 30 0.35 -4.13 -1.51
N ILE A 31 0.53 -2.97 -2.14
CA ILE A 31 0.62 -1.65 -1.47
C ILE A 31 -0.64 -0.80 -1.78
N LEU A 32 -0.65 0.44 -1.27
CA LEU A 32 -1.76 1.40 -1.42
C LEU A 32 -2.16 1.61 -2.92
N GLY A 33 -3.27 0.94 -3.32
CA GLY A 33 -3.87 1.07 -4.66
C GLY A 33 -3.05 0.46 -5.80
N ILE A 34 -1.89 -0.15 -5.48
CA ILE A 34 -0.91 -0.65 -6.49
C ILE A 34 -0.47 -2.09 -6.12
N GLU A 35 -0.15 -2.89 -7.15
CA GLU A 35 0.39 -4.27 -6.98
C GLU A 35 1.58 -4.49 -7.92
N VAL A 36 2.78 -4.57 -7.33
CA VAL A 36 4.04 -4.79 -8.03
C VAL A 36 4.26 -6.30 -8.26
N THR A 37 4.36 -6.70 -9.53
CA THR A 37 4.66 -8.07 -9.91
C THR A 37 6.03 -8.15 -10.64
N THR A 38 6.52 -7.03 -11.20
CA THR A 38 7.81 -6.98 -11.91
C THR A 38 8.80 -6.02 -11.21
N GLU A 39 10.10 -6.19 -11.50
CA GLU A 39 11.17 -5.34 -10.92
C GLU A 39 11.05 -3.88 -11.41
N GLU A 40 10.56 -3.71 -12.64
CA GLU A 40 10.32 -2.37 -13.23
C GLU A 40 9.23 -1.62 -12.45
N GLN A 41 8.19 -2.34 -12.01
CA GLN A 41 7.15 -1.78 -11.13
C GLN A 41 7.72 -1.47 -9.73
N ALA A 42 8.70 -2.31 -9.28
CA ALA A 42 9.32 -2.21 -7.93
C ALA A 42 10.14 -0.93 -7.76
N ARG A 43 11.04 -0.67 -8.72
CA ARG A 43 11.90 0.53 -8.74
C ARG A 43 11.03 1.80 -8.92
N ARG A 44 9.95 1.69 -9.73
CA ARG A 44 8.99 2.79 -9.94
C ARG A 44 8.08 2.99 -8.71
N LEU A 45 7.90 1.94 -7.91
CA LEU A 45 7.05 1.98 -6.71
C LEU A 45 7.79 2.69 -5.57
N ILE A 46 9.08 2.33 -5.42
CA ILE A 46 9.96 2.93 -4.41
C ILE A 46 10.10 4.45 -4.63
N GLU A 47 10.43 4.85 -5.86
CA GLU A 47 10.59 6.27 -6.19
C GLU A 47 9.25 7.03 -6.07
N PHE A 48 8.13 6.31 -6.35
CA PHE A 48 6.77 6.84 -6.19
C PHE A 48 6.53 7.31 -4.75
N LEU A 49 6.63 6.39 -3.78
CA LEU A 49 6.20 6.65 -2.38
C LEU A 49 7.10 7.66 -1.64
N ARG A 50 8.41 7.65 -1.97
CA ARG A 50 9.40 8.57 -1.34
C ARG A 50 9.33 9.98 -1.97
N ARG A 51 8.65 10.09 -3.12
CA ARG A 51 8.42 11.36 -3.86
C ARG A 51 6.98 11.86 -3.64
N PHE A 52 6.09 10.93 -3.29
CA PHE A 52 4.66 11.18 -3.04
C PHE A 52 4.44 11.32 -1.53
N ILE A 53 3.24 11.80 -1.13
CA ILE A 53 2.88 12.02 0.30
C ILE A 53 3.80 13.07 0.97
N SER B 1 -12.04 -10.64 -23.79
CA SER B 1 -12.40 -9.39 -24.43
C SER B 1 -13.14 -8.48 -23.44
N GLY B 2 -12.62 -7.25 -23.23
CA GLY B 2 -13.28 -6.25 -22.39
C GLY B 2 -12.37 -5.69 -21.31
N LEU B 3 -11.46 -4.79 -21.70
CA LEU B 3 -10.58 -4.05 -20.78
C LEU B 3 -10.44 -2.60 -21.26
N VAL B 4 -10.34 -1.66 -20.32
CA VAL B 4 -10.18 -0.22 -20.60
C VAL B 4 -8.86 0.31 -19.97
N PRO B 5 -8.10 1.21 -20.68
CA PRO B 5 -6.94 1.93 -20.09
C PRO B 5 -7.32 2.64 -18.77
N ARG B 6 -6.76 2.15 -17.66
CA ARG B 6 -7.05 2.66 -16.31
C ARG B 6 -6.36 4.03 -16.09
N GLY B 7 -7.05 5.09 -16.52
CA GLY B 7 -6.64 6.46 -16.27
C GLY B 7 -7.05 6.89 -14.86
N SER B 8 -6.07 6.95 -13.95
CA SER B 8 -6.31 7.26 -12.53
C SER B 8 -5.27 8.29 -12.03
N HIS B 9 -5.76 9.35 -11.37
CA HIS B 9 -4.92 10.34 -10.69
C HIS B 9 -4.77 9.89 -9.22
N MET B 10 -3.82 8.95 -8.98
CA MET B 10 -3.63 8.33 -7.64
C MET B 10 -3.37 9.40 -6.55
N ASP B 11 -4.19 9.36 -5.51
CA ASP B 11 -4.22 10.38 -4.45
C ASP B 11 -4.93 9.82 -3.21
N LEU B 12 -4.72 10.47 -2.06
CA LEU B 12 -5.30 10.08 -0.76
C LEU B 12 -6.84 10.00 -0.80
N GLU B 13 -7.47 10.84 -1.64
CA GLU B 13 -8.94 10.94 -1.71
C GLU B 13 -9.59 9.65 -2.26
N GLU B 14 -9.21 9.20 -3.48
CA GLU B 14 -9.85 8.00 -4.09
C GLU B 14 -9.34 6.72 -3.43
N LEU B 15 -8.12 6.80 -2.85
CA LEU B 15 -7.54 5.71 -2.03
C LEU B 15 -8.45 5.41 -0.83
N GLU B 16 -8.80 6.47 -0.08
CA GLU B 16 -9.67 6.35 1.10
C GLU B 16 -11.09 5.94 0.68
N GLU B 17 -11.58 6.56 -0.40
CA GLU B 17 -12.90 6.28 -1.01
C GLU B 17 -13.03 4.79 -1.38
N ASP B 18 -11.90 4.21 -1.86
CA ASP B 18 -11.86 2.82 -2.36
C ASP B 18 -11.78 1.81 -1.19
N LEU B 19 -11.00 2.14 -0.13
CA LEU B 19 -10.87 1.23 1.04
C LEU B 19 -12.14 1.22 1.88
N LYS B 20 -12.80 2.40 2.00
CA LYS B 20 -14.12 2.53 2.67
C LYS B 20 -15.18 1.73 1.92
N GLN B 21 -15.09 1.77 0.57
CA GLN B 21 -15.92 0.96 -0.35
C GLN B 21 -15.78 -0.54 -0.04
N ALA B 22 -14.53 -1.00 0.13
CA ALA B 22 -14.21 -2.40 0.44
C ALA B 22 -14.85 -2.84 1.77
N LEU B 23 -14.65 -2.01 2.79
CA LEU B 23 -15.10 -2.29 4.17
C LEU B 23 -16.63 -2.38 4.28
N ARG B 24 -17.34 -1.47 3.59
CA ARG B 24 -18.82 -1.40 3.64
C ARG B 24 -19.48 -2.59 2.91
N GLU B 25 -18.80 -3.13 1.86
CA GLU B 25 -19.29 -4.33 1.14
C GLU B 25 -18.69 -5.63 1.72
N GLY B 26 -17.78 -5.50 2.69
CA GLY B 26 -17.22 -6.66 3.41
C GLY B 26 -16.01 -7.26 2.73
N ARG B 27 -14.96 -6.44 2.55
CA ARG B 27 -13.65 -6.84 1.99
C ARG B 27 -12.52 -6.14 2.79
N LYS B 28 -11.31 -6.73 2.75
CA LYS B 28 -10.12 -6.17 3.43
C LYS B 28 -9.11 -5.68 2.38
N VAL B 29 -8.34 -4.65 2.74
CA VAL B 29 -7.40 -3.97 1.84
C VAL B 29 -5.95 -4.26 2.26
N ASN B 30 -5.13 -4.65 1.27
CA ASN B 30 -3.70 -4.88 1.46
C ASN B 30 -2.92 -3.61 1.05
N ILE B 31 -2.06 -3.16 1.94
CA ILE B 31 -1.23 -1.94 1.77
C ILE B 31 0.22 -2.21 2.25
N LEU B 32 1.06 -1.16 2.25
CA LEU B 32 2.49 -1.25 2.59
C LEU B 32 2.74 -1.90 3.98
N GLY B 33 3.15 -3.19 3.94
CA GLY B 33 3.51 -3.97 5.14
C GLY B 33 2.36 -4.25 6.12
N ILE B 34 1.14 -3.85 5.75
CA ILE B 34 -0.07 -3.87 6.62
C ILE B 34 -1.26 -4.42 5.82
N GLU B 35 -2.24 -5.01 6.53
CA GLU B 35 -3.52 -5.44 5.94
C GLU B 35 -4.66 -5.00 6.89
N VAL B 36 -5.51 -4.06 6.42
CA VAL B 36 -6.64 -3.53 7.22
C VAL B 36 -7.94 -4.28 6.89
N THR B 37 -8.65 -4.70 7.94
CA THR B 37 -9.86 -5.53 7.82
C THR B 37 -11.11 -4.74 8.27
N THR B 38 -10.93 -3.77 9.18
CA THR B 38 -12.02 -2.96 9.75
C THR B 38 -11.81 -1.45 9.47
N GLU B 39 -12.85 -0.64 9.73
CA GLU B 39 -12.86 0.83 9.50
C GLU B 39 -11.80 1.52 10.39
N GLU B 40 -11.78 1.14 11.68
CA GLU B 40 -10.85 1.71 12.68
C GLU B 40 -9.37 1.48 12.29
N GLN B 41 -9.07 0.28 11.75
CA GLN B 41 -7.72 -0.05 11.25
C GLN B 41 -7.36 0.81 10.03
N ALA B 42 -8.33 0.94 9.11
CA ALA B 42 -8.15 1.60 7.81
C ALA B 42 -7.94 3.11 7.94
N ARG B 43 -8.62 3.74 8.91
CA ARG B 43 -8.53 5.20 9.15
C ARG B 43 -7.19 5.54 9.85
N ARG B 44 -6.74 4.63 10.74
CA ARG B 44 -5.43 4.75 11.41
C ARG B 44 -4.28 4.53 10.42
N LEU B 45 -4.54 3.67 9.42
CA LEU B 45 -3.60 3.37 8.33
C LEU B 45 -3.55 4.56 7.35
N ILE B 46 -4.71 5.19 7.10
CA ILE B 46 -4.80 6.43 6.29
C ILE B 46 -3.94 7.52 6.92
N GLU B 47 -4.10 7.65 8.24
CA GLU B 47 -3.37 8.62 9.05
C GLU B 47 -1.85 8.34 9.01
N PHE B 48 -1.50 7.04 9.06
CA PHE B 48 -0.11 6.57 9.06
C PHE B 48 0.59 6.88 7.73
N LEU B 49 -0.03 6.43 6.60
CA LEU B 49 0.61 6.52 5.27
C LEU B 49 0.76 7.98 4.84
N ARG B 50 -0.18 8.85 5.25
CA ARG B 50 -0.13 10.29 4.91
C ARG B 50 0.92 11.03 5.78
N ARG B 51 1.51 10.32 6.76
CA ARG B 51 2.65 10.82 7.58
C ARG B 51 3.93 9.98 7.33
N PHE B 52 3.84 8.96 6.44
CA PHE B 52 4.98 8.04 6.13
C PHE B 52 5.31 8.04 4.62
N ILE B 53 6.59 7.74 4.28
CA ILE B 53 7.05 7.55 2.90
C ILE B 53 7.88 6.22 2.84
N SER A 1 5.28 -6.76 38.89
CA SER A 1 6.04 -6.70 37.63
C SER A 1 5.21 -7.33 36.48
N GLY A 2 4.82 -6.51 35.49
CA GLY A 2 4.05 -6.96 34.33
C GLY A 2 4.88 -6.86 33.04
N LEU A 3 4.31 -7.36 31.93
CA LEU A 3 4.96 -7.39 30.61
C LEU A 3 4.44 -6.22 29.74
N VAL A 4 5.34 -5.30 29.35
CA VAL A 4 4.98 -4.15 28.48
C VAL A 4 4.75 -4.62 27.01
N PRO A 5 3.71 -4.08 26.29
CA PRO A 5 3.47 -4.38 24.85
C PRO A 5 4.56 -3.78 23.92
N ARG A 6 4.70 -4.37 22.72
CA ARG A 6 5.70 -3.97 21.71
C ARG A 6 5.11 -2.95 20.72
N GLY A 7 6.01 -2.24 20.03
CA GLY A 7 5.65 -1.27 18.99
C GLY A 7 5.85 -1.83 17.57
N SER A 8 5.52 -1.02 16.57
CA SER A 8 5.60 -1.40 15.15
C SER A 8 5.87 -0.16 14.28
N HIS A 9 7.06 -0.09 13.67
CA HIS A 9 7.49 1.01 12.80
C HIS A 9 7.58 0.57 11.34
N MET A 10 6.99 1.38 10.44
CA MET A 10 7.08 1.20 8.99
C MET A 10 8.26 2.03 8.47
N ASP A 11 9.14 1.41 7.67
CA ASP A 11 10.40 2.02 7.20
C ASP A 11 10.56 1.80 5.69
N LEU A 12 11.10 2.83 4.99
CA LEU A 12 11.27 2.84 3.52
C LEU A 12 12.32 1.79 3.06
N GLU A 13 13.50 1.79 3.72
CA GLU A 13 14.61 0.86 3.38
C GLU A 13 14.19 -0.60 3.66
N GLU A 14 13.45 -0.78 4.77
CA GLU A 14 12.91 -2.09 5.19
C GLU A 14 11.94 -2.61 4.12
N LEU A 15 11.04 -1.72 3.67
CA LEU A 15 10.04 -2.00 2.65
C LEU A 15 10.69 -2.32 1.30
N GLU A 16 11.81 -1.63 0.97
CA GLU A 16 12.47 -1.75 -0.35
C GLU A 16 12.93 -3.20 -0.61
N GLU A 17 13.74 -3.75 0.31
CA GLU A 17 14.17 -5.15 0.22
C GLU A 17 12.97 -6.10 0.38
N ASP A 18 12.00 -5.74 1.25
CA ASP A 18 10.81 -6.58 1.51
C ASP A 18 10.01 -6.85 0.22
N LEU A 19 9.82 -5.80 -0.60
CA LEU A 19 9.01 -5.89 -1.84
C LEU A 19 9.81 -6.51 -2.99
N LYS A 20 11.12 -6.22 -3.08
CA LYS A 20 12.01 -6.78 -4.11
C LYS A 20 12.18 -8.28 -3.89
N GLN A 21 12.58 -8.65 -2.66
CA GLN A 21 12.73 -10.05 -2.21
C GLN A 21 11.44 -10.85 -2.41
N ALA A 22 10.27 -10.19 -2.18
CA ALA A 22 8.94 -10.79 -2.44
C ALA A 22 8.82 -11.24 -3.91
N LEU A 23 9.21 -10.36 -4.82
CA LEU A 23 9.16 -10.64 -6.27
C LEU A 23 10.20 -11.69 -6.69
N ARG A 24 11.33 -11.71 -5.96
CA ARG A 24 12.44 -12.65 -6.19
C ARG A 24 12.06 -14.08 -5.74
N GLU A 25 11.13 -14.20 -4.76
CA GLU A 25 10.61 -15.50 -4.29
C GLU A 25 9.23 -15.81 -4.93
N GLY A 26 8.90 -15.09 -6.01
CA GLY A 26 7.74 -15.41 -6.87
C GLY A 26 6.40 -14.92 -6.33
N ARG A 27 6.45 -14.01 -5.35
CA ARG A 27 5.25 -13.35 -4.78
C ARG A 27 5.00 -12.02 -5.51
N LYS A 28 4.02 -11.22 -5.03
CA LYS A 28 3.75 -9.87 -5.55
C LYS A 28 3.42 -8.92 -4.38
N VAL A 29 3.66 -7.63 -4.62
CA VAL A 29 3.54 -6.57 -3.61
C VAL A 29 2.12 -6.00 -3.64
N ASN A 30 1.47 -5.94 -2.47
CA ASN A 30 0.17 -5.26 -2.31
C ASN A 30 0.38 -3.99 -1.51
N ILE A 31 0.28 -2.84 -2.20
CA ILE A 31 0.45 -1.49 -1.62
C ILE A 31 -0.81 -0.65 -1.88
N LEU A 32 -0.77 0.62 -1.45
CA LEU A 32 -1.88 1.59 -1.58
C LEU A 32 -2.37 1.71 -3.05
N GLY A 33 -3.52 1.01 -3.32
CA GLY A 33 -4.23 1.06 -4.61
C GLY A 33 -3.46 0.51 -5.81
N ILE A 34 -2.33 -0.18 -5.53
CA ILE A 34 -1.40 -0.68 -6.57
C ILE A 34 -0.95 -2.11 -6.19
N GLU A 35 -0.67 -2.93 -7.21
CA GLU A 35 0.01 -4.23 -7.06
C GLU A 35 1.19 -4.28 -8.04
N VAL A 36 2.37 -4.66 -7.52
CA VAL A 36 3.61 -4.78 -8.29
C VAL A 36 3.97 -6.26 -8.42
N THR A 37 4.08 -6.74 -9.67
CA THR A 37 4.37 -8.15 -9.98
C THR A 37 5.86 -8.33 -10.41
N THR A 38 6.42 -7.31 -11.09
CA THR A 38 7.82 -7.34 -11.57
C THR A 38 8.65 -6.20 -10.95
N GLU A 39 9.97 -6.43 -10.82
CA GLU A 39 10.90 -5.51 -10.15
C GLU A 39 11.11 -4.17 -10.91
N GLU A 40 10.71 -4.12 -12.18
CA GLU A 40 10.67 -2.86 -12.96
C GLU A 40 9.66 -1.88 -12.31
N GLN A 41 8.51 -2.45 -11.91
CA GLN A 41 7.44 -1.73 -11.23
C GLN A 41 7.81 -1.45 -9.76
N ALA A 42 8.73 -2.28 -9.20
CA ALA A 42 9.16 -2.22 -7.77
C ALA A 42 10.14 -1.07 -7.52
N ARG A 43 11.11 -0.91 -8.44
CA ARG A 43 12.05 0.22 -8.40
C ARG A 43 11.28 1.53 -8.64
N ARG A 44 10.29 1.47 -9.56
CA ARG A 44 9.38 2.59 -9.81
C ARG A 44 8.45 2.85 -8.62
N LEU A 45 8.09 1.77 -7.90
CA LEU A 45 7.20 1.84 -6.72
C LEU A 45 7.85 2.62 -5.59
N ILE A 46 9.11 2.26 -5.30
CA ILE A 46 9.93 2.89 -4.25
C ILE A 46 10.09 4.38 -4.51
N GLU A 47 10.56 4.72 -5.72
CA GLU A 47 10.86 6.11 -6.08
C GLU A 47 9.58 6.96 -6.17
N PHE A 48 8.43 6.28 -6.37
CA PHE A 48 7.09 6.90 -6.32
C PHE A 48 6.69 7.23 -4.88
N LEU A 49 6.76 6.23 -3.98
CA LEU A 49 6.16 6.34 -2.62
C LEU A 49 7.04 7.19 -1.68
N ARG A 50 8.34 7.32 -2.02
CA ARG A 50 9.27 8.22 -1.30
C ARG A 50 9.16 9.66 -1.84
N ARG A 51 8.77 9.76 -3.14
CA ARG A 51 8.49 11.04 -3.81
C ARG A 51 7.10 11.57 -3.38
N PHE A 52 6.27 10.65 -2.86
CA PHE A 52 4.87 10.91 -2.53
C PHE A 52 4.76 11.89 -1.35
N ILE A 53 4.18 13.08 -1.63
CA ILE A 53 3.98 14.18 -0.65
C ILE A 53 5.33 14.73 -0.17
N SER B 1 -20.29 -1.02 -26.10
CA SER B 1 -20.21 0.32 -26.69
C SER B 1 -20.39 1.39 -25.59
N GLY B 2 -19.26 1.94 -25.13
CA GLY B 2 -19.25 2.96 -24.07
C GLY B 2 -18.34 2.57 -22.91
N LEU B 3 -18.17 1.25 -22.70
CA LEU B 3 -17.29 0.71 -21.63
C LEU B 3 -15.83 1.14 -21.86
N VAL B 4 -15.14 1.49 -20.77
CA VAL B 4 -13.75 2.00 -20.82
C VAL B 4 -13.03 1.67 -19.50
N PRO B 5 -11.80 1.04 -19.55
CA PRO B 5 -10.98 0.81 -18.34
C PRO B 5 -10.60 2.14 -17.65
N ARG B 6 -11.32 2.45 -16.55
CA ARG B 6 -11.05 3.64 -15.72
C ARG B 6 -9.88 3.36 -14.75
N GLY B 7 -9.68 4.23 -13.77
CA GLY B 7 -8.42 4.30 -13.03
C GLY B 7 -7.45 5.23 -13.74
N SER B 8 -8.02 6.35 -14.25
CA SER B 8 -7.37 7.26 -15.21
C SER B 8 -6.15 7.96 -14.61
N HIS B 9 -6.17 8.14 -13.29
CA HIS B 9 -5.09 8.79 -12.54
C HIS B 9 -5.17 8.34 -11.09
N MET B 10 -4.27 7.42 -10.70
CA MET B 10 -4.21 6.89 -9.33
C MET B 10 -3.77 8.03 -8.39
N ASP B 11 -4.75 8.54 -7.64
CA ASP B 11 -4.59 9.73 -6.79
C ASP B 11 -5.34 9.51 -5.47
N LEU B 12 -5.15 10.40 -4.48
CA LEU B 12 -5.85 10.33 -3.19
C LEU B 12 -7.38 10.42 -3.34
N GLU B 13 -7.85 11.15 -4.36
CA GLU B 13 -9.29 11.24 -4.67
C GLU B 13 -9.85 9.86 -5.02
N GLU B 14 -9.18 9.20 -5.96
CA GLU B 14 -9.62 7.92 -6.55
C GLU B 14 -9.43 6.76 -5.55
N LEU B 15 -8.29 6.77 -4.87
CA LEU B 15 -7.91 5.74 -3.87
C LEU B 15 -8.88 5.75 -2.69
N GLU B 16 -9.13 6.96 -2.14
CA GLU B 16 -9.90 7.13 -0.91
C GLU B 16 -11.34 6.64 -1.09
N GLU B 17 -11.99 7.07 -2.17
CA GLU B 17 -13.38 6.66 -2.49
C GLU B 17 -13.46 5.14 -2.75
N ASP B 18 -12.38 4.58 -3.34
CA ASP B 18 -12.31 3.16 -3.73
C ASP B 18 -12.13 2.24 -2.50
N LEU B 19 -11.34 2.68 -1.49
CA LEU B 19 -11.13 1.89 -0.26
C LEU B 19 -12.37 1.96 0.63
N LYS B 20 -13.02 3.14 0.70
CA LYS B 20 -14.31 3.32 1.40
C LYS B 20 -15.39 2.40 0.79
N GLN B 21 -15.36 2.31 -0.56
CA GLN B 21 -16.28 1.49 -1.37
C GLN B 21 -16.18 0.00 -0.97
N ALA B 22 -14.94 -0.50 -0.87
CA ALA B 22 -14.66 -1.91 -0.49
C ALA B 22 -15.13 -2.20 0.95
N LEU B 23 -14.90 -1.25 1.86
CA LEU B 23 -15.16 -1.44 3.30
C LEU B 23 -16.65 -1.30 3.66
N ARG B 24 -17.44 -0.55 2.85
CA ARG B 24 -18.90 -0.42 3.07
C ARG B 24 -19.65 -1.66 2.54
N GLU B 25 -19.08 -2.34 1.52
CA GLU B 25 -19.57 -3.68 1.09
C GLU B 25 -18.90 -4.81 1.91
N GLY B 26 -18.20 -4.42 2.99
CA GLY B 26 -17.75 -5.34 4.03
C GLY B 26 -16.53 -6.17 3.65
N ARG B 27 -15.56 -5.54 2.98
CA ARG B 27 -14.29 -6.18 2.59
C ARG B 27 -13.14 -5.62 3.48
N LYS B 28 -11.90 -5.94 3.11
CA LYS B 28 -10.67 -5.37 3.70
C LYS B 28 -9.71 -4.98 2.58
N VAL B 29 -9.02 -3.86 2.76
CA VAL B 29 -8.05 -3.32 1.78
C VAL B 29 -6.62 -3.61 2.25
N ASN B 30 -5.86 -4.36 1.43
CA ASN B 30 -4.45 -4.70 1.70
C ASN B 30 -3.55 -3.68 1.01
N ILE B 31 -2.79 -2.94 1.83
CA ILE B 31 -1.94 -1.82 1.38
C ILE B 31 -0.49 -2.01 1.91
N LEU B 32 0.35 -0.94 1.73
CA LEU B 32 1.81 -0.93 2.05
C LEU B 32 2.11 -1.40 3.50
N GLY B 33 2.38 -2.72 3.63
CA GLY B 33 2.74 -3.36 4.92
C GLY B 33 1.62 -3.37 5.97
N ILE B 34 0.43 -2.90 5.58
CA ILE B 34 -0.73 -2.70 6.49
C ILE B 34 -1.98 -3.34 5.87
N GLU B 35 -2.98 -3.67 6.70
CA GLU B 35 -4.28 -4.21 6.26
C GLU B 35 -5.40 -3.54 7.06
N VAL B 36 -6.33 -2.85 6.37
CA VAL B 36 -7.44 -2.12 7.00
C VAL B 36 -8.77 -2.86 6.74
N THR B 37 -9.34 -3.43 7.81
CA THR B 37 -10.64 -4.12 7.78
C THR B 37 -11.81 -3.12 7.87
N THR B 38 -11.58 -1.96 8.51
CA THR B 38 -12.62 -0.93 8.74
C THR B 38 -12.21 0.43 8.13
N GLU B 39 -13.21 1.30 7.87
CA GLU B 39 -13.00 2.65 7.30
C GLU B 39 -12.24 3.57 8.28
N GLU B 40 -12.44 3.31 9.59
CA GLU B 40 -11.75 4.06 10.67
C GLU B 40 -10.23 3.88 10.55
N GLN B 41 -9.79 2.63 10.38
CA GLN B 41 -8.37 2.29 10.17
C GLN B 41 -7.88 2.82 8.81
N ALA B 42 -8.79 2.81 7.81
CA ALA B 42 -8.50 3.18 6.41
C ALA B 42 -8.28 4.68 6.22
N ARG B 43 -8.96 5.51 7.03
CA ARG B 43 -8.79 6.98 6.99
C ARG B 43 -7.52 7.38 7.75
N ARG B 44 -7.20 6.61 8.82
CA ARG B 44 -5.91 6.72 9.54
C ARG B 44 -4.74 6.29 8.62
N LEU B 45 -5.03 5.33 7.73
CA LEU B 45 -4.08 4.82 6.74
C LEU B 45 -3.94 5.80 5.58
N ILE B 46 -5.07 6.42 5.17
CA ILE B 46 -5.09 7.45 4.12
C ILE B 46 -4.23 8.64 4.58
N GLU B 47 -4.35 8.96 5.88
CA GLU B 47 -3.52 9.93 6.56
C GLU B 47 -2.06 9.46 6.58
N PHE B 48 -1.83 8.17 6.92
CA PHE B 48 -0.48 7.61 7.07
C PHE B 48 0.34 7.71 5.77
N LEU B 49 -0.25 7.27 4.64
CA LEU B 49 0.45 7.22 3.35
C LEU B 49 0.75 8.64 2.82
N ARG B 50 -0.14 9.61 3.12
CA ARG B 50 0.10 11.04 2.75
C ARG B 50 0.98 11.75 3.80
N ARG B 51 1.26 11.07 4.93
CA ARG B 51 2.12 11.60 6.01
C ARG B 51 3.53 10.95 5.91
N PHE B 52 3.62 9.81 5.18
CA PHE B 52 4.85 8.98 5.07
C PHE B 52 5.62 9.32 3.78
N ILE B 53 6.96 9.22 3.87
CA ILE B 53 7.90 9.33 2.72
C ILE B 53 9.06 8.32 2.93
N SER A 1 4.02 -16.17 4.61
CA SER A 1 2.55 -16.08 4.82
C SER A 1 2.20 -16.66 6.20
N GLY A 2 1.06 -16.19 6.76
CA GLY A 2 0.63 -16.57 8.10
C GLY A 2 1.48 -15.92 9.19
N LEU A 3 1.96 -14.70 8.92
CA LEU A 3 2.83 -13.91 9.83
C LEU A 3 2.25 -12.51 10.05
N VAL A 4 2.49 -11.96 11.25
CA VAL A 4 2.07 -10.59 11.63
C VAL A 4 3.28 -9.63 11.55
N PRO A 5 3.06 -8.27 11.38
CA PRO A 5 4.18 -7.28 11.41
C PRO A 5 4.69 -7.04 12.85
N ARG A 6 5.43 -8.05 13.37
CA ARG A 6 5.97 -8.02 14.73
C ARG A 6 7.25 -7.16 14.77
N GLY A 7 7.12 -5.95 15.30
CA GLY A 7 8.20 -4.96 15.33
C GLY A 7 7.69 -3.58 15.01
N SER A 8 6.65 -3.54 14.13
CA SER A 8 5.89 -2.32 13.77
C SER A 8 6.77 -1.22 13.11
N HIS A 9 7.94 -1.60 12.58
CA HIS A 9 8.86 -0.68 11.91
C HIS A 9 8.42 -0.48 10.46
N MET A 10 8.16 0.78 10.09
CA MET A 10 7.67 1.13 8.75
C MET A 10 8.58 2.20 8.14
N ASP A 11 9.75 1.74 7.65
CA ASP A 11 10.73 2.59 6.97
C ASP A 11 10.95 2.06 5.54
N LEU A 12 11.29 2.96 4.62
CA LEU A 12 11.34 2.69 3.18
C LEU A 12 12.47 1.71 2.81
N GLU A 13 13.54 1.71 3.63
CA GLU A 13 14.70 0.82 3.44
C GLU A 13 14.30 -0.65 3.59
N GLU A 14 13.48 -0.91 4.64
CA GLU A 14 12.95 -2.26 4.92
C GLU A 14 11.86 -2.65 3.89
N LEU A 15 11.09 -1.64 3.43
CA LEU A 15 10.08 -1.81 2.37
C LEU A 15 10.72 -2.22 1.04
N GLU A 16 11.94 -1.71 0.78
CA GLU A 16 12.69 -2.06 -0.43
C GLU A 16 13.10 -3.55 -0.38
N GLU A 17 13.58 -3.99 0.80
CA GLU A 17 14.00 -5.39 1.01
C GLU A 17 12.80 -6.34 0.85
N ASP A 18 11.63 -5.86 1.32
CA ASP A 18 10.35 -6.58 1.25
C ASP A 18 9.94 -6.84 -0.22
N LEU A 19 9.94 -5.77 -1.05
CA LEU A 19 9.47 -5.86 -2.45
C LEU A 19 10.44 -6.66 -3.34
N LYS A 20 11.76 -6.54 -3.06
CA LYS A 20 12.79 -7.29 -3.79
C LYS A 20 12.69 -8.80 -3.49
N GLN A 21 12.66 -9.16 -2.18
CA GLN A 21 12.64 -10.58 -1.73
C GLN A 21 11.32 -11.26 -2.18
N ALA A 22 10.23 -10.46 -2.22
CA ALA A 22 8.90 -10.90 -2.67
C ALA A 22 8.96 -11.45 -4.09
N LEU A 23 9.48 -10.62 -5.01
CA LEU A 23 9.57 -10.95 -6.45
C LEU A 23 10.48 -12.17 -6.70
N ARG A 24 11.57 -12.29 -5.90
CA ARG A 24 12.55 -13.40 -6.01
C ARG A 24 11.89 -14.76 -5.71
N GLU A 25 11.05 -14.81 -4.67
CA GLU A 25 10.36 -16.05 -4.23
C GLU A 25 9.03 -16.26 -4.99
N GLY A 26 8.58 -15.25 -5.76
CA GLY A 26 7.39 -15.36 -6.62
C GLY A 26 6.17 -14.60 -6.09
N ARG A 27 6.30 -14.01 -4.89
CA ARG A 27 5.23 -13.18 -4.27
C ARG A 27 5.11 -11.81 -4.98
N LYS A 28 4.08 -11.05 -4.63
CA LYS A 28 3.84 -9.70 -5.18
C LYS A 28 3.50 -8.74 -4.03
N VAL A 29 3.68 -7.45 -4.30
CA VAL A 29 3.62 -6.40 -3.27
C VAL A 29 2.29 -5.67 -3.37
N ASN A 30 1.50 -5.74 -2.29
CA ASN A 30 0.20 -5.05 -2.22
C ASN A 30 0.38 -3.73 -1.46
N ILE A 31 0.44 -2.64 -2.24
CA ILE A 31 0.56 -1.27 -1.73
C ILE A 31 -0.70 -0.46 -2.14
N LEU A 32 -0.75 0.82 -1.71
CA LEU A 32 -1.91 1.71 -1.95
C LEU A 32 -2.31 1.79 -3.45
N GLY A 33 -3.39 1.05 -3.81
CA GLY A 33 -3.97 1.06 -5.15
C GLY A 33 -3.14 0.37 -6.24
N ILE A 34 -1.97 -0.18 -5.86
CA ILE A 34 -0.97 -0.74 -6.80
C ILE A 34 -0.56 -2.16 -6.34
N GLU A 35 -0.18 -3.03 -7.30
CA GLU A 35 0.34 -4.36 -7.03
C GLU A 35 1.58 -4.61 -7.92
N VAL A 36 2.76 -4.56 -7.28
CA VAL A 36 4.05 -4.81 -7.94
C VAL A 36 4.22 -6.31 -8.22
N THR A 37 4.16 -6.68 -9.50
CA THR A 37 4.40 -8.05 -9.98
C THR A 37 5.71 -8.13 -10.80
N THR A 38 6.32 -6.97 -11.11
CA THR A 38 7.58 -6.87 -11.91
C THR A 38 8.61 -5.97 -11.20
N GLU A 39 9.91 -6.15 -11.54
CA GLU A 39 11.00 -5.29 -11.02
C GLU A 39 10.85 -3.85 -11.49
N GLU A 40 10.29 -3.68 -12.71
CA GLU A 40 9.99 -2.35 -13.27
C GLU A 40 9.04 -1.57 -12.34
N GLN A 41 7.97 -2.24 -11.89
CA GLN A 41 7.01 -1.66 -10.92
C GLN A 41 7.68 -1.46 -9.53
N ALA A 42 8.62 -2.35 -9.15
CA ALA A 42 9.29 -2.36 -7.83
C ALA A 42 10.18 -1.12 -7.61
N ARG A 43 11.01 -0.82 -8.61
CA ARG A 43 11.93 0.32 -8.59
C ARG A 43 11.12 1.63 -8.65
N ARG A 44 10.13 1.64 -9.57
CA ARG A 44 9.18 2.74 -9.72
C ARG A 44 8.35 2.96 -8.45
N LEU A 45 8.14 1.89 -7.65
CA LEU A 45 7.31 1.96 -6.43
C LEU A 45 8.05 2.68 -5.30
N ILE A 46 9.35 2.37 -5.13
CA ILE A 46 10.19 3.00 -4.09
C ILE A 46 10.30 4.52 -4.34
N GLU A 47 10.62 4.89 -5.59
CA GLU A 47 10.76 6.29 -5.99
C GLU A 47 9.39 7.00 -5.97
N PHE A 48 8.30 6.20 -6.12
CA PHE A 48 6.91 6.67 -6.05
C PHE A 48 6.52 7.08 -4.64
N LEU A 49 6.69 6.16 -3.66
CA LEU A 49 6.13 6.34 -2.29
C LEU A 49 6.83 7.48 -1.53
N ARG A 50 8.12 7.72 -1.83
CA ARG A 50 8.89 8.82 -1.20
C ARG A 50 8.69 10.17 -1.92
N ARG A 51 7.97 10.12 -3.04
CA ARG A 51 7.71 11.29 -3.92
C ARG A 51 6.19 11.63 -3.93
N PHE A 52 5.35 10.66 -3.54
CA PHE A 52 3.88 10.80 -3.58
C PHE A 52 3.30 10.79 -2.16
N ILE A 53 2.27 11.61 -1.94
CA ILE A 53 1.60 11.74 -0.63
C ILE A 53 0.76 10.48 -0.31
N SER B 1 -4.63 -2.25 -26.97
CA SER B 1 -4.25 -2.16 -25.57
C SER B 1 -5.28 -1.31 -24.79
N GLY B 2 -5.90 -1.94 -23.76
CA GLY B 2 -6.83 -1.26 -22.85
C GLY B 2 -6.33 -1.28 -21.41
N LEU B 3 -7.03 -0.53 -20.52
CA LEU B 3 -6.64 -0.35 -19.10
C LEU B 3 -5.20 0.26 -19.01
N VAL B 4 -4.93 1.21 -19.92
CA VAL B 4 -3.62 1.86 -20.06
C VAL B 4 -3.38 2.81 -18.88
N PRO B 5 -2.20 2.71 -18.15
CA PRO B 5 -1.86 3.61 -17.02
C PRO B 5 -1.31 4.98 -17.49
N ARG B 6 -2.01 5.59 -18.47
CA ARG B 6 -1.65 6.89 -19.03
C ARG B 6 -2.00 8.02 -18.04
N GLY B 7 -1.09 8.98 -17.92
CA GLY B 7 -1.25 10.12 -17.01
C GLY B 7 -1.12 9.70 -15.54
N SER B 8 -2.10 10.10 -14.72
CA SER B 8 -2.14 9.79 -13.28
C SER B 8 -3.59 9.51 -12.86
N HIS B 9 -3.92 8.24 -12.62
CA HIS B 9 -5.21 7.84 -12.02
C HIS B 9 -5.06 7.60 -10.51
N MET B 10 -3.80 7.50 -10.02
CA MET B 10 -3.49 7.24 -8.61
C MET B 10 -3.90 8.43 -7.73
N ASP B 11 -5.00 8.29 -6.97
CA ASP B 11 -5.52 9.33 -6.06
C ASP B 11 -5.79 8.75 -4.68
N LEU B 12 -5.95 9.64 -3.71
CA LEU B 12 -6.29 9.31 -2.32
C LEU B 12 -7.79 9.01 -2.16
N GLU B 13 -8.62 9.59 -3.07
CA GLU B 13 -10.10 9.47 -3.03
C GLU B 13 -10.57 8.01 -3.20
N GLU B 14 -9.92 7.27 -4.11
CA GLU B 14 -10.22 5.85 -4.37
C GLU B 14 -9.87 4.99 -3.15
N LEU B 15 -8.80 5.40 -2.43
CA LEU B 15 -8.32 4.71 -1.23
C LEU B 15 -9.29 4.97 -0.07
N GLU B 16 -9.75 6.24 0.02
CA GLU B 16 -10.67 6.73 1.06
C GLU B 16 -11.98 5.95 1.04
N GLU B 17 -12.60 5.91 -0.16
CA GLU B 17 -13.88 5.25 -0.36
C GLU B 17 -13.75 3.73 -0.23
N ASP B 18 -12.56 3.18 -0.60
CA ASP B 18 -12.30 1.73 -0.55
C ASP B 18 -12.31 1.22 0.90
N LEU B 19 -11.47 1.83 1.78
CA LEU B 19 -11.34 1.38 3.18
C LEU B 19 -12.63 1.59 3.97
N LYS B 20 -13.33 2.71 3.72
CA LYS B 20 -14.64 2.97 4.34
C LYS B 20 -15.66 1.91 3.90
N GLN B 21 -15.69 1.63 2.58
CA GLN B 21 -16.60 0.62 1.99
C GLN B 21 -16.32 -0.79 2.55
N ALA B 22 -15.02 -1.09 2.72
CA ALA B 22 -14.53 -2.41 3.14
C ALA B 22 -15.07 -2.78 4.52
N LEU B 23 -14.85 -1.89 5.50
CA LEU B 23 -15.31 -2.11 6.89
C LEU B 23 -16.84 -2.04 7.01
N ARG B 24 -17.51 -1.34 6.06
CA ARG B 24 -18.99 -1.31 5.99
C ARG B 24 -19.56 -2.65 5.47
N GLU B 25 -18.84 -3.34 4.56
CA GLU B 25 -19.25 -4.68 4.03
C GLU B 25 -18.50 -5.83 4.75
N GLY B 26 -17.66 -5.48 5.76
CA GLY B 26 -16.98 -6.46 6.61
C GLY B 26 -15.79 -7.16 5.92
N ARG B 27 -14.80 -6.36 5.49
CA ARG B 27 -13.58 -6.86 4.79
C ARG B 27 -12.32 -6.32 5.49
N LYS B 28 -11.14 -6.60 4.90
CA LYS B 28 -9.85 -5.96 5.28
C LYS B 28 -9.22 -5.30 4.04
N VAL B 29 -8.42 -4.26 4.28
CA VAL B 29 -7.81 -3.43 3.22
C VAL B 29 -6.32 -3.72 3.14
N ASN B 30 -5.83 -4.06 1.95
CA ASN B 30 -4.43 -4.47 1.73
C ASN B 30 -3.68 -3.36 0.97
N ILE B 31 -2.93 -2.54 1.73
CA ILE B 31 -2.18 -1.38 1.22
C ILE B 31 -0.73 -1.41 1.72
N LEU B 32 0.02 -0.30 1.47
CA LEU B 32 1.46 -0.17 1.77
C LEU B 32 1.83 -0.58 3.22
N GLY B 33 2.34 -1.83 3.35
CA GLY B 33 2.88 -2.38 4.61
C GLY B 33 1.84 -2.59 5.73
N ILE B 34 0.57 -2.28 5.44
CA ILE B 34 -0.52 -2.24 6.44
C ILE B 34 -1.74 -3.03 5.92
N GLU B 35 -2.39 -3.78 6.83
CA GLU B 35 -3.67 -4.45 6.54
C GLU B 35 -4.73 -3.95 7.54
N VAL B 36 -5.62 -3.09 7.04
CA VAL B 36 -6.72 -2.50 7.80
C VAL B 36 -7.84 -3.53 8.02
N THR B 37 -7.78 -4.24 9.16
CA THR B 37 -8.82 -5.22 9.57
C THR B 37 -9.93 -4.53 10.39
N THR B 38 -9.63 -3.33 10.96
CA THR B 38 -10.57 -2.55 11.78
C THR B 38 -10.61 -1.08 11.29
N GLU B 39 -11.74 -0.41 11.53
CA GLU B 39 -12.03 0.95 11.00
C GLU B 39 -11.11 2.02 11.63
N GLU B 40 -10.59 1.74 12.83
CA GLU B 40 -9.60 2.59 13.51
C GLU B 40 -8.33 2.70 12.63
N GLN B 41 -7.93 1.56 12.01
CA GLN B 41 -6.78 1.50 11.11
C GLN B 41 -7.09 2.21 9.77
N ALA B 42 -8.39 2.24 9.38
CA ALA B 42 -8.85 2.84 8.11
C ALA B 42 -8.58 4.35 8.07
N ARG B 43 -9.08 5.06 9.09
CA ARG B 43 -8.87 6.51 9.24
C ARG B 43 -7.39 6.84 9.49
N ARG B 44 -6.72 5.97 10.29
CA ARG B 44 -5.28 6.12 10.61
C ARG B 44 -4.41 5.97 9.38
N LEU B 45 -4.83 5.09 8.45
CA LEU B 45 -4.09 4.80 7.21
C LEU B 45 -4.19 6.00 6.25
N ILE B 46 -5.40 6.56 6.12
CA ILE B 46 -5.66 7.73 5.27
C ILE B 46 -4.80 8.93 5.72
N GLU B 47 -4.89 9.26 7.03
CA GLU B 47 -4.17 10.41 7.59
C GLU B 47 -2.65 10.14 7.64
N PHE B 48 -2.26 8.85 7.66
CA PHE B 48 -0.86 8.44 7.61
C PHE B 48 -0.27 8.82 6.23
N LEU B 49 -0.82 8.22 5.14
CA LEU B 49 -0.20 8.31 3.80
C LEU B 49 -0.26 9.73 3.24
N ARG B 50 -1.37 10.47 3.49
CA ARG B 50 -1.57 11.83 2.93
C ARG B 50 -0.61 12.86 3.57
N ARG B 51 0.04 12.45 4.68
CA ARG B 51 1.07 13.26 5.36
C ARG B 51 2.49 12.63 5.14
N PHE B 52 2.52 11.32 4.88
CA PHE B 52 3.76 10.51 4.85
C PHE B 52 4.42 10.54 3.46
N ILE B 53 5.76 10.52 3.50
CA ILE B 53 6.65 10.34 2.35
C ILE B 53 7.94 9.64 2.84
#